data_8EVJ
#
_entry.id   8EVJ
#
_cell.length_a   1.00
_cell.length_b   1.00
_cell.length_c   1.00
_cell.angle_alpha   90.00
_cell.angle_beta   90.00
_cell.angle_gamma   90.00
#
_symmetry.space_group_name_H-M   'P 1'
#
loop_
_entity.id
_entity.type
_entity.pdbx_description
1 polymer 'DNA (167-MER)'
2 polymer 'DNA (167-MER)'
3 polymer 'Histone H3.1'
4 polymer 'Histone H4'
5 polymer 'Histone H2A type 2-C'
6 polymer 'Histone H2B type 2-E'
7 polymer ScFv
8 polymer 'Transcription factor PU.1'
#
loop_
_entity_poly.entity_id
_entity_poly.type
_entity_poly.pdbx_seq_one_letter_code
_entity_poly.pdbx_strand_id
1 'polydeoxyribonucleotide'
;(DT)(DA)(DG)(DA)(DA)(DA)(DA)(DA)(DT)(DA)(DG)(DG)(DA)(DA)(DC)(DC)(DC)(DC)(DA)(DC)
(DA)(DT)(DG)(DC)(DC)(DC)(DT)(DG)(DT)(DG)(DT)(DC)(DT)(DG)(DC)(DA)(DA)(DG)(DT)(DA)
(DC)(DA)(DG)(DA)(DA)(DC)(DT)(DA)(DG)(DC)(DC)(DA)(DG)(DA)(DC)(DA)(DG)(DA)(DC)(DT)
(DG)(DA)(DC)(DC)(DT)(DA)(DT)(DT)(DT)(DT)(DT)(DG)(DT)(DG)(DA)(DG)(DG)(DG)(DG)(DA)
(DA)(DT)(DC)(DG)(DG)(DG)(DA)(DA)(DG)(DT)(DA)(DT)(DC)(DC)(DA)(DT)(DT)(DG)(DC)(DT)
(DA)(DA)(DG)(DA)(DC)(DT)(DC)(DA)(DG)(DC)(DA)(DA)(DT)(DG)(DC)(DT)(DG)(DC)(DA)(DA)
(DC)(DT)(DC)(DT)(DC)(DA)(DG)(DC)(DA)(DA)(DC)(DC)(DA)(DG)(DC)(DT)(DG)(DA)(DA)(DG)
(DA)(DT)(DC)(DA)(DG)(DC)(DA)(DG)(DC)(DC)(DG)(DA)(DG)(DA)(DG)(DG)(DC)(DC)(DC)(DT)
(DG)(DC)(DA)(DC)(DC)(DT)(DA)
;
J
2 'polydeoxyribonucleotide'
;(DT)(DA)(DG)(DG)(DT)(DG)(DC)(DA)(DG)(DG)(DG)(DC)(DC)(DT)(DC)(DT)(DC)(DG)(DG)(DC)
(DT)(DG)(DC)(DT)(DG)(DA)(DT)(DC)(DT)(DT)(DC)(DA)(DG)(DC)(DT)(DG)(DG)(DT)(DT)(DG)
(DC)(DT)(DG)(DA)(DG)(DA)(DG)(DT)(DT)(DG)(DC)(DA)(DG)(DC)(DA)(DT)(DT)(DG)(DC)(DT)
(DG)(DA)(DG)(DT)(DC)(DT)(DT)(DA)(DG)(DC)(DA)(DA)(DT)(DG)(DG)(DA)(DT)(DA)(DC)(DT)
(DT)(DC)(DC)(DC)(DG)(DA)(DT)(DT)(DC)(DC)(DC)(DC)(DT)(DC)(DA)(DC)(DA)(DA)(DA)(DA)
(DA)(DT)(DA)(DG)(DG)(DT)(DC)(DA)(DG)(DT)(DC)(DT)(DG)(DT)(DC)(DT)(DG)(DG)(DC)(DT)
(DA)(DG)(DT)(DT)(DC)(DT)(DG)(DT)(DA)(DC)(DT)(DT)(DG)(DC)(DA)(DG)(DA)(DC)(DA)(DC)
(DA)(DG)(DG)(DG)(DC)(DA)(DT)(DG)(DT)(DG)(DG)(DG)(DG)(DT)(DT)(DC)(DC)(DT)(DA)(DT)
(DT)(DT)(DT)(DT)(DC)(DT)(DA)
;
I
3 'polypeptide(L)'
;MARTKQTARKSTGGKAPRKQLATKAARKSAPATGGVKKPHRYRPGTVALREIRRYQKSTELLIRKLPFQRLVREIAQDFK
TDLRFQSSAVMALQEACEAYLVGLFEDTNLCAIHAKRVTIMPKDIQLARRIRGERA
;
A,E
4 'polypeptide(L)'
;MSGRGKGGKGLGKGGAKRHRKVLRDNIQGITKPAIRRLARRGGVKRISGLIYEETRGVLKVFLENVIRDAVTYTEHAKRK
TVTAMDVVYALKRQGRTLYGFGG
;
B,F
5 'polypeptide(L)'
;MSGRGKQGGKARAKAKSRSSRAGLQFPVGRVHRLLRKGNYAERVGAGAPVYMAAVLEYLTAEILELAGNAARDNKKCRII
PRHLQLAIRNDEELNKLLGKVTIAQGGVLPNIQAVLLPKKTESHKAKSK
;
C,G
6 'polypeptide(L)'
;MPEPAKSAPAPKKGSKKAVTKAQKKDGKKRKRSRKESYSIYVYKVLKQVHPDTGISSKAMGIMNSFVNDIFERIAGEASR
LAHYNKRSTITSREIQTAVRLLLPGELAKHAVSEGTKAVTKYTSSK
;
D,H
7 'polypeptide(L)'
;MKSSHHHHHHENLYFQSNAMEVQLQQSGPELVEPGTSVKMPCKASGYTFTSYTIQWVKQTPRQGLEWIGYIYPYNAGTKY
NEKFKGKATLTSDKSSSTVYMELSSLTSEDSAVYYCARKSSRLRSTLDYWGQGTSVTVSSGGGGSGGGGSGGGGSMDIKM
TQSPSSMHASLGERVTITCKASQDIRSYLSWYQQKPWKSPKTLIYYATSLADGVPSRFSGSGSGQDFSLTINNLESDDTA
TYYCLQHGESPYTFGSGTKLEIKRA
;
M,N
8 'polypeptide(L)'
;MGSSHHHHHHSSGMLQACKMEGFSLTAPPSDDLVTYDSELYQRPMHDYYSFVGSDGESHSDHYWDFSAHHVHNNEFENFP
ENHFTELQSVQPPQLQQLYRHMELEQMHVLDTPMVPPHTGLSHQVSYMPRMCFPYQTLSPAHQQSSDEEEGERQSPPLEV
SDGEADGLEPGPGLLHGETGSKKKIRLYQFLLDLLRSGDMKDSIWWVDKDKGTFQFSSKHKEALAHRWGIQKCNRKKMTY
QKMARALRNYGKTGEVKKVKKKLTYQFSGEVLGRGGLAERRLPPH
;
O
#
loop_
_chem_comp.id
_chem_comp.type
_chem_comp.name
_chem_comp.formula
DA DNA linking 2'-DEOXYADENOSINE-5'-MONOPHOSPHATE 'C10 H14 N5 O6 P'
DC DNA linking 2'-DEOXYCYTIDINE-5'-MONOPHOSPHATE 'C9 H14 N3 O7 P'
DG DNA linking 2'-DEOXYGUANOSINE-5'-MONOPHOSPHATE 'C10 H14 N5 O7 P'
DT DNA linking THYMIDINE-5'-MONOPHOSPHATE 'C10 H15 N2 O8 P'
#
# COMPACT_ATOMS: atom_id res chain seq x y z
N LYS C 38 0.09 -2.28 -58.89
CA LYS C 38 0.35 -2.26 -57.46
C LYS C 38 -0.84 -1.76 -56.67
N PRO C 39 -1.41 -2.62 -55.83
CA PRO C 39 -2.50 -2.17 -54.95
C PRO C 39 -2.00 -1.17 -53.92
N HIS C 40 -2.88 -0.28 -53.50
CA HIS C 40 -2.52 0.73 -52.52
C HIS C 40 -2.43 0.13 -51.13
N ARG C 41 -1.21 0.11 -50.58
CA ARG C 41 -0.98 -0.39 -49.24
C ARG C 41 -0.54 0.75 -48.34
N TYR C 42 -1.02 0.76 -47.12
CA TYR C 42 -0.70 1.80 -46.15
C TYR C 42 0.66 1.51 -45.54
N ARG C 43 1.43 2.58 -45.29
CA ARG C 43 2.66 2.44 -44.55
C ARG C 43 2.33 2.12 -43.09
N PRO C 44 3.18 1.33 -42.41
CA PRO C 44 2.90 0.97 -41.02
C PRO C 44 2.92 2.17 -40.09
N GLY C 45 1.98 2.18 -39.15
CA GLY C 45 1.90 3.26 -38.18
C GLY C 45 0.62 4.08 -38.29
N THR C 46 0.22 4.42 -39.51
CA THR C 46 -0.98 5.25 -39.68
C THR C 46 -2.26 4.44 -39.45
N VAL C 47 -2.23 3.14 -39.77
CA VAL C 47 -3.32 2.26 -39.37
C VAL C 47 -3.31 2.09 -37.86
N ALA C 48 -2.11 1.98 -37.29
CA ALA C 48 -1.97 1.89 -35.84
C ALA C 48 -2.46 3.16 -35.15
N LEU C 49 -2.09 4.33 -35.66
CA LEU C 49 -2.57 5.57 -35.07
C LEU C 49 -4.07 5.75 -35.27
N ARG C 50 -4.59 5.26 -36.41
CA ARG C 50 -6.03 5.32 -36.65
C ARG C 50 -6.81 4.45 -35.66
N GLU C 51 -6.29 3.26 -35.34
CA GLU C 51 -7.00 2.43 -34.38
C GLU C 51 -6.76 2.89 -32.95
N ILE C 52 -5.65 3.60 -32.70
CA ILE C 52 -5.50 4.34 -31.44
C ILE C 52 -6.61 5.37 -31.30
N ARG C 53 -6.86 6.12 -32.38
CA ARG C 53 -7.88 7.16 -32.34
C ARG C 53 -9.29 6.58 -32.21
N ARG C 54 -9.56 5.46 -32.89
CA ARG C 54 -10.91 4.92 -32.84
C ARG C 54 -11.17 4.15 -31.54
N TYR C 55 -10.12 3.59 -30.92
CA TYR C 55 -10.34 2.84 -29.69
C TYR C 55 -10.16 3.66 -28.43
N GLN C 56 -9.73 4.92 -28.55
CA GLN C 56 -9.71 5.80 -27.40
C GLN C 56 -11.02 6.55 -27.19
N LYS C 57 -11.90 6.57 -28.20
CA LYS C 57 -13.22 7.16 -28.05
C LYS C 57 -14.35 6.13 -28.06
N SER C 58 -14.06 4.89 -28.42
CA SER C 58 -15.07 3.83 -28.33
C SER C 58 -15.04 3.22 -26.94
N THR C 59 -16.22 3.01 -26.36
CA THR C 59 -16.34 2.53 -25.00
C THR C 59 -16.82 1.09 -24.88
N GLU C 60 -17.17 0.43 -25.98
CA GLU C 60 -17.72 -0.92 -25.90
C GLU C 60 -16.62 -1.93 -25.55
N LEU C 61 -17.05 -3.11 -25.16
CA LEU C 61 -16.14 -4.09 -24.58
C LEU C 61 -15.32 -4.78 -25.67
N LEU C 62 -14.00 -4.83 -25.47
CA LEU C 62 -13.09 -5.35 -26.46
C LEU C 62 -12.89 -6.87 -26.40
N ILE C 63 -13.45 -7.52 -25.38
CA ILE C 63 -13.34 -8.97 -25.22
C ILE C 63 -14.71 -9.58 -25.44
N ARG C 64 -14.77 -10.62 -26.26
CA ARG C 64 -16.03 -11.31 -26.53
C ARG C 64 -16.53 -11.99 -25.26
N LYS C 65 -17.86 -11.95 -25.07
CA LYS C 65 -18.44 -12.31 -23.78
C LYS C 65 -18.40 -13.81 -23.53
N LEU C 66 -18.66 -14.61 -24.58
CA LEU C 66 -18.67 -16.06 -24.44
C LEU C 66 -17.31 -16.66 -24.03
N PRO C 67 -16.17 -16.33 -24.66
CA PRO C 67 -14.90 -16.88 -24.15
C PRO C 67 -14.53 -16.37 -22.78
N PHE C 68 -14.90 -15.13 -22.44
CA PHE C 68 -14.58 -14.62 -21.12
C PHE C 68 -15.40 -15.31 -20.04
N GLN C 69 -16.68 -15.61 -20.31
CA GLN C 69 -17.45 -16.29 -19.28
C GLN C 69 -17.05 -17.75 -19.19
N ARG C 70 -16.63 -18.35 -20.30
CA ARG C 70 -16.04 -19.69 -20.23
C ARG C 70 -14.75 -19.68 -19.42
N LEU C 71 -13.95 -18.63 -19.56
CA LEU C 71 -12.70 -18.52 -18.81
C LEU C 71 -12.94 -18.34 -17.32
N VAL C 72 -13.94 -17.53 -16.95
CA VAL C 72 -14.19 -17.36 -15.52
C VAL C 72 -14.84 -18.61 -14.95
N ARG C 73 -15.52 -19.40 -15.79
CA ARG C 73 -15.95 -20.72 -15.32
C ARG C 73 -14.77 -21.67 -15.14
N GLU C 74 -13.76 -21.57 -16.03
CA GLU C 74 -12.51 -22.34 -15.89
C GLU C 74 -11.86 -22.04 -14.56
N ILE C 75 -11.81 -20.76 -14.20
CA ILE C 75 -11.36 -20.35 -12.87
C ILE C 75 -12.28 -20.92 -11.81
N ALA C 76 -13.57 -21.01 -12.12
CA ALA C 76 -14.56 -21.28 -11.09
C ALA C 76 -14.59 -22.73 -10.62
N GLN C 77 -14.18 -23.71 -11.47
CA GLN C 77 -14.27 -25.09 -11.00
C GLN C 77 -13.32 -25.38 -9.84
N ASP C 78 -12.10 -24.83 -9.88
CA ASP C 78 -11.04 -25.29 -8.98
C ASP C 78 -11.26 -24.87 -7.53
N PHE C 79 -12.04 -23.82 -7.29
CA PHE C 79 -12.38 -23.43 -5.92
C PHE C 79 -13.54 -24.25 -5.38
N LYS C 80 -14.66 -24.28 -6.10
CA LYS C 80 -15.80 -25.12 -5.75
C LYS C 80 -16.51 -25.57 -7.02
N THR C 81 -17.38 -26.56 -6.88
CA THR C 81 -18.07 -27.08 -8.05
C THR C 81 -19.40 -26.37 -8.28
N ASP C 82 -19.89 -26.50 -9.51
CA ASP C 82 -21.16 -25.98 -10.07
C ASP C 82 -21.57 -24.59 -9.57
N LEU C 83 -20.73 -23.59 -9.79
CA LEU C 83 -21.07 -22.24 -9.40
C LEU C 83 -22.06 -21.63 -10.39
N ARG C 84 -22.72 -20.56 -9.94
CA ARG C 84 -23.68 -19.83 -10.75
C ARG C 84 -23.34 -18.34 -10.69
N PHE C 85 -23.48 -17.66 -11.82
CA PHE C 85 -23.03 -16.28 -11.96
C PHE C 85 -24.11 -15.42 -12.59
N GLN C 86 -24.23 -14.20 -12.11
CA GLN C 86 -25.07 -13.21 -12.80
C GLN C 86 -24.33 -12.64 -14.01
N SER C 87 -25.13 -12.22 -15.00
CA SER C 87 -24.56 -11.57 -16.18
C SER C 87 -23.94 -10.22 -15.80
N SER C 88 -24.57 -9.49 -14.88
CA SER C 88 -24.00 -8.23 -14.40
C SER C 88 -22.68 -8.48 -13.66
N ALA C 89 -22.59 -9.61 -12.97
CA ALA C 89 -21.35 -9.97 -12.26
C ALA C 89 -20.20 -10.21 -13.24
N VAL C 90 -20.45 -10.96 -14.31
CA VAL C 90 -19.36 -11.26 -15.23
C VAL C 90 -19.03 -10.05 -16.10
N MET C 91 -19.99 -9.17 -16.38
CA MET C 91 -19.66 -7.88 -16.98
C MET C 91 -18.85 -7.01 -16.03
N ALA C 92 -19.10 -7.12 -14.72
CA ALA C 92 -18.33 -6.36 -13.75
C ALA C 92 -16.88 -6.81 -13.70
N LEU C 93 -16.65 -8.13 -13.60
CA LEU C 93 -15.28 -8.65 -13.69
C LEU C 93 -14.64 -8.33 -15.02
N GLN C 94 -15.44 -8.37 -16.10
CA GLN C 94 -14.97 -8.00 -17.42
C GLN C 94 -14.39 -6.60 -17.42
N GLU C 95 -15.22 -5.58 -17.17
CA GLU C 95 -14.77 -4.20 -17.33
C GLU C 95 -13.68 -3.86 -16.29
N ALA C 96 -13.72 -4.51 -15.13
CA ALA C 96 -12.61 -4.41 -14.18
C ALA C 96 -11.30 -4.92 -14.77
N CYS C 97 -11.33 -6.07 -15.46
CA CYS C 97 -10.07 -6.61 -15.93
C CYS C 97 -9.58 -5.87 -17.18
N GLU C 98 -10.48 -5.35 -18.03
CA GLU C 98 -9.96 -4.51 -19.12
C GLU C 98 -9.41 -3.19 -18.59
N ALA C 99 -9.99 -2.65 -17.50
CA ALA C 99 -9.41 -1.45 -16.90
C ALA C 99 -8.01 -1.74 -16.35
N TYR C 100 -7.85 -2.90 -15.71
CA TYR C 100 -6.54 -3.29 -15.19
C TYR C 100 -5.52 -3.49 -16.32
N LEU C 101 -5.94 -4.12 -17.42
CA LEU C 101 -5.01 -4.33 -18.53
C LEU C 101 -4.69 -3.03 -19.25
N VAL C 102 -5.64 -2.10 -19.38
CA VAL C 102 -5.32 -0.82 -20.01
C VAL C 102 -4.37 -0.01 -19.14
N GLY C 103 -4.55 -0.06 -17.81
CA GLY C 103 -3.58 0.58 -16.92
C GLY C 103 -2.19 -0.03 -17.05
N LEU C 104 -2.12 -1.36 -17.09
CA LEU C 104 -0.84 -2.05 -17.26
C LEU C 104 -0.21 -1.76 -18.62
N PHE C 105 -1.03 -1.64 -19.66
CA PHE C 105 -0.49 -1.41 -21.00
C PHE C 105 0.01 0.03 -21.16
N GLU C 106 -0.65 1.01 -20.54
CA GLU C 106 -0.09 2.37 -20.63
C GLU C 106 1.14 2.52 -19.75
N ASP C 107 1.22 1.76 -18.64
CA ASP C 107 2.46 1.72 -17.88
C ASP C 107 3.58 1.08 -18.70
N THR C 108 3.24 0.02 -19.45
CA THR C 108 4.20 -0.61 -20.36
C THR C 108 4.62 0.35 -21.46
N ASN C 109 3.69 1.18 -21.94
CA ASN C 109 4.02 2.20 -22.93
C ASN C 109 5.03 3.20 -22.39
N LEU C 110 4.80 3.70 -21.17
CA LEU C 110 5.73 4.65 -20.56
C LEU C 110 7.10 4.02 -20.33
N CYS C 111 7.11 2.75 -19.92
CA CYS C 111 8.35 2.02 -19.74
C CYS C 111 9.11 1.84 -21.06
N ALA C 112 8.38 1.59 -22.15
CA ALA C 112 9.02 1.39 -23.44
C ALA C 112 9.55 2.70 -24.01
N ILE C 113 8.81 3.80 -23.83
CA ILE C 113 9.28 5.11 -24.28
C ILE C 113 10.51 5.53 -23.48
N HIS C 114 10.55 5.16 -22.19
CA HIS C 114 11.73 5.44 -21.38
C HIS C 114 12.99 4.73 -21.89
N ALA C 115 12.82 3.55 -22.50
CA ALA C 115 13.95 2.77 -22.98
C ALA C 115 14.36 3.14 -24.40
N LYS C 116 14.00 4.34 -24.87
CA LYS C 116 14.29 4.84 -26.22
C LYS C 116 13.75 3.89 -27.29
N ARG C 117 12.55 3.38 -27.07
CA ARG C 117 11.99 2.34 -27.91
C ARG C 117 10.52 2.61 -28.16
N VAL C 118 9.99 2.00 -29.22
CA VAL C 118 8.56 1.96 -29.47
C VAL C 118 8.00 0.55 -29.45
N THR C 119 8.85 -0.46 -29.33
CA THR C 119 8.43 -1.85 -29.23
C THR C 119 8.36 -2.24 -27.76
N ILE C 120 7.31 -2.96 -27.39
CA ILE C 120 7.21 -3.49 -26.05
C ILE C 120 7.68 -4.95 -26.05
N MET C 121 8.41 -5.32 -25.01
CA MET C 121 8.84 -6.68 -24.74
C MET C 121 8.36 -7.06 -23.34
N PRO C 122 8.31 -8.37 -23.02
CA PRO C 122 7.82 -8.79 -21.69
C PRO C 122 8.53 -8.20 -20.49
N LYS C 123 9.81 -7.82 -20.62
CA LYS C 123 10.52 -7.21 -19.50
C LYS C 123 9.92 -5.86 -19.11
N ASP C 124 9.27 -5.17 -20.05
CA ASP C 124 8.54 -3.95 -19.71
C ASP C 124 7.35 -4.25 -18.81
N ILE C 125 6.61 -5.33 -19.12
CA ILE C 125 5.47 -5.72 -18.30
C ILE C 125 5.94 -6.18 -16.92
N GLN C 126 7.04 -6.92 -16.85
CA GLN C 126 7.58 -7.34 -15.54
C GLN C 126 8.06 -6.14 -14.73
N LEU C 127 8.67 -5.14 -15.38
CA LEU C 127 9.08 -3.95 -14.66
C LEU C 127 7.89 -3.16 -14.14
N ALA C 128 6.82 -3.05 -14.95
CA ALA C 128 5.62 -2.35 -14.50
C ALA C 128 4.96 -3.08 -13.35
N ARG C 129 4.89 -4.41 -13.42
CA ARG C 129 4.33 -5.21 -12.34
C ARG C 129 5.17 -5.11 -11.07
N ARG C 130 6.48 -4.95 -11.24
CA ARG C 130 7.37 -4.82 -10.08
C ARG C 130 7.22 -3.46 -9.40
N ILE C 131 7.19 -2.39 -10.19
CA ILE C 131 7.10 -1.05 -9.62
C ILE C 131 5.73 -0.82 -9.00
N ARG C 132 4.68 -1.42 -9.58
CA ARG C 132 3.36 -1.29 -8.99
C ARG C 132 3.20 -2.04 -7.67
N GLY C 133 4.14 -2.94 -7.32
CA GLY C 133 4.31 -3.42 -5.97
C GLY C 133 3.85 -4.84 -5.70
N GLU C 134 3.09 -5.46 -6.60
CA GLU C 134 2.57 -6.81 -6.36
C GLU C 134 3.48 -7.92 -6.86
N ARG C 135 4.75 -7.63 -7.13
CA ARG C 135 5.75 -8.68 -7.29
C ARG C 135 6.88 -8.50 -6.29
N LYS D 21 -20.86 -30.89 -15.81
CA LYS D 21 -19.86 -31.06 -16.86
C LYS D 21 -18.53 -30.46 -16.45
N VAL D 22 -17.50 -30.64 -17.28
CA VAL D 22 -16.17 -30.12 -17.03
C VAL D 22 -15.78 -29.26 -18.23
N LEU D 23 -14.97 -28.23 -17.97
CA LEU D 23 -14.53 -27.29 -18.98
C LEU D 23 -13.01 -27.26 -19.03
N ARG D 24 -12.46 -26.99 -20.22
CA ARG D 24 -11.02 -27.12 -20.42
C ARG D 24 -10.59 -26.21 -21.57
N ASP D 25 -9.41 -25.58 -21.39
CA ASP D 25 -8.68 -24.85 -22.43
C ASP D 25 -9.52 -23.67 -22.93
N ASN D 26 -9.61 -22.66 -22.06
CA ASN D 26 -10.17 -21.38 -22.46
C ASN D 26 -9.29 -20.18 -22.12
N ILE D 27 -8.12 -20.40 -21.50
CA ILE D 27 -7.19 -19.29 -21.28
C ILE D 27 -6.60 -18.81 -22.60
N GLN D 28 -6.54 -19.70 -23.60
CA GLN D 28 -6.21 -19.28 -24.96
C GLN D 28 -7.44 -18.86 -25.74
N GLY D 29 -8.61 -18.82 -25.10
CA GLY D 29 -9.82 -18.39 -25.77
C GLY D 29 -9.78 -16.94 -26.20
N ILE D 30 -9.10 -16.08 -25.44
CA ILE D 30 -8.91 -14.71 -25.86
C ILE D 30 -7.94 -14.69 -27.04
N THR D 31 -8.30 -13.96 -28.09
CA THR D 31 -7.48 -13.95 -29.29
C THR D 31 -6.42 -12.85 -29.22
N LYS D 32 -5.32 -13.06 -29.94
CA LYS D 32 -4.30 -12.03 -30.03
C LYS D 32 -4.72 -10.75 -30.77
N PRO D 33 -5.67 -10.74 -31.71
CA PRO D 33 -6.23 -9.44 -32.11
C PRO D 33 -7.02 -8.76 -31.01
N ALA D 34 -7.65 -9.52 -30.10
CA ALA D 34 -8.34 -8.88 -28.97
C ALA D 34 -7.34 -8.26 -28.01
N ILE D 35 -6.21 -8.93 -27.78
CA ILE D 35 -5.14 -8.35 -26.97
C ILE D 35 -4.54 -7.14 -27.67
N ARG D 36 -4.47 -7.18 -29.01
CA ARG D 36 -4.06 -6.02 -29.79
C ARG D 36 -5.03 -4.85 -29.60
N ARG D 37 -6.33 -5.14 -29.58
CA ARG D 37 -7.33 -4.11 -29.33
C ARG D 37 -7.19 -3.51 -27.94
N LEU D 38 -6.91 -4.36 -26.94
CA LEU D 38 -6.67 -3.88 -25.58
C LEU D 38 -5.43 -3.00 -25.52
N ALA D 39 -4.38 -3.38 -26.27
CA ALA D 39 -3.17 -2.57 -26.33
C ALA D 39 -3.44 -1.23 -26.99
N ARG D 40 -4.26 -1.21 -28.05
CA ARG D 40 -4.54 0.04 -28.73
C ARG D 40 -5.48 0.92 -27.91
N ARG D 41 -6.25 0.30 -27.01
CA ARG D 41 -6.95 1.10 -26.00
C ARG D 41 -5.97 1.70 -25.00
N GLY D 42 -4.88 0.99 -24.73
CA GLY D 42 -3.85 1.50 -23.83
C GLY D 42 -2.92 2.52 -24.44
N GLY D 43 -3.07 2.82 -25.72
CA GLY D 43 -2.32 3.91 -26.33
C GLY D 43 -0.93 3.56 -26.79
N VAL D 44 -0.63 2.30 -27.05
CA VAL D 44 0.69 1.87 -27.52
C VAL D 44 0.62 1.63 -29.03
N LYS D 45 1.66 2.05 -29.74
CA LYS D 45 1.68 1.92 -31.20
C LYS D 45 2.08 0.52 -31.63
N ARG D 46 3.26 0.06 -31.21
CA ARG D 46 3.83 -1.18 -31.70
C ARG D 46 3.98 -2.18 -30.57
N ILE D 47 3.44 -3.38 -30.78
CA ILE D 47 3.51 -4.47 -29.81
C ILE D 47 4.34 -5.59 -30.42
N SER D 48 4.76 -6.52 -29.57
CA SER D 48 5.48 -7.70 -30.03
C SER D 48 4.54 -8.91 -30.08
N GLY D 49 5.03 -9.97 -30.71
CA GLY D 49 4.31 -11.22 -30.72
C GLY D 49 4.47 -12.05 -29.47
N LEU D 50 5.34 -11.62 -28.55
CA LEU D 50 5.61 -12.35 -27.32
C LEU D 50 4.83 -11.83 -26.13
N ILE D 51 3.94 -10.84 -26.32
CA ILE D 51 3.30 -10.17 -25.18
C ILE D 51 2.09 -10.96 -24.69
N TYR D 52 1.54 -11.84 -25.53
CA TYR D 52 0.27 -12.48 -25.21
C TYR D 52 0.41 -13.51 -24.10
N GLU D 53 1.59 -14.11 -23.97
CA GLU D 53 1.77 -15.17 -22.97
C GLU D 53 1.77 -14.63 -21.55
N GLU D 54 2.59 -13.62 -21.26
CA GLU D 54 2.51 -13.04 -19.92
C GLU D 54 1.30 -12.16 -19.76
N THR D 55 0.69 -11.69 -20.86
CA THR D 55 -0.62 -11.04 -20.76
C THR D 55 -1.65 -12.01 -20.21
N ARG D 56 -1.67 -13.24 -20.74
CA ARG D 56 -2.56 -14.27 -20.24
C ARG D 56 -2.19 -14.67 -18.81
N GLY D 57 -0.90 -14.69 -18.48
CA GLY D 57 -0.50 -15.01 -17.12
C GLY D 57 -0.92 -13.97 -16.09
N VAL D 58 -0.75 -12.68 -16.42
CA VAL D 58 -1.17 -11.60 -15.54
C VAL D 58 -2.69 -11.58 -15.40
N LEU D 59 -3.39 -11.78 -16.51
CA LEU D 59 -4.85 -11.84 -16.47
C LEU D 59 -5.32 -13.05 -15.65
N LYS D 60 -4.62 -14.18 -15.81
CA LYS D 60 -4.86 -15.40 -15.04
C LYS D 60 -4.75 -15.17 -13.54
N VAL D 61 -3.65 -14.56 -13.11
CA VAL D 61 -3.47 -14.38 -11.67
C VAL D 61 -4.46 -13.33 -11.14
N PHE D 62 -4.81 -12.33 -11.96
CA PHE D 62 -5.78 -11.32 -11.54
C PHE D 62 -7.16 -11.93 -11.31
N LEU D 63 -7.66 -12.72 -12.29
CA LEU D 63 -8.97 -13.32 -12.00
C LEU D 63 -8.93 -14.46 -10.98
N GLU D 64 -7.83 -15.22 -10.82
CA GLU D 64 -7.89 -16.23 -9.76
C GLU D 64 -7.89 -15.58 -8.39
N ASN D 65 -7.21 -14.43 -8.25
CA ASN D 65 -7.28 -13.66 -7.01
C ASN D 65 -8.71 -13.16 -6.76
N VAL D 66 -9.34 -12.56 -7.79
CA VAL D 66 -10.63 -11.93 -7.53
C VAL D 66 -11.73 -12.98 -7.35
N ILE D 67 -11.64 -14.12 -8.05
CA ILE D 67 -12.58 -15.22 -7.82
C ILE D 67 -12.35 -15.88 -6.46
N ARG D 68 -11.11 -15.98 -6.00
CA ARG D 68 -10.88 -16.51 -4.65
C ARG D 68 -11.55 -15.64 -3.59
N ASP D 69 -11.38 -14.32 -3.70
CA ASP D 69 -12.03 -13.39 -2.77
C ASP D 69 -13.56 -13.44 -2.91
N ALA D 70 -14.05 -13.50 -4.15
CA ALA D 70 -15.49 -13.45 -4.39
C ALA D 70 -16.18 -14.73 -3.93
N VAL D 71 -15.55 -15.89 -4.13
CA VAL D 71 -16.19 -17.13 -3.71
C VAL D 71 -16.06 -17.28 -2.20
N THR D 72 -15.05 -16.65 -1.58
CA THR D 72 -15.02 -16.60 -0.13
C THR D 72 -16.15 -15.75 0.41
N TYR D 73 -16.42 -14.60 -0.23
CA TYR D 73 -17.55 -13.74 0.15
C TYR D 73 -18.88 -14.47 -0.02
N THR D 74 -19.03 -15.19 -1.13
CA THR D 74 -20.25 -15.95 -1.39
C THR D 74 -20.40 -17.10 -0.39
N GLU D 75 -19.29 -17.76 -0.06
CA GLU D 75 -19.35 -18.92 0.82
C GLU D 75 -19.65 -18.54 2.25
N HIS D 76 -19.31 -17.31 2.65
CA HIS D 76 -19.84 -16.85 3.93
C HIS D 76 -21.34 -16.60 3.85
N ALA D 77 -21.84 -16.15 2.71
CA ALA D 77 -23.26 -15.81 2.58
C ALA D 77 -24.16 -17.04 2.48
N LYS D 78 -23.58 -18.25 2.43
CA LYS D 78 -24.31 -19.52 2.30
C LYS D 78 -25.16 -19.54 1.05
N ARG D 79 -24.67 -18.90 0.00
CA ARG D 79 -25.34 -18.81 -1.28
C ARG D 79 -24.56 -19.65 -2.29
N LYS D 80 -25.24 -20.06 -3.35
CA LYS D 80 -24.60 -20.86 -4.39
C LYS D 80 -24.42 -20.05 -5.67
N THR D 81 -25.13 -18.93 -5.81
CA THR D 81 -25.04 -18.07 -6.97
C THR D 81 -24.33 -16.78 -6.57
N VAL D 82 -23.26 -16.45 -7.31
CA VAL D 82 -22.48 -15.26 -7.01
C VAL D 82 -23.16 -14.05 -7.65
N THR D 83 -23.48 -13.06 -6.82
CA THR D 83 -24.13 -11.84 -7.27
C THR D 83 -23.11 -10.86 -7.83
N ALA D 84 -23.54 -9.60 -7.99
CA ALA D 84 -22.63 -8.57 -8.44
C ALA D 84 -22.10 -7.72 -7.28
N MET D 85 -22.84 -7.68 -6.17
CA MET D 85 -22.43 -6.84 -5.05
C MET D 85 -21.17 -7.37 -4.38
N ASP D 86 -21.05 -8.68 -4.25
CA ASP D 86 -19.82 -9.27 -3.71
C ASP D 86 -18.66 -9.11 -4.69
N VAL D 87 -18.97 -9.01 -6.00
CA VAL D 87 -17.95 -8.66 -6.98
C VAL D 87 -17.43 -7.25 -6.73
N VAL D 88 -18.35 -6.30 -6.47
CA VAL D 88 -17.94 -4.92 -6.17
C VAL D 88 -17.10 -4.88 -4.90
N TYR D 89 -17.48 -5.67 -3.90
CA TYR D 89 -16.70 -5.74 -2.66
C TYR D 89 -15.33 -6.40 -2.90
N ALA D 90 -15.27 -7.41 -3.77
CA ALA D 90 -14.01 -8.08 -4.07
C ALA D 90 -13.05 -7.15 -4.80
N LEU D 91 -13.57 -6.33 -5.71
CA LEU D 91 -12.72 -5.29 -6.31
C LEU D 91 -12.35 -4.20 -5.31
N LYS D 92 -13.24 -3.89 -4.35
CA LYS D 92 -12.89 -2.89 -3.33
C LYS D 92 -11.84 -3.42 -2.36
N ARG D 93 -11.65 -4.75 -2.31
CA ARG D 93 -10.63 -5.34 -1.44
C ARG D 93 -9.21 -4.85 -1.73
N GLN D 94 -8.82 -4.79 -3.00
CA GLN D 94 -7.46 -4.43 -3.37
C GLN D 94 -7.28 -2.94 -3.62
N GLY D 95 -8.23 -2.12 -3.18
CA GLY D 95 -8.20 -0.72 -3.57
C GLY D 95 -8.44 -0.51 -5.04
N ARG D 96 -9.43 -1.19 -5.60
CA ARG D 96 -9.75 -1.15 -7.03
C ARG D 96 -11.26 -0.98 -7.21
N THR D 97 -11.81 0.06 -6.56
CA THR D 97 -13.25 0.23 -6.39
C THR D 97 -13.99 0.28 -7.73
N LEU D 98 -15.02 -0.56 -7.83
CA LEU D 98 -15.77 -0.74 -9.06
C LEU D 98 -17.14 -0.08 -8.92
N TYR D 99 -17.60 0.52 -10.00
CA TYR D 99 -18.67 1.51 -9.94
C TYR D 99 -19.83 1.10 -10.85
N GLY D 100 -21.02 1.58 -10.49
CA GLY D 100 -22.19 1.42 -11.34
C GLY D 100 -22.88 0.08 -11.27
N PHE D 101 -22.49 -0.80 -10.36
CA PHE D 101 -23.16 -2.07 -10.18
C PHE D 101 -23.87 -2.16 -8.83
N GLY D 102 -24.16 -1.03 -8.20
CA GLY D 102 -24.85 -1.00 -6.93
C GLY D 102 -24.11 -0.23 -5.87
N ALA E 13 -18.34 -18.39 42.31
CA ALA E 13 -17.36 -19.42 42.59
C ALA E 13 -15.93 -18.90 42.35
N LYS E 14 -15.02 -19.81 42.04
CA LYS E 14 -13.64 -19.43 41.77
C LYS E 14 -13.53 -18.76 40.41
N ALA E 15 -12.86 -17.61 40.36
CA ALA E 15 -12.68 -16.91 39.10
C ALA E 15 -11.64 -17.63 38.25
N LYS E 16 -11.98 -17.82 36.97
CA LYS E 16 -11.11 -18.50 36.03
C LYS E 16 -11.14 -17.75 34.71
N SER E 17 -9.97 -17.45 34.17
CA SER E 17 -9.87 -16.66 32.95
C SER E 17 -10.30 -17.47 31.74
N ARG E 18 -10.91 -16.79 30.76
CA ARG E 18 -11.20 -17.43 29.48
C ARG E 18 -9.92 -17.77 28.74
N SER E 19 -8.86 -16.98 28.94
CA SER E 19 -7.54 -17.35 28.42
C SER E 19 -7.04 -18.63 29.07
N SER E 20 -7.24 -18.77 30.38
CA SER E 20 -6.84 -19.99 31.08
C SER E 20 -7.74 -21.16 30.69
N ARG E 21 -9.02 -20.88 30.44
CA ARG E 21 -9.95 -21.92 30.02
C ARG E 21 -9.59 -22.45 28.64
N ALA E 22 -9.28 -21.55 27.72
CA ALA E 22 -9.03 -21.87 26.32
C ALA E 22 -7.56 -22.16 26.02
N GLY E 23 -6.69 -22.07 27.01
CA GLY E 23 -5.26 -22.30 26.78
C GLY E 23 -4.61 -21.18 26.00
N LEU E 24 -5.00 -19.95 26.23
CA LEU E 24 -4.48 -18.78 25.54
C LEU E 24 -3.66 -17.94 26.50
N GLN E 25 -2.63 -17.28 25.96
CA GLN E 25 -1.91 -16.28 26.74
C GLN E 25 -2.47 -14.89 26.55
N PHE E 26 -2.96 -14.58 25.35
CA PHE E 26 -3.53 -13.27 25.08
C PHE E 26 -4.87 -13.12 25.80
N PRO E 27 -5.18 -11.91 26.29
CA PRO E 27 -6.35 -11.75 27.18
C PRO E 27 -7.66 -11.73 26.40
N VAL E 28 -8.49 -12.75 26.63
CA VAL E 28 -9.76 -12.86 25.91
C VAL E 28 -10.74 -11.77 26.33
N GLY E 29 -10.78 -11.46 27.63
CA GLY E 29 -11.69 -10.42 28.09
C GLY E 29 -11.31 -9.04 27.60
N ARG E 30 -10.02 -8.79 27.46
CA ARG E 30 -9.56 -7.46 27.03
C ARG E 30 -9.80 -7.24 25.55
N VAL E 31 -9.54 -8.25 24.73
CA VAL E 31 -9.86 -8.15 23.30
C VAL E 31 -11.38 -8.16 23.10
N HIS E 32 -12.11 -8.81 24.01
CA HIS E 32 -13.57 -8.73 24.01
C HIS E 32 -14.03 -7.29 24.27
N ARG E 33 -13.42 -6.63 25.26
CA ARG E 33 -13.74 -5.25 25.57
C ARG E 33 -13.41 -4.32 24.39
N LEU E 34 -12.29 -4.58 23.73
CA LEU E 34 -11.93 -3.77 22.57
C LEU E 34 -12.85 -4.05 21.38
N LEU E 35 -13.47 -5.23 21.33
CA LEU E 35 -14.50 -5.45 20.32
C LEU E 35 -15.81 -4.76 20.69
N ARG E 36 -16.14 -4.70 21.98
CA ARG E 36 -17.36 -3.99 22.39
C ARG E 36 -17.26 -2.49 22.13
N LYS E 37 -16.19 -1.85 22.58
CA LYS E 37 -16.04 -0.41 22.38
C LYS E 37 -15.23 -0.05 21.14
N GLY E 38 -14.99 -1.00 20.25
CA GLY E 38 -14.36 -0.67 18.98
C GLY E 38 -15.30 -0.26 17.87
N ASN E 39 -16.60 -0.15 18.18
CA ASN E 39 -17.63 0.34 17.25
C ASN E 39 -17.72 -0.50 15.98
N TYR E 40 -17.69 -1.82 16.15
CA TYR E 40 -17.73 -2.73 15.01
C TYR E 40 -19.09 -3.37 14.81
N ALA E 41 -19.76 -3.77 15.89
CA ALA E 41 -21.11 -4.31 15.78
C ALA E 41 -21.86 -4.06 17.09
N GLU E 42 -23.19 -4.07 16.99
CA GLU E 42 -24.02 -3.77 18.16
C GLU E 42 -24.03 -4.96 19.12
N ARG E 43 -23.86 -6.17 18.60
CA ARG E 43 -23.69 -7.37 19.40
C ARG E 43 -22.41 -8.07 18.99
N VAL E 44 -21.85 -8.87 19.90
CA VAL E 44 -20.62 -9.60 19.68
C VAL E 44 -20.79 -11.02 20.21
N GLY E 45 -20.25 -12.00 19.48
CA GLY E 45 -20.33 -13.38 19.90
C GLY E 45 -19.27 -13.76 20.92
N ALA E 46 -19.44 -14.95 21.48
CA ALA E 46 -18.55 -15.41 22.55
C ALA E 46 -17.21 -15.89 21.99
N GLY E 47 -17.23 -16.61 20.86
CA GLY E 47 -16.03 -17.26 20.37
C GLY E 47 -15.07 -16.39 19.58
N ALA E 48 -15.52 -15.21 19.13
CA ALA E 48 -14.65 -14.32 18.37
C ALA E 48 -13.42 -13.82 19.15
N PRO E 49 -13.50 -13.38 20.43
CA PRO E 49 -12.25 -13.03 21.12
C PRO E 49 -11.29 -14.19 21.33
N VAL E 50 -11.80 -15.41 21.55
CA VAL E 50 -10.93 -16.58 21.64
C VAL E 50 -10.25 -16.83 20.30
N TYR E 51 -11.01 -16.65 19.21
CA TYR E 51 -10.49 -16.83 17.86
C TYR E 51 -9.38 -15.81 17.57
N MET E 52 -9.59 -14.56 17.99
CA MET E 52 -8.61 -13.51 17.78
C MET E 52 -7.36 -13.71 18.63
N ALA E 53 -7.52 -14.15 19.89
CA ALA E 53 -6.34 -14.45 20.70
C ALA E 53 -5.53 -15.59 20.10
N ALA E 54 -6.21 -16.59 19.53
CA ALA E 54 -5.51 -17.70 18.88
C ALA E 54 -4.73 -17.23 17.64
N VAL E 55 -5.38 -16.44 16.77
CA VAL E 55 -4.70 -16.05 15.54
C VAL E 55 -3.58 -15.04 15.82
N LEU E 56 -3.76 -14.18 16.84
CA LEU E 56 -2.68 -13.26 17.20
C LEU E 56 -1.51 -13.98 17.85
N GLU E 57 -1.77 -15.04 18.65
CA GLU E 57 -0.63 -15.84 19.12
C GLU E 57 0.06 -16.56 17.98
N TYR E 58 -0.69 -16.98 16.96
CA TYR E 58 -0.06 -17.58 15.78
C TYR E 58 0.87 -16.57 15.11
N LEU E 59 0.37 -15.37 14.84
CA LEU E 59 1.16 -14.38 14.10
C LEU E 59 2.40 -13.96 14.88
N THR E 60 2.22 -13.63 16.16
CA THR E 60 3.36 -13.23 16.99
C THR E 60 4.35 -14.37 17.18
N ALA E 61 3.87 -15.60 17.41
CA ALA E 61 4.75 -16.74 17.61
C ALA E 61 5.55 -17.04 16.36
N GLU E 62 4.91 -16.95 15.18
CA GLU E 62 5.61 -17.25 13.93
C GLU E 62 6.68 -16.20 13.63
N ILE E 63 6.33 -14.92 13.72
CA ILE E 63 7.35 -13.95 13.33
C ILE E 63 8.40 -13.78 14.42
N LEU E 64 8.08 -14.12 15.67
CA LEU E 64 9.11 -14.18 16.70
C LEU E 64 10.02 -15.39 16.51
N GLU E 65 9.50 -16.49 15.97
CA GLU E 65 10.38 -17.60 15.60
C GLU E 65 11.33 -17.22 14.47
N LEU E 66 10.83 -16.51 13.44
CA LEU E 66 11.72 -16.07 12.38
C LEU E 66 12.74 -15.05 12.88
N ALA E 67 12.32 -14.14 13.77
CA ALA E 67 13.24 -13.16 14.34
C ALA E 67 14.27 -13.82 15.24
N GLY E 68 13.85 -14.81 16.03
CA GLY E 68 14.80 -15.53 16.87
C GLY E 68 15.77 -16.36 16.07
N ASN E 69 15.31 -16.95 14.96
CA ASN E 69 16.21 -17.67 14.06
C ASN E 69 17.22 -16.72 13.41
N ALA E 70 16.77 -15.52 13.04
CA ALA E 70 17.68 -14.54 12.47
C ALA E 70 18.68 -14.05 13.51
N ALA E 71 18.25 -13.92 14.77
CA ALA E 71 19.16 -13.52 15.84
C ALA E 71 20.16 -14.62 16.15
N ARG E 72 19.71 -15.88 16.09
CA ARG E 72 20.61 -17.01 16.36
C ARG E 72 21.59 -17.21 15.23
N ASP E 73 21.20 -16.88 13.99
CA ASP E 73 22.14 -16.92 12.88
C ASP E 73 23.17 -15.80 12.97
N ASN E 74 22.79 -14.64 13.50
CA ASN E 74 23.68 -13.51 13.67
C ASN E 74 24.43 -13.62 15.01
N LYS E 75 23.98 -14.52 15.88
CA LYS E 75 24.52 -14.75 17.23
C LYS E 75 24.38 -13.51 18.11
N LYS E 76 23.13 -13.09 18.31
CA LYS E 76 22.77 -12.05 19.26
C LYS E 76 21.76 -12.60 20.26
N CYS E 77 21.88 -12.15 21.52
CA CYS E 77 20.91 -12.54 22.53
C CYS E 77 19.58 -11.81 22.33
N ARG E 78 19.66 -10.53 22.00
CA ARG E 78 18.53 -9.62 22.07
C ARG E 78 17.92 -9.42 20.69
N ILE E 79 16.60 -9.45 20.64
CA ILE E 79 15.88 -9.25 19.38
C ILE E 79 15.92 -7.77 19.04
N ILE E 80 16.50 -7.45 17.89
CA ILE E 80 16.61 -6.07 17.43
C ILE E 80 15.59 -5.94 16.31
N PRO E 81 15.05 -4.74 16.03
CA PRO E 81 14.16 -4.58 14.86
C PRO E 81 14.81 -4.89 13.50
N ARG E 82 16.14 -4.87 13.41
CA ARG E 82 16.80 -5.37 12.21
C ARG E 82 16.51 -6.86 12.01
N HIS E 83 16.49 -7.63 13.10
CA HIS E 83 16.11 -9.03 13.00
C HIS E 83 14.66 -9.19 12.59
N LEU E 84 13.79 -8.28 13.04
CA LEU E 84 12.39 -8.31 12.62
C LEU E 84 12.26 -7.99 11.13
N GLN E 85 13.06 -7.05 10.64
CA GLN E 85 13.08 -6.72 9.21
C GLN E 85 13.55 -7.91 8.39
N LEU E 86 14.62 -8.57 8.84
CA LEU E 86 15.13 -9.74 8.14
C LEU E 86 14.15 -10.91 8.25
N ALA E 87 13.34 -10.92 9.30
CA ALA E 87 12.35 -11.97 9.47
C ALA E 87 11.20 -11.79 8.49
N ILE E 88 10.68 -10.57 8.36
CA ILE E 88 9.44 -10.42 7.59
C ILE E 88 9.73 -10.16 6.11
N ARG E 89 10.91 -9.61 5.79
CA ARG E 89 11.22 -9.36 4.39
C ARG E 89 11.70 -10.59 3.66
N ASN E 90 12.11 -11.64 4.37
CA ASN E 90 12.60 -12.86 3.76
C ASN E 90 11.51 -13.89 3.51
N ASP E 91 10.26 -13.56 3.78
CA ASP E 91 9.13 -14.44 3.52
C ASP E 91 8.20 -13.78 2.52
N GLU E 92 7.71 -14.56 1.55
CA GLU E 92 6.83 -14.01 0.53
C GLU E 92 5.44 -13.70 1.10
N GLU E 93 4.93 -14.58 1.94
CA GLU E 93 3.58 -14.39 2.49
C GLU E 93 3.53 -13.21 3.44
N LEU E 94 4.56 -13.04 4.27
CA LEU E 94 4.63 -11.89 5.15
C LEU E 94 4.82 -10.60 4.36
N ASN E 95 5.54 -10.67 3.23
CA ASN E 95 5.71 -9.49 2.40
C ASN E 95 4.43 -9.13 1.68
N LYS E 96 3.62 -10.14 1.33
CA LYS E 96 2.30 -9.85 0.78
C LYS E 96 1.38 -9.26 1.85
N LEU E 97 1.49 -9.76 3.09
CA LEU E 97 0.68 -9.23 4.17
C LEU E 97 1.15 -7.84 4.60
N LEU E 98 2.46 -7.63 4.66
CA LEU E 98 3.04 -6.42 5.23
C LEU E 98 3.86 -5.65 4.19
N GLY E 99 3.31 -5.47 2.99
CA GLY E 99 4.02 -4.74 1.96
C GLY E 99 4.06 -3.25 2.20
N LYS E 100 2.96 -2.68 2.70
CA LYS E 100 2.80 -1.23 2.79
C LYS E 100 3.09 -0.70 4.18
N VAL E 101 4.06 -1.28 4.88
CA VAL E 101 4.37 -0.87 6.25
C VAL E 101 5.86 -0.62 6.38
N THR E 102 6.22 0.40 7.15
CA THR E 102 7.60 0.70 7.51
C THR E 102 7.82 0.34 8.97
N ILE E 103 9.07 0.02 9.29
CA ILE E 103 9.45 -0.53 10.61
C ILE E 103 10.58 0.33 11.15
N ALA E 104 10.48 0.69 12.44
CA ALA E 104 11.48 1.54 13.07
C ALA E 104 12.83 0.86 13.16
N GLN E 105 13.84 1.47 12.53
CA GLN E 105 15.21 0.94 12.41
C GLN E 105 15.23 -0.49 11.86
N GLY E 106 14.48 -0.71 10.80
CA GLY E 106 14.48 -2.01 10.15
C GLY E 106 15.52 -2.09 9.04
N GLY E 107 15.60 -1.06 8.22
CA GLY E 107 16.50 -1.10 7.08
C GLY E 107 15.92 -1.93 5.94
N VAL E 108 16.81 -2.38 5.06
CA VAL E 108 16.42 -3.14 3.88
C VAL E 108 17.22 -4.44 3.83
N LEU E 109 16.78 -5.33 2.95
CA LEU E 109 17.53 -6.56 2.70
C LEU E 109 18.83 -6.24 1.98
N PRO E 110 19.89 -7.01 2.21
CA PRO E 110 21.09 -6.86 1.37
C PRO E 110 20.84 -7.41 -0.02
N ASN E 111 20.67 -6.52 -1.00
CA ASN E 111 20.29 -6.95 -2.34
C ASN E 111 20.91 -5.99 -3.35
N ILE E 112 21.68 -6.54 -4.28
CA ILE E 112 22.25 -5.79 -5.39
C ILE E 112 21.87 -6.49 -6.68
N GLN E 113 21.92 -5.75 -7.78
CA GLN E 113 21.76 -6.36 -9.09
C GLN E 113 23.04 -7.10 -9.46
N ALA E 114 22.87 -8.23 -10.15
CA ALA E 114 24.03 -9.05 -10.52
C ALA E 114 24.89 -8.36 -11.59
N VAL E 115 24.28 -7.49 -12.39
CA VAL E 115 25.02 -6.78 -13.43
C VAL E 115 25.91 -5.70 -12.80
N LEU E 116 25.55 -5.22 -11.61
CA LEU E 116 26.38 -4.24 -10.92
C LEU E 116 27.67 -4.85 -10.40
N LEU E 117 27.72 -6.17 -10.23
CA LEU E 117 28.96 -6.83 -9.86
C LEU E 117 29.94 -6.76 -11.03
N PRO E 118 31.23 -6.55 -10.77
CA PRO E 118 32.20 -6.47 -11.87
C PRO E 118 32.51 -7.84 -12.45
N LYS E 119 33.17 -7.83 -13.60
CA LYS E 119 33.55 -9.05 -14.28
C LYS E 119 34.70 -9.75 -13.56
N ARG F 32 1.70 6.80 35.27
CA ARG F 32 0.65 7.28 36.15
C ARG F 32 -0.62 7.61 35.37
N SER F 33 -0.77 6.97 34.20
CA SER F 33 -1.95 7.21 33.37
C SER F 33 -2.51 5.93 32.77
N ARG F 34 -1.98 4.75 33.13
CA ARG F 34 -2.44 3.43 32.67
C ARG F 34 -2.37 3.32 31.14
N LYS F 35 -1.13 3.28 30.65
CA LYS F 35 -0.87 3.28 29.21
C LYS F 35 -1.49 2.08 28.49
N GLU F 36 -1.53 0.92 29.16
CA GLU F 36 -2.34 -0.24 28.78
C GLU F 36 -1.94 -0.77 27.39
N SER F 37 -0.73 -1.31 27.34
CA SER F 37 -0.17 -1.88 26.12
C SER F 37 -0.25 -3.40 26.16
N TYR F 38 0.32 -4.04 25.13
CA TYR F 38 0.35 -5.50 24.99
C TYR F 38 1.73 -6.09 25.22
N SER F 39 2.59 -5.42 26.00
CA SER F 39 3.99 -5.81 26.07
C SER F 39 4.19 -7.14 26.81
N ILE F 40 3.45 -7.34 27.90
CA ILE F 40 3.75 -8.47 28.77
C ILE F 40 3.26 -9.78 28.15
N TYR F 41 2.25 -9.71 27.28
CA TYR F 41 1.75 -10.95 26.67
C TYR F 41 2.70 -11.43 25.58
N VAL F 42 3.27 -10.49 24.82
CA VAL F 42 4.32 -10.82 23.87
C VAL F 42 5.55 -11.32 24.63
N TYR F 43 5.81 -10.74 25.80
CA TYR F 43 6.88 -11.23 26.67
C TYR F 43 6.65 -12.68 27.09
N LYS F 44 5.44 -13.02 27.53
CA LYS F 44 5.17 -14.38 28.01
C LYS F 44 5.20 -15.39 26.88
N VAL F 45 4.66 -15.03 25.71
CA VAL F 45 4.73 -15.98 24.60
C VAL F 45 6.17 -16.14 24.12
N LEU F 46 6.97 -15.06 24.15
CA LEU F 46 8.37 -15.12 23.77
C LEU F 46 9.16 -16.02 24.72
N LYS F 47 8.91 -15.90 26.02
CA LYS F 47 9.55 -16.77 26.99
C LYS F 47 9.12 -18.22 26.83
N GLN F 48 7.83 -18.46 26.53
CA GLN F 48 7.37 -19.84 26.54
C GLN F 48 7.85 -20.59 25.30
N VAL F 49 8.07 -19.90 24.18
CA VAL F 49 8.55 -20.62 23.01
C VAL F 49 10.05 -20.41 22.78
N HIS F 50 10.65 -19.34 23.31
CA HIS F 50 12.10 -19.14 23.31
C HIS F 50 12.53 -18.87 24.74
N PRO F 51 13.02 -19.89 25.44
CA PRO F 51 13.30 -19.74 26.88
C PRO F 51 14.49 -18.86 27.22
N ASP F 52 15.33 -18.51 26.25
CA ASP F 52 16.61 -17.86 26.55
C ASP F 52 16.84 -16.53 25.84
N THR F 53 16.08 -16.22 24.79
CA THR F 53 16.38 -15.05 23.97
C THR F 53 16.04 -13.76 24.69
N GLY F 54 16.90 -12.74 24.50
CA GLY F 54 16.64 -11.42 25.03
C GLY F 54 15.80 -10.59 24.07
N ILE F 55 15.44 -9.40 24.54
CA ILE F 55 14.44 -8.60 23.84
C ILE F 55 14.56 -7.14 24.28
N SER F 56 14.46 -6.23 23.32
CA SER F 56 14.47 -4.79 23.56
C SER F 56 13.06 -4.21 23.58
N SER F 57 12.93 -3.04 24.22
CA SER F 57 11.63 -2.39 24.34
C SER F 57 11.20 -1.76 23.01
N LYS F 58 12.16 -1.43 22.15
CA LYS F 58 11.83 -0.93 20.82
C LYS F 58 11.12 -1.99 20.00
N ALA F 59 11.54 -3.25 20.14
CA ALA F 59 10.83 -4.34 19.48
C ALA F 59 9.47 -4.57 20.11
N MET F 60 9.30 -4.26 21.40
CA MET F 60 7.98 -4.24 22.00
C MET F 60 7.08 -3.17 21.40
N GLY F 61 7.63 -1.99 21.11
CA GLY F 61 6.86 -0.99 20.39
C GLY F 61 6.47 -1.44 19.00
N ILE F 62 7.41 -2.10 18.31
CA ILE F 62 7.13 -2.68 16.99
C ILE F 62 6.02 -3.74 17.09
N MET F 63 6.10 -4.60 18.10
CA MET F 63 5.11 -5.65 18.30
C MET F 63 3.74 -5.08 18.62
N ASN F 64 3.68 -4.07 19.48
CA ASN F 64 2.41 -3.45 19.83
C ASN F 64 1.77 -2.78 18.62
N SER F 65 2.56 -2.05 17.83
CA SER F 65 2.03 -1.42 16.62
C SER F 65 1.55 -2.47 15.62
N PHE F 66 2.29 -3.57 15.50
CA PHE F 66 1.89 -4.64 14.58
C PHE F 66 0.60 -5.30 15.00
N VAL F 67 0.49 -5.68 16.28
CA VAL F 67 -0.69 -6.41 16.73
C VAL F 67 -1.92 -5.50 16.71
N ASN F 68 -1.73 -4.20 17.01
CA ASN F 68 -2.84 -3.27 16.90
C ASN F 68 -3.28 -3.09 15.46
N ASP F 69 -2.32 -2.95 14.53
CA ASP F 69 -2.67 -2.73 13.12
C ASP F 69 -3.43 -3.91 12.57
N ILE F 70 -2.98 -5.13 12.90
CA ILE F 70 -3.71 -6.34 12.53
C ILE F 70 -5.08 -6.36 13.18
N PHE F 71 -5.18 -5.85 14.42
CA PHE F 71 -6.47 -5.85 15.12
C PHE F 71 -7.51 -4.98 14.44
N GLU F 72 -7.21 -3.71 14.16
CA GLU F 72 -8.24 -2.92 13.46
C GLU F 72 -8.43 -3.36 12.01
N ARG F 73 -7.42 -3.95 11.36
CA ARG F 73 -7.66 -4.49 10.02
C ARG F 73 -8.68 -5.63 10.05
N ILE F 74 -8.46 -6.62 10.93
CA ILE F 74 -9.33 -7.79 10.91
C ILE F 74 -10.68 -7.46 11.54
N ALA F 75 -10.71 -6.49 12.45
CA ALA F 75 -11.97 -6.09 13.06
C ALA F 75 -12.81 -5.24 12.11
N GLY F 76 -12.16 -4.39 11.31
CA GLY F 76 -12.89 -3.68 10.27
C GLY F 76 -13.44 -4.61 9.20
N GLU F 77 -12.66 -5.64 8.84
CA GLU F 77 -13.18 -6.66 7.91
C GLU F 77 -14.37 -7.41 8.50
N ALA F 78 -14.30 -7.76 9.79
CA ALA F 78 -15.41 -8.46 10.44
C ALA F 78 -16.65 -7.57 10.54
N SER F 79 -16.46 -6.29 10.86
CA SER F 79 -17.58 -5.36 10.92
C SER F 79 -18.22 -5.16 9.55
N ARG F 80 -17.41 -5.02 8.50
CA ARG F 80 -17.94 -4.84 7.15
C ARG F 80 -18.67 -6.09 6.67
N LEU F 81 -18.15 -7.27 7.00
CA LEU F 81 -18.80 -8.51 6.55
C LEU F 81 -20.07 -8.78 7.35
N ALA F 82 -20.09 -8.41 8.62
CA ALA F 82 -21.31 -8.54 9.41
C ALA F 82 -22.39 -7.56 8.93
N HIS F 83 -21.97 -6.34 8.54
CA HIS F 83 -22.92 -5.38 8.00
C HIS F 83 -23.39 -5.80 6.62
N TYR F 84 -22.58 -6.59 5.90
CA TYR F 84 -22.98 -7.11 4.60
C TYR F 84 -24.20 -8.02 4.68
N ASN F 85 -24.16 -9.03 5.54
CA ASN F 85 -25.24 -10.01 5.61
C ASN F 85 -26.34 -9.61 6.58
N LYS F 86 -26.49 -8.30 6.85
CA LYS F 86 -27.48 -7.74 7.77
C LYS F 86 -27.39 -8.40 9.15
N ARG F 87 -26.16 -8.64 9.59
CA ARG F 87 -25.91 -9.29 10.87
C ARG F 87 -25.48 -8.24 11.88
N SER F 88 -26.19 -8.18 13.00
CA SER F 88 -25.85 -7.25 14.06
C SER F 88 -24.88 -7.85 15.07
N THR F 89 -24.43 -9.09 14.85
CA THR F 89 -23.51 -9.76 15.75
C THR F 89 -22.27 -10.20 14.98
N ILE F 90 -21.17 -10.33 15.70
CA ILE F 90 -19.93 -10.89 15.16
C ILE F 90 -19.65 -12.18 15.91
N THR F 91 -19.84 -13.31 15.24
CA THR F 91 -19.46 -14.62 15.76
C THR F 91 -18.27 -15.11 14.95
N SER F 92 -17.91 -16.38 15.16
CA SER F 92 -16.66 -16.90 14.62
C SER F 92 -16.70 -17.08 13.09
N ARG F 93 -17.89 -17.13 12.50
CA ARG F 93 -17.98 -17.49 11.08
C ARG F 93 -17.53 -16.34 10.17
N GLU F 94 -18.08 -15.14 10.36
CA GLU F 94 -17.69 -14.01 9.52
C GLU F 94 -16.26 -13.57 9.79
N ILE F 95 -15.81 -13.67 11.04
CA ILE F 95 -14.46 -13.23 11.33
C ILE F 95 -13.46 -14.30 10.89
N GLN F 96 -13.92 -15.56 10.84
CA GLN F 96 -13.15 -16.62 10.19
C GLN F 96 -13.00 -16.38 8.69
N THR F 97 -14.08 -15.93 8.05
CA THR F 97 -14.01 -15.56 6.64
C THR F 97 -13.09 -14.35 6.45
N ALA F 98 -13.05 -13.45 7.43
CA ALA F 98 -12.10 -12.34 7.40
C ALA F 98 -10.66 -12.82 7.53
N VAL F 99 -10.43 -13.86 8.34
CA VAL F 99 -9.10 -14.48 8.42
C VAL F 99 -8.73 -15.07 7.07
N ARG F 100 -9.68 -15.74 6.40
CA ARG F 100 -9.41 -16.33 5.10
C ARG F 100 -9.16 -15.25 4.05
N LEU F 101 -9.82 -14.10 4.18
CA LEU F 101 -9.60 -13.00 3.23
C LEU F 101 -8.25 -12.33 3.43
N LEU F 102 -7.89 -12.02 4.68
CA LEU F 102 -6.70 -11.22 4.92
C LEU F 102 -5.41 -12.02 4.79
N LEU F 103 -5.26 -13.09 5.56
CA LEU F 103 -4.00 -13.83 5.60
C LEU F 103 -3.86 -14.69 4.35
N PRO F 104 -2.83 -14.49 3.54
CA PRO F 104 -2.69 -15.26 2.30
C PRO F 104 -1.91 -16.55 2.50
N GLY F 105 -2.17 -17.50 1.59
CA GLY F 105 -1.41 -18.74 1.55
C GLY F 105 -1.72 -19.67 2.70
N GLU F 106 -0.65 -20.27 3.24
CA GLU F 106 -0.76 -21.26 4.29
C GLU F 106 -1.17 -20.65 5.63
N LEU F 107 -1.04 -19.32 5.75
CA LEU F 107 -1.41 -18.62 6.97
C LEU F 107 -2.87 -18.80 7.29
N ALA F 108 -3.73 -18.80 6.26
CA ALA F 108 -5.16 -18.93 6.45
C ALA F 108 -5.53 -20.29 7.03
N LYS F 109 -5.00 -21.36 6.45
CA LYS F 109 -5.38 -22.70 6.91
C LYS F 109 -4.76 -23.01 8.26
N HIS F 110 -3.53 -22.53 8.52
CA HIS F 110 -2.95 -22.76 9.84
C HIS F 110 -3.66 -21.93 10.91
N ALA F 111 -4.06 -20.70 10.57
CA ALA F 111 -4.76 -19.85 11.53
C ALA F 111 -6.15 -20.38 11.83
N VAL F 112 -6.86 -20.89 10.82
CA VAL F 112 -8.18 -21.45 11.09
C VAL F 112 -8.04 -22.75 11.87
N SER F 113 -6.91 -23.46 11.71
CA SER F 113 -6.65 -24.64 12.53
C SER F 113 -6.45 -24.26 14.01
N GLU F 114 -5.60 -23.27 14.28
CA GLU F 114 -5.37 -22.82 15.66
C GLU F 114 -6.64 -22.26 16.28
N GLY F 115 -7.37 -21.44 15.53
CA GLY F 115 -8.59 -20.85 16.06
C GLY F 115 -9.69 -21.86 16.30
N THR F 116 -9.84 -22.83 15.40
CA THR F 116 -10.83 -23.88 15.56
C THR F 116 -10.50 -24.76 16.75
N LYS F 117 -9.22 -25.11 16.93
CA LYS F 117 -8.79 -25.88 18.10
C LYS F 117 -9.04 -25.11 19.39
N ALA F 118 -8.75 -23.80 19.37
CA ALA F 118 -8.91 -22.99 20.57
C ALA F 118 -10.37 -22.84 20.97
N VAL F 119 -11.25 -22.52 20.02
CA VAL F 119 -12.66 -22.35 20.37
C VAL F 119 -13.31 -23.70 20.65
N THR F 120 -12.79 -24.79 20.08
CA THR F 120 -13.35 -26.10 20.35
C THR F 120 -13.02 -26.56 21.76
N LYS F 121 -11.77 -26.38 22.19
CA LYS F 121 -11.44 -26.83 23.55
C LYS F 121 -11.95 -25.82 24.58
N TYR F 122 -12.17 -24.57 24.14
CA TYR F 122 -12.82 -23.58 25.00
C TYR F 122 -14.30 -23.90 25.19
N THR F 123 -14.95 -24.46 24.16
CA THR F 123 -16.35 -24.83 24.27
C THR F 123 -16.56 -25.92 25.32
N SER F 124 -15.64 -26.88 25.38
CA SER F 124 -15.68 -27.88 26.45
C SER F 124 -15.37 -27.27 27.80
N SER F 125 -14.61 -26.18 27.84
CA SER F 125 -14.22 -25.44 29.06
C SER F 125 -13.53 -26.32 30.10
N PRO G 39 50.54 7.48 -6.11
CA PRO G 39 50.20 6.42 -5.15
C PRO G 39 49.20 5.42 -5.74
N HIS G 40 48.77 4.46 -4.93
CA HIS G 40 47.79 3.48 -5.38
C HIS G 40 46.38 4.07 -5.29
N ARG G 41 45.65 3.99 -6.40
CA ARG G 41 44.31 4.55 -6.49
C ARG G 41 43.35 3.45 -6.90
N TYR G 42 42.24 3.35 -6.17
CA TYR G 42 41.26 2.30 -6.45
C TYR G 42 40.49 2.61 -7.73
N ARG G 43 40.10 1.55 -8.44
CA ARG G 43 39.26 1.70 -9.62
C ARG G 43 37.87 2.17 -9.22
N PRO G 44 37.21 2.96 -10.05
CA PRO G 44 35.86 3.44 -9.72
C PRO G 44 34.85 2.30 -9.67
N GLY G 45 33.88 2.44 -8.77
CA GLY G 45 32.84 1.46 -8.58
C GLY G 45 33.07 0.51 -7.42
N THR G 46 34.33 0.09 -7.21
CA THR G 46 34.64 -0.88 -6.16
C THR G 46 34.45 -0.27 -4.78
N VAL G 47 34.93 0.96 -4.59
CA VAL G 47 34.70 1.68 -3.34
C VAL G 47 33.22 1.91 -3.14
N ALA G 48 32.53 2.31 -4.21
CA ALA G 48 31.10 2.60 -4.15
C ALA G 48 30.31 1.37 -3.74
N LEU G 49 30.65 0.19 -4.29
CA LEU G 49 29.95 -1.01 -3.86
C LEU G 49 30.38 -1.42 -2.46
N ARG G 50 31.54 -0.98 -1.99
CA ARG G 50 31.87 -1.21 -0.57
C ARG G 50 30.93 -0.44 0.36
N GLU G 51 30.62 0.83 0.05
CA GLU G 51 29.62 1.44 0.95
C GLU G 51 28.20 0.98 0.63
N ILE G 52 27.96 0.44 -0.56
CA ILE G 52 26.71 -0.27 -0.82
C ILE G 52 26.57 -1.45 0.15
N ARG G 53 27.65 -2.20 0.33
CA ARG G 53 27.60 -3.36 1.22
C ARG G 53 27.49 -2.94 2.69
N ARG G 54 28.22 -1.90 3.12
CA ARG G 54 28.17 -1.56 4.54
C ARG G 54 26.88 -0.82 4.89
N TYR G 55 26.28 -0.10 3.93
CA TYR G 55 25.07 0.65 4.25
C TYR G 55 23.80 -0.18 4.10
N GLN G 56 23.82 -1.25 3.32
CA GLN G 56 22.64 -2.09 3.22
C GLN G 56 22.46 -2.95 4.47
N LYS G 57 23.53 -3.27 5.17
CA LYS G 57 23.43 -3.98 6.44
C LYS G 57 23.34 -3.04 7.64
N SER G 58 23.65 -1.77 7.46
CA SER G 58 23.50 -0.80 8.54
C SER G 58 22.04 -0.47 8.76
N THR G 59 21.73 -0.04 9.99
CA THR G 59 20.36 0.32 10.33
C THR G 59 20.23 1.65 11.04
N GLU G 60 21.30 2.43 11.17
CA GLU G 60 21.20 3.72 11.82
C GLU G 60 20.62 4.76 10.86
N LEU G 61 20.43 5.97 11.38
CA LEU G 61 19.81 7.04 10.61
C LEU G 61 20.86 7.77 9.78
N LEU G 62 20.43 8.30 8.63
CA LEU G 62 21.39 8.83 7.66
C LEU G 62 21.37 10.34 7.52
N ILE G 63 20.28 11.01 7.89
CA ILE G 63 20.14 12.44 7.70
C ILE G 63 20.29 13.12 9.04
N ARG G 64 21.08 14.20 9.09
CA ARG G 64 21.40 14.88 10.32
C ARG G 64 20.15 15.50 10.95
N LYS G 65 20.10 15.47 12.28
CA LYS G 65 18.86 15.76 13.00
C LYS G 65 18.52 17.25 12.97
N LEU G 66 19.52 18.10 13.20
CA LEU G 66 19.28 19.54 13.31
C LEU G 66 18.79 20.19 12.01
N PRO G 67 19.40 19.97 10.82
CA PRO G 67 18.81 20.58 9.61
C PRO G 67 17.46 19.99 9.23
N PHE G 68 17.24 18.71 9.53
CA PHE G 68 15.95 18.11 9.21
C PHE G 68 14.84 18.69 10.10
N GLN G 69 15.12 18.90 11.38
CA GLN G 69 14.08 19.48 12.22
C GLN G 69 13.88 20.95 11.88
N ARG G 70 14.94 21.64 11.45
CA ARG G 70 14.79 23.00 10.93
C ARG G 70 13.88 23.02 9.71
N LEU G 71 14.05 22.03 8.81
CA LEU G 71 13.20 21.95 7.63
C LEU G 71 11.75 21.66 7.99
N VAL G 72 11.51 20.75 8.94
CA VAL G 72 10.12 20.40 9.23
C VAL G 72 9.43 21.56 9.95
N ARG G 73 10.18 22.32 10.76
CA ARG G 73 9.61 23.52 11.39
C ARG G 73 9.34 24.60 10.35
N GLU G 74 10.25 24.77 9.37
CA GLU G 74 10.03 25.75 8.31
C GLU G 74 8.81 25.40 7.46
N ILE G 75 8.64 24.12 7.12
CA ILE G 75 7.54 23.76 6.24
C ILE G 75 6.24 23.67 7.04
N ALA G 76 6.33 23.51 8.36
CA ALA G 76 5.13 23.56 9.19
C ALA G 76 4.76 24.97 9.61
N GLN G 77 5.67 25.94 9.41
CA GLN G 77 5.38 27.33 9.76
C GLN G 77 4.28 27.92 8.90
N ASP G 78 4.14 27.45 7.66
CA ASP G 78 3.19 28.07 6.73
C ASP G 78 1.74 27.69 7.04
N PHE G 79 1.52 26.53 7.67
CA PHE G 79 0.15 26.12 7.99
C PHE G 79 -0.40 26.92 9.17
N LYS G 80 0.22 26.80 10.34
CA LYS G 80 -0.12 27.64 11.48
C LYS G 80 1.17 27.99 12.22
N THR G 81 1.33 29.27 12.53
CA THR G 81 2.57 29.76 13.11
C THR G 81 2.71 29.32 14.56
N ASP G 82 3.94 28.98 14.94
CA ASP G 82 4.33 28.53 16.28
C ASP G 82 3.59 27.24 16.66
N LEU G 83 3.97 26.17 15.97
CA LEU G 83 3.61 24.82 16.37
C LEU G 83 4.60 24.31 17.41
N ARG G 84 4.47 23.05 17.79
CA ARG G 84 5.41 22.44 18.72
C ARG G 84 5.55 20.96 18.36
N PHE G 85 6.79 20.47 18.43
CA PHE G 85 7.13 19.11 18.03
C PHE G 85 7.81 18.41 19.19
N GLN G 86 7.34 17.21 19.52
CA GLN G 86 8.15 16.33 20.35
C GLN G 86 9.17 15.61 19.48
N SER G 87 10.18 15.03 20.14
CA SER G 87 11.30 14.42 19.45
C SER G 87 10.88 13.19 18.65
N SER G 88 9.94 12.42 19.19
CA SER G 88 9.48 11.20 18.53
C SER G 88 8.75 11.50 17.23
N ALA G 89 8.08 12.66 17.15
CA ALA G 89 7.46 13.07 15.90
C ALA G 89 8.51 13.33 14.82
N VAL G 90 9.61 13.99 15.19
CA VAL G 90 10.69 14.25 14.25
C VAL G 90 11.36 12.94 13.83
N MET G 91 11.48 11.99 14.78
CA MET G 91 12.00 10.66 14.46
C MET G 91 11.12 9.96 13.44
N ALA G 92 9.79 10.07 13.63
CA ALA G 92 8.84 9.39 12.74
C ALA G 92 8.87 9.99 11.33
N LEU G 93 8.88 11.33 11.23
CA LEU G 93 9.03 11.98 9.93
C LEU G 93 10.35 11.58 9.25
N GLN G 94 11.45 11.60 9.99
CA GLN G 94 12.75 11.31 9.39
C GLN G 94 12.82 9.87 8.89
N GLU G 95 12.30 8.92 9.66
CA GLU G 95 12.40 7.54 9.24
C GLU G 95 11.41 7.21 8.13
N ALA G 96 10.22 7.85 8.14
CA ALA G 96 9.29 7.68 7.03
C ALA G 96 9.88 8.24 5.74
N CYS G 97 10.59 9.36 5.84
CA CYS G 97 11.25 9.93 4.67
C CYS G 97 12.36 9.02 4.17
N GLU G 98 13.16 8.46 5.08
CA GLU G 98 14.21 7.54 4.66
C GLU G 98 13.66 6.28 4.00
N ALA G 99 12.59 5.71 4.55
CA ALA G 99 12.00 4.50 3.97
C ALA G 99 11.39 4.79 2.60
N TYR G 100 10.68 5.93 2.48
CA TYR G 100 10.10 6.30 1.19
C TYR G 100 11.18 6.55 0.15
N LEU G 101 12.26 7.23 0.53
CA LEU G 101 13.32 7.52 -0.43
C LEU G 101 14.10 6.27 -0.83
N VAL G 102 14.33 5.32 0.10
CA VAL G 102 15.06 4.13 -0.32
C VAL G 102 14.20 3.22 -1.18
N GLY G 103 12.88 3.17 -0.92
CA GLY G 103 12.00 2.46 -1.83
C GLY G 103 11.94 3.09 -3.20
N LEU G 104 11.90 4.42 -3.25
CA LEU G 104 11.90 5.12 -4.52
C LEU G 104 13.23 4.93 -5.26
N PHE G 105 14.33 4.89 -4.52
CA PHE G 105 15.64 4.72 -5.17
C PHE G 105 15.83 3.31 -5.71
N GLU G 106 15.31 2.28 -5.03
CA GLU G 106 15.41 0.95 -5.63
C GLU G 106 14.46 0.81 -6.82
N ASP G 107 13.33 1.52 -6.79
CA ASP G 107 12.46 1.59 -7.97
C ASP G 107 13.17 2.26 -9.14
N THR G 108 13.89 3.36 -8.89
CA THR G 108 14.63 4.02 -9.96
C THR G 108 15.82 3.19 -10.40
N ASN G 109 16.35 2.35 -9.51
CA ASN G 109 17.39 1.40 -9.90
C ASN G 109 16.90 0.41 -10.92
N LEU G 110 15.75 -0.23 -10.65
CA LEU G 110 15.16 -1.14 -11.63
C LEU G 110 14.80 -0.40 -12.93
N CYS G 111 14.28 0.83 -12.79
CA CYS G 111 13.93 1.64 -13.96
C CYS G 111 15.16 1.96 -14.83
N ALA G 112 16.28 2.31 -14.19
CA ALA G 112 17.47 2.70 -14.94
C ALA G 112 18.18 1.49 -15.51
N ILE G 113 18.16 0.35 -14.81
CA ILE G 113 18.91 -0.80 -15.30
C ILE G 113 18.08 -1.52 -16.36
N HIS G 114 16.77 -1.22 -16.41
CA HIS G 114 15.96 -1.64 -17.55
C HIS G 114 16.46 -1.04 -18.85
N ALA G 115 16.92 0.21 -18.82
CA ALA G 115 17.41 0.90 -20.00
C ALA G 115 18.89 0.64 -20.28
N LYS G 116 19.44 -0.43 -19.70
CA LYS G 116 20.84 -0.86 -19.87
C LYS G 116 21.82 0.24 -19.46
N ARG G 117 21.47 0.94 -18.39
CA ARG G 117 22.27 2.03 -17.85
C ARG G 117 22.46 1.85 -16.35
N VAL G 118 23.60 2.33 -15.86
CA VAL G 118 23.92 2.30 -14.45
C VAL G 118 23.90 3.67 -13.80
N THR G 119 23.52 4.71 -14.54
CA THR G 119 23.47 6.08 -14.02
C THR G 119 22.04 6.58 -14.09
N ILE G 120 21.55 7.09 -12.98
CA ILE G 120 20.16 7.56 -12.88
C ILE G 120 20.09 9.04 -13.23
N MET G 121 19.04 9.40 -13.95
CA MET G 121 18.71 10.76 -14.36
C MET G 121 17.29 11.07 -13.94
N PRO G 122 16.88 12.35 -13.92
CA PRO G 122 15.50 12.68 -13.52
C PRO G 122 14.39 12.07 -14.38
N LYS G 123 14.68 11.59 -15.59
CA LYS G 123 13.68 10.82 -16.33
C LYS G 123 13.32 9.54 -15.59
N ASP G 124 14.29 8.93 -14.91
CA ASP G 124 14.02 7.70 -14.16
C ASP G 124 13.12 7.95 -12.97
N ILE G 125 13.39 9.02 -12.21
CA ILE G 125 12.56 9.32 -11.05
C ILE G 125 11.18 9.80 -11.49
N GLN G 126 11.10 10.48 -12.64
CA GLN G 126 9.80 10.87 -13.18
C GLN G 126 8.98 9.66 -13.59
N LEU G 127 9.62 8.68 -14.23
CA LEU G 127 8.92 7.44 -14.60
C LEU G 127 8.49 6.67 -13.35
N ALA G 128 9.36 6.60 -12.34
CA ALA G 128 9.02 5.86 -11.13
C ALA G 128 7.86 6.51 -10.38
N ARG G 129 7.84 7.84 -10.30
CA ARG G 129 6.73 8.52 -9.65
C ARG G 129 5.46 8.43 -10.49
N ARG G 130 5.60 8.35 -11.82
CA ARG G 130 4.41 8.23 -12.66
C ARG G 130 3.79 6.85 -12.55
N ILE G 131 4.61 5.80 -12.46
CA ILE G 131 4.08 4.45 -12.29
C ILE G 131 3.51 4.28 -10.89
N ARG G 132 4.18 4.82 -9.87
CA ARG G 132 3.66 4.72 -8.52
C ARG G 132 2.46 5.62 -8.26
N GLY G 133 2.14 6.53 -9.18
CA GLY G 133 0.95 7.33 -9.04
C GLY G 133 1.13 8.61 -8.25
N GLU G 134 2.04 9.46 -8.70
CA GLU G 134 2.26 10.76 -8.07
C GLU G 134 2.31 11.88 -9.11
N VAL H 22 11.44 32.77 12.32
CA VAL H 22 11.20 32.42 10.91
C VAL H 22 12.47 31.79 10.32
N LEU H 23 12.28 30.74 9.52
CA LEU H 23 13.37 30.01 8.90
C LEU H 23 13.17 29.96 7.39
N ARG H 24 14.28 29.93 6.66
CA ARG H 24 14.27 29.84 5.21
C ARG H 24 15.28 28.81 4.76
N ASP H 25 15.19 28.49 3.44
CA ASP H 25 16.11 27.72 2.58
C ASP H 25 16.81 26.56 3.29
N ASN H 26 16.09 25.80 4.11
CA ASN H 26 16.66 24.62 4.73
C ASN H 26 16.54 23.38 3.85
N ILE H 27 15.97 23.52 2.65
CA ILE H 27 15.93 22.41 1.70
C ILE H 27 17.34 22.05 1.24
N GLN H 28 18.24 23.02 1.21
CA GLN H 28 19.65 22.74 0.91
C GLN H 28 20.41 22.28 2.14
N GLY H 29 19.76 22.22 3.30
CA GLY H 29 20.41 21.70 4.49
C GLY H 29 20.74 20.23 4.40
N ILE H 30 19.96 19.46 3.65
CA ILE H 30 20.28 18.06 3.39
C ILE H 30 21.42 18.06 2.37
N THR H 31 22.62 17.75 2.85
CA THR H 31 23.82 17.95 2.06
C THR H 31 23.96 16.89 0.97
N LYS H 32 24.93 17.12 0.09
CA LYS H 32 25.17 16.26 -1.06
C LYS H 32 25.50 14.80 -0.68
N PRO H 33 26.36 14.50 0.31
CA PRO H 33 26.52 13.08 0.67
C PRO H 33 25.32 12.47 1.36
N ALA H 34 24.36 13.28 1.83
CA ALA H 34 23.17 12.69 2.43
C ALA H 34 22.29 12.03 1.37
N ILE H 35 22.04 12.74 0.25
CA ILE H 35 21.33 12.11 -0.87
C ILE H 35 22.17 10.97 -1.43
N ARG H 36 23.50 11.13 -1.43
CA ARG H 36 24.38 10.04 -1.86
C ARG H 36 24.21 8.80 -0.97
N ARG H 37 24.10 8.99 0.35
CA ARG H 37 24.00 7.84 1.26
C ARG H 37 22.63 7.20 1.20
N LEU H 38 21.56 7.99 1.02
CA LEU H 38 20.25 7.40 0.77
C LEU H 38 20.21 6.63 -0.54
N ALA H 39 20.97 7.08 -1.54
CA ALA H 39 21.15 6.28 -2.74
C ALA H 39 21.92 5.00 -2.43
N ARG H 40 22.90 5.09 -1.53
CA ARG H 40 23.72 3.92 -1.19
C ARG H 40 22.93 2.86 -0.44
N ARG H 41 21.93 3.27 0.35
CA ARG H 41 21.08 2.29 1.00
C ARG H 41 20.21 1.55 -0.02
N GLY H 42 19.74 2.26 -1.04
CA GLY H 42 18.91 1.66 -2.06
C GLY H 42 19.63 0.84 -3.11
N GLY H 43 20.96 0.78 -3.06
CA GLY H 43 21.71 0.01 -4.02
C GLY H 43 22.16 0.76 -5.24
N VAL H 44 22.14 2.09 -5.20
CA VAL H 44 22.42 2.88 -6.39
C VAL H 44 23.93 2.95 -6.59
N LYS H 45 24.39 2.65 -7.80
CA LYS H 45 25.83 2.67 -8.08
C LYS H 45 26.34 4.07 -8.41
N ARG H 46 25.79 4.70 -9.45
CA ARG H 46 26.28 5.98 -9.92
C ARG H 46 25.13 6.97 -10.00
N ILE H 47 25.39 8.21 -9.60
CA ILE H 47 24.36 9.23 -9.45
C ILE H 47 24.75 10.43 -10.29
N SER H 48 23.85 10.88 -11.15
CA SER H 48 24.10 12.10 -11.91
C SER H 48 23.81 13.33 -11.05
N GLY H 49 24.35 14.47 -11.50
CA GLY H 49 24.25 15.70 -10.73
C GLY H 49 22.86 16.30 -10.65
N LEU H 50 21.97 15.94 -11.58
CA LEU H 50 20.63 16.48 -11.59
C LEU H 50 19.67 15.71 -10.68
N ILE H 51 20.15 14.65 -10.03
CA ILE H 51 19.30 13.87 -9.14
C ILE H 51 18.97 14.64 -7.87
N TYR H 52 19.95 15.40 -7.36
CA TYR H 52 19.90 15.88 -5.97
C TYR H 52 18.80 16.90 -5.74
N GLU H 53 18.65 17.86 -6.65
CA GLU H 53 17.63 18.89 -6.48
C GLU H 53 16.23 18.31 -6.66
N GLU H 54 16.08 17.33 -7.55
CA GLU H 54 14.76 16.73 -7.77
C GLU H 54 14.38 15.84 -6.58
N THR H 55 15.38 15.18 -5.97
CA THR H 55 15.11 14.43 -4.74
C THR H 55 14.75 15.37 -3.61
N ARG H 56 15.38 16.55 -3.56
CA ARG H 56 14.97 17.58 -2.61
C ARG H 56 13.53 18.02 -2.85
N GLY H 57 13.13 18.16 -4.12
CA GLY H 57 11.77 18.55 -4.43
C GLY H 57 10.73 17.50 -4.05
N VAL H 58 11.02 16.22 -4.33
CA VAL H 58 10.07 15.17 -3.97
C VAL H 58 10.04 14.97 -2.45
N LEU H 59 11.18 15.21 -1.78
CA LEU H 59 11.21 15.15 -0.34
C LEU H 59 10.36 16.26 0.25
N LYS H 60 10.42 17.46 -0.37
CA LYS H 60 9.62 18.59 0.06
C LYS H 60 8.13 18.35 -0.13
N VAL H 61 7.73 17.75 -1.26
CA VAL H 61 6.29 17.52 -1.46
C VAL H 61 5.79 16.44 -0.52
N PHE H 62 6.65 15.46 -0.19
CA PHE H 62 6.29 14.47 0.82
C PHE H 62 6.06 15.12 2.18
N LEU H 63 6.97 16.03 2.58
CA LEU H 63 6.74 16.78 3.83
C LEU H 63 5.49 17.65 3.79
N GLU H 64 5.22 18.35 2.67
CA GLU H 64 4.07 19.25 2.69
C GLU H 64 2.76 18.48 2.82
N ASN H 65 2.61 17.34 2.13
CA ASN H 65 1.36 16.60 2.29
C ASN H 65 1.26 15.93 3.66
N VAL H 66 2.38 15.34 4.15
CA VAL H 66 2.33 14.62 5.42
C VAL H 66 2.11 15.59 6.59
N ILE H 67 2.85 16.69 6.62
CA ILE H 67 2.67 17.69 7.66
C ILE H 67 1.32 18.39 7.54
N ARG H 68 0.75 18.51 6.33
CA ARG H 68 -0.61 19.06 6.22
C ARG H 68 -1.63 18.16 6.89
N ASP H 69 -1.53 16.85 6.65
CA ASP H 69 -2.41 15.90 7.34
C ASP H 69 -2.20 15.94 8.85
N ALA H 70 -0.94 15.98 9.28
CA ALA H 70 -0.62 15.96 10.70
C ALA H 70 -1.12 17.23 11.40
N VAL H 71 -0.97 18.39 10.75
CA VAL H 71 -1.40 19.62 11.40
C VAL H 71 -2.92 19.68 11.42
N THR H 72 -3.59 19.07 10.44
CA THR H 72 -5.06 19.02 10.49
C THR H 72 -5.53 18.17 11.65
N TYR H 73 -4.87 17.03 11.88
CA TYR H 73 -5.17 16.20 13.05
C TYR H 73 -4.93 16.95 14.36
N THR H 74 -3.84 17.72 14.44
CA THR H 74 -3.55 18.42 15.70
C THR H 74 -4.46 19.62 15.91
N GLU H 75 -4.91 20.28 14.84
CA GLU H 75 -5.90 21.34 15.00
C GLU H 75 -7.24 20.79 15.40
N HIS H 76 -7.55 19.54 15.03
CA HIS H 76 -8.81 18.96 15.48
C HIS H 76 -8.86 18.76 16.99
N ALA H 77 -7.72 18.43 17.59
CA ALA H 77 -7.71 18.09 19.02
C ALA H 77 -7.44 19.28 19.92
N LYS H 78 -7.37 20.50 19.35
CA LYS H 78 -6.94 21.71 20.07
C LYS H 78 -5.59 21.51 20.76
N ARG H 79 -4.66 20.91 20.04
CA ARG H 79 -3.29 20.76 20.49
C ARG H 79 -2.36 21.51 19.55
N LYS H 80 -1.56 22.41 20.11
CA LYS H 80 -0.50 23.07 19.37
C LYS H 80 0.83 22.35 19.49
N THR H 81 0.85 21.19 20.14
CA THR H 81 2.00 20.29 20.14
C THR H 81 1.65 19.08 19.29
N VAL H 82 2.46 18.83 18.27
CA VAL H 82 2.18 17.74 17.33
C VAL H 82 2.79 16.45 17.88
N THR H 83 1.96 15.43 18.01
CA THR H 83 2.39 14.15 18.55
C THR H 83 2.90 13.22 17.45
N ALA H 84 3.77 12.30 17.83
CA ALA H 84 4.19 11.25 16.90
C ALA H 84 3.06 10.28 16.61
N MET H 85 2.10 10.16 17.52
CA MET H 85 1.01 9.23 17.33
C MET H 85 0.13 9.69 16.17
N ASP H 86 -0.12 11.00 16.09
CA ASP H 86 -0.85 11.56 14.96
C ASP H 86 -0.03 11.48 13.67
N VAL H 87 1.29 11.43 13.77
CA VAL H 87 2.11 11.20 12.59
C VAL H 87 1.91 9.78 12.09
N VAL H 88 1.84 8.80 13.00
CA VAL H 88 1.53 7.42 12.63
C VAL H 88 0.14 7.34 12.00
N TYR H 89 -0.81 8.10 12.54
CA TYR H 89 -2.15 8.25 11.97
C TYR H 89 -2.11 8.76 10.53
N ALA H 90 -1.34 9.82 10.29
CA ALA H 90 -1.31 10.44 8.97
C ALA H 90 -0.62 9.52 7.95
N LEU H 91 0.49 8.89 8.34
CA LEU H 91 1.16 7.96 7.44
C LEU H 91 0.33 6.70 7.20
N LYS H 92 -0.47 6.29 8.18
CA LYS H 92 -1.30 5.11 7.99
C LYS H 92 -2.47 5.41 7.07
N ARG H 93 -3.02 6.64 7.15
CA ARG H 93 -4.07 7.00 6.21
C ARG H 93 -3.51 7.21 4.81
N GLN H 94 -2.28 7.72 4.72
CA GLN H 94 -1.67 7.99 3.42
C GLN H 94 -1.30 6.70 2.69
N GLY H 95 -1.13 5.60 3.42
CA GLY H 95 -0.76 4.34 2.83
C GLY H 95 0.65 3.89 3.14
N ARG H 96 1.29 4.48 4.14
CA ARG H 96 2.68 4.24 4.50
C ARG H 96 2.80 4.05 6.00
N THR H 97 2.00 3.11 6.52
CA THR H 97 1.86 2.85 7.96
C THR H 97 3.21 2.56 8.60
N LEU H 98 3.44 3.18 9.76
CA LEU H 98 4.73 3.09 10.44
C LEU H 98 4.52 2.42 11.80
N TYR H 99 5.54 1.70 12.24
CA TYR H 99 5.46 0.90 13.45
C TYR H 99 6.45 1.39 14.49
N GLY H 100 6.13 1.11 15.76
CA GLY H 100 7.04 1.36 16.87
C GLY H 100 6.87 2.67 17.58
N PHE H 101 6.01 3.56 17.08
CA PHE H 101 5.82 4.87 17.70
C PHE H 101 4.43 5.03 18.29
N GLY H 102 3.90 3.97 18.88
CA GLY H 102 2.60 4.01 19.51
C GLY H 102 1.65 2.93 19.01
N ALA I 13 -49.22 19.28 15.11
CA ALA I 13 -48.32 20.28 14.56
C ALA I 13 -47.85 19.89 13.16
N LYS I 14 -47.63 20.90 12.32
CA LYS I 14 -47.17 20.65 10.96
C LYS I 14 -45.69 20.26 10.97
N ALA I 15 -45.38 19.16 10.30
CA ALA I 15 -44.00 18.66 10.23
C ALA I 15 -43.36 19.11 8.93
N LYS I 16 -42.18 19.70 9.04
CA LYS I 16 -41.40 20.14 7.89
C LYS I 16 -40.16 19.27 7.77
N SER I 17 -39.77 18.96 6.54
CA SER I 17 -38.59 18.14 6.32
C SER I 17 -37.33 18.91 6.72
N ARG I 18 -36.36 18.18 7.27
CA ARG I 18 -35.10 18.79 7.67
C ARG I 18 -34.29 19.23 6.46
N SER I 19 -34.49 18.57 5.31
CA SER I 19 -33.95 19.08 4.05
C SER I 19 -34.58 20.41 3.68
N SER I 20 -35.90 20.54 3.89
CA SER I 20 -36.57 21.81 3.65
C SER I 20 -36.19 22.85 4.68
N ARG I 21 -35.94 22.42 5.92
CA ARG I 21 -35.47 23.35 6.95
C ARG I 21 -34.07 23.86 6.63
N ALA I 22 -33.19 22.99 6.14
CA ALA I 22 -31.86 23.39 5.74
C ALA I 22 -31.82 23.99 4.34
N GLY I 23 -32.90 23.88 3.58
CA GLY I 23 -32.88 24.32 2.19
C GLY I 23 -32.02 23.47 1.28
N LEU I 24 -32.03 22.15 1.48
CA LEU I 24 -31.31 21.21 0.63
C LEU I 24 -32.28 20.21 0.03
N GLN I 25 -31.75 19.26 -0.74
CA GLN I 25 -32.60 18.25 -1.37
C GLN I 25 -32.32 16.84 -0.88
N PHE I 26 -31.08 16.53 -0.45
CA PHE I 26 -30.81 15.21 0.11
C PHE I 26 -31.45 15.05 1.49
N PRO I 27 -31.97 13.85 1.80
CA PRO I 27 -32.69 13.64 3.07
C PRO I 27 -31.76 13.61 4.26
N VAL I 28 -31.98 14.55 5.18
CA VAL I 28 -31.19 14.58 6.41
C VAL I 28 -31.55 13.40 7.30
N GLY I 29 -32.84 13.04 7.33
CA GLY I 29 -33.28 11.94 8.20
C GLY I 29 -32.76 10.59 7.77
N ARG I 30 -32.73 10.33 6.46
CA ARG I 30 -32.18 9.08 5.95
C ARG I 30 -30.69 8.98 6.23
N VAL I 31 -29.98 10.11 6.08
CA VAL I 31 -28.55 10.17 6.40
C VAL I 31 -28.32 9.89 7.88
N HIS I 32 -29.14 10.49 8.75
CA HIS I 32 -29.01 10.28 10.19
C HIS I 32 -29.31 8.83 10.57
N ARG I 33 -30.31 8.23 9.91
CA ARG I 33 -30.62 6.82 10.13
C ARG I 33 -29.47 5.92 9.71
N LEU I 34 -28.87 6.21 8.55
CA LEU I 34 -27.75 5.40 8.07
C LEU I 34 -26.50 5.60 8.93
N LEU I 35 -26.35 6.79 9.50
CA LEU I 35 -25.23 7.03 10.40
C LEU I 35 -25.42 6.31 11.72
N ARG I 36 -26.66 6.27 12.23
CA ARG I 36 -26.91 5.59 13.49
C ARG I 36 -26.82 4.08 13.35
N LYS I 37 -27.32 3.52 12.25
CA LYS I 37 -27.23 2.08 12.03
C LYS I 37 -25.99 1.68 11.23
N GLY I 38 -25.06 2.60 10.99
CA GLY I 38 -23.86 2.29 10.24
C GLY I 38 -22.69 1.79 11.07
N ASN I 39 -22.90 1.58 12.38
CA ASN I 39 -21.87 1.12 13.33
C ASN I 39 -20.66 2.04 13.34
N TYR I 40 -20.91 3.33 13.55
CA TYR I 40 -19.86 4.32 13.67
C TYR I 40 -19.65 4.73 15.12
N ALA I 41 -20.70 5.22 15.77
CA ALA I 41 -20.74 5.40 17.22
C ALA I 41 -22.20 5.46 17.62
N GLU I 42 -22.45 5.25 18.92
CA GLU I 42 -23.83 5.23 19.38
C GLU I 42 -24.43 6.62 19.51
N ARG I 43 -23.62 7.68 19.46
CA ARG I 43 -24.11 9.05 19.52
C ARG I 43 -23.80 9.75 18.21
N VAL I 44 -24.78 10.49 17.70
CA VAL I 44 -24.64 11.30 16.49
C VAL I 44 -25.11 12.70 16.80
N GLY I 45 -24.29 13.70 16.48
CA GLY I 45 -24.65 15.08 16.70
C GLY I 45 -25.66 15.59 15.69
N ALA I 46 -26.15 16.81 15.95
CA ALA I 46 -27.18 17.39 15.10
C ALA I 46 -26.61 17.90 13.78
N GLY I 47 -25.44 18.52 13.81
CA GLY I 47 -24.88 19.13 12.61
C GLY I 47 -24.23 18.18 11.63
N ALA I 48 -23.86 16.98 12.08
CA ALA I 48 -23.20 16.00 11.22
C ALA I 48 -24.05 15.54 10.03
N PRO I 49 -25.34 15.15 10.16
CA PRO I 49 -26.06 14.72 8.95
C PRO I 49 -26.35 15.84 7.96
N VAL I 50 -26.65 17.05 8.43
CA VAL I 50 -26.90 18.15 7.51
C VAL I 50 -25.60 18.58 6.83
N TYR I 51 -24.48 18.51 7.54
CA TYR I 51 -23.18 18.81 6.93
C TYR I 51 -22.82 17.75 5.89
N MET I 52 -23.16 16.49 6.19
CA MET I 52 -22.96 15.39 5.27
C MET I 52 -23.76 15.59 4.00
N ALA I 53 -25.03 15.99 4.16
CA ALA I 53 -25.89 16.24 3.01
C ALA I 53 -25.35 17.40 2.18
N ALA I 54 -24.83 18.43 2.86
CA ALA I 54 -24.29 19.59 2.15
C ALA I 54 -23.09 19.23 1.27
N VAL I 55 -22.15 18.44 1.81
CA VAL I 55 -20.99 18.08 1.00
C VAL I 55 -21.38 17.09 -0.10
N LEU I 56 -22.40 16.26 0.14
CA LEU I 56 -22.87 15.35 -0.90
C LEU I 56 -23.53 16.11 -2.05
N GLU I 57 -24.35 17.12 -1.75
CA GLU I 57 -24.92 17.95 -2.82
C GLU I 57 -23.85 18.74 -3.55
N TYR I 58 -22.80 19.17 -2.86
CA TYR I 58 -21.71 19.86 -3.56
C TYR I 58 -21.06 18.92 -4.58
N LEU I 59 -20.73 17.69 -4.16
CA LEU I 59 -20.05 16.76 -5.06
C LEU I 59 -20.93 16.37 -6.23
N THR I 60 -22.21 16.08 -5.96
CA THR I 60 -23.12 15.68 -7.03
C THR I 60 -23.40 16.83 -7.99
N ALA I 61 -23.58 18.05 -7.46
CA ALA I 61 -23.83 19.20 -8.31
C ALA I 61 -22.64 19.50 -9.21
N GLU I 62 -21.43 19.42 -8.66
CA GLU I 62 -20.23 19.70 -9.46
C GLU I 62 -20.03 18.66 -10.56
N ILE I 63 -20.18 17.37 -10.22
CA ILE I 63 -19.94 16.32 -11.21
C ILE I 63 -21.03 16.31 -12.27
N LEU I 64 -22.30 16.51 -11.88
CA LEU I 64 -23.35 16.60 -12.88
C LEU I 64 -23.24 17.85 -13.75
N GLU I 65 -22.75 18.97 -13.20
CA GLU I 65 -22.51 20.13 -14.05
C GLU I 65 -21.39 19.89 -15.06
N LEU I 66 -20.31 19.24 -14.62
CA LEU I 66 -19.22 18.92 -15.55
C LEU I 66 -19.68 17.93 -16.62
N ALA I 67 -20.50 16.95 -16.23
CA ALA I 67 -21.09 16.04 -17.20
C ALA I 67 -22.06 16.75 -18.13
N GLY I 68 -22.74 17.78 -17.64
CA GLY I 68 -23.60 18.59 -18.49
C GLY I 68 -22.83 19.35 -19.55
N ASN I 69 -21.68 19.92 -19.16
CA ASN I 69 -20.81 20.55 -20.17
C ASN I 69 -20.25 19.52 -21.15
N ALA I 70 -19.91 18.33 -20.66
CA ALA I 70 -19.37 17.28 -21.53
C ALA I 70 -20.42 16.77 -22.51
N ALA I 71 -21.69 16.77 -22.09
CA ALA I 71 -22.77 16.42 -23.02
C ALA I 71 -23.08 17.57 -23.96
N ARG I 72 -22.91 18.81 -23.48
CA ARG I 72 -23.29 19.97 -24.28
C ARG I 72 -22.32 20.20 -25.43
N ASP I 73 -21.00 20.09 -25.18
CA ASP I 73 -20.05 20.26 -26.27
C ASP I 73 -19.96 19.04 -27.17
N ASN I 74 -20.51 17.90 -26.75
CA ASN I 74 -20.64 16.73 -27.60
C ASN I 74 -21.96 16.69 -28.34
N LYS I 75 -22.82 17.71 -28.17
CA LYS I 75 -24.14 17.81 -28.77
C LYS I 75 -25.03 16.62 -28.42
N LYS I 76 -25.05 16.27 -27.14
CA LYS I 76 -25.87 15.18 -26.63
C LYS I 76 -26.77 15.69 -25.52
N CYS I 77 -28.02 15.23 -25.52
CA CYS I 77 -28.99 15.66 -24.50
C CYS I 77 -29.18 14.56 -23.45
N ARG I 78 -28.20 13.70 -23.30
CA ARG I 78 -28.28 12.61 -22.33
C ARG I 78 -26.87 12.25 -21.90
N ILE I 79 -26.63 12.22 -20.59
CA ILE I 79 -25.30 11.97 -20.07
C ILE I 79 -24.98 10.49 -20.17
N ILE I 80 -23.92 10.16 -20.89
CA ILE I 80 -23.36 8.82 -20.96
C ILE I 80 -22.24 8.77 -19.93
N PRO I 81 -21.90 7.60 -19.38
CA PRO I 81 -20.74 7.51 -18.48
C PRO I 81 -19.40 7.90 -19.11
N ARG I 82 -19.29 7.96 -20.44
CA ARG I 82 -18.10 8.56 -21.05
C ARG I 82 -17.99 10.03 -20.69
N HIS I 83 -19.12 10.74 -20.63
CA HIS I 83 -19.10 12.12 -20.14
C HIS I 83 -18.67 12.18 -18.69
N LEU I 84 -19.06 11.17 -17.89
CA LEU I 84 -18.66 11.12 -16.50
C LEU I 84 -17.15 10.91 -16.35
N GLN I 85 -16.56 10.05 -17.19
CA GLN I 85 -15.11 9.88 -17.11
C GLN I 85 -14.36 11.08 -17.66
N LEU I 86 -14.90 11.73 -18.70
CA LEU I 86 -14.27 12.94 -19.20
C LEU I 86 -14.37 14.08 -18.18
N ALA I 87 -15.39 14.04 -17.33
CA ALA I 87 -15.46 14.98 -16.23
C ALA I 87 -14.47 14.63 -15.12
N ILE I 88 -14.32 13.34 -14.79
CA ILE I 88 -13.61 12.98 -13.57
C ILE I 88 -12.10 12.93 -13.83
N ARG I 89 -11.70 12.73 -15.10
CA ARG I 89 -10.29 12.63 -15.44
C ARG I 89 -9.64 13.97 -15.76
N ASN I 90 -10.44 15.01 -16.02
CA ASN I 90 -9.91 16.30 -16.45
C ASN I 90 -9.65 17.25 -15.29
N ASP I 91 -9.40 16.73 -14.09
CA ASP I 91 -9.10 17.55 -12.93
C ASP I 91 -8.20 16.76 -12.01
N GLU I 92 -7.09 17.38 -11.58
CA GLU I 92 -6.14 16.70 -10.70
C GLU I 92 -6.74 16.42 -9.33
N GLU I 93 -7.60 17.32 -8.84
CA GLU I 93 -8.21 17.10 -7.54
C GLU I 93 -9.25 15.99 -7.61
N LEU I 94 -10.02 15.96 -8.69
CA LEU I 94 -10.97 14.87 -8.89
C LEU I 94 -10.26 13.54 -9.13
N ASN I 95 -9.13 13.58 -9.86
CA ASN I 95 -8.36 12.35 -10.09
C ASN I 95 -7.68 11.89 -8.81
N LYS I 96 -7.26 12.83 -7.97
CA LYS I 96 -6.64 12.47 -6.70
C LYS I 96 -7.67 11.89 -5.74
N LEU I 97 -8.90 12.42 -5.79
CA LEU I 97 -9.97 11.84 -4.99
C LEU I 97 -10.40 10.49 -5.56
N LEU I 98 -10.30 10.30 -6.87
CA LEU I 98 -10.77 9.08 -7.51
C LEU I 98 -9.61 8.37 -8.22
N GLY I 99 -8.48 8.21 -7.54
CA GLY I 99 -7.36 7.51 -8.14
C GLY I 99 -7.62 6.03 -8.36
N LYS I 100 -8.39 5.41 -7.47
CA LYS I 100 -8.60 3.97 -7.47
C LYS I 100 -9.98 3.58 -7.97
N VAL I 101 -10.50 4.27 -8.99
CA VAL I 101 -11.87 4.09 -9.45
C VAL I 101 -11.85 3.30 -10.76
N THR I 102 -12.93 2.55 -11.00
CA THR I 102 -13.21 1.96 -12.29
C THR I 102 -14.68 2.22 -12.63
N ILE I 103 -14.91 3.11 -13.58
CA ILE I 103 -16.24 3.61 -13.91
C ILE I 103 -16.81 2.75 -15.03
N ALA I 104 -18.04 2.26 -14.83
CA ALA I 104 -18.65 1.33 -15.77
C ALA I 104 -19.07 2.02 -17.06
N GLN I 105 -18.71 1.40 -18.19
CA GLN I 105 -19.15 1.78 -19.54
C GLN I 105 -18.72 3.20 -19.89
N GLY I 106 -17.44 3.49 -19.68
CA GLY I 106 -16.94 4.83 -19.95
C GLY I 106 -15.75 4.91 -20.86
N GLY I 107 -14.95 3.84 -20.93
CA GLY I 107 -13.79 3.88 -21.81
C GLY I 107 -12.56 4.46 -21.14
N VAL I 108 -11.89 5.36 -21.85
CA VAL I 108 -10.65 5.97 -21.40
C VAL I 108 -10.50 7.33 -22.07
N LEU I 109 -9.78 8.23 -21.41
CA LEU I 109 -9.52 9.55 -21.97
C LEU I 109 -8.61 9.43 -23.20
N PRO I 110 -8.92 10.16 -24.27
CA PRO I 110 -8.07 10.09 -25.47
C PRO I 110 -6.79 10.90 -25.33
N ASN I 111 -5.66 10.21 -25.23
CA ASN I 111 -4.36 10.86 -25.19
C ASN I 111 -3.40 10.18 -26.15
N ILE I 112 -2.42 10.95 -26.62
CA ILE I 112 -1.43 10.47 -27.57
C ILE I 112 -0.04 10.72 -27.00
N GLN I 113 0.92 9.89 -27.40
CA GLN I 113 2.30 10.04 -26.96
C GLN I 113 3.05 10.95 -27.92
N ALA I 114 4.02 11.69 -27.39
CA ALA I 114 4.77 12.65 -28.20
C ALA I 114 5.70 11.94 -29.18
N VAL I 115 6.28 10.81 -28.78
CA VAL I 115 7.21 10.11 -29.65
C VAL I 115 6.46 9.37 -30.75
N LEU I 116 5.22 8.95 -30.47
CA LEU I 116 4.46 8.16 -31.43
C LEU I 116 3.87 9.01 -32.55
N LEU I 117 3.92 10.34 -32.42
CA LEU I 117 3.51 11.21 -33.51
C LEU I 117 4.51 11.11 -34.66
N PRO I 118 4.05 11.28 -35.90
CA PRO I 118 4.97 11.27 -37.04
C PRO I 118 5.93 12.44 -37.02
N LYS I 119 7.11 12.23 -37.59
CA LYS I 119 8.15 13.27 -37.59
C LYS I 119 7.76 14.43 -38.49
N LYS I 120 7.14 14.15 -39.62
CA LYS I 120 6.71 15.20 -40.54
C LYS I 120 5.18 15.22 -40.65
N ARG J 32 -41.06 -5.42 -6.07
CA ARG J 32 -41.32 -5.05 -4.69
C ARG J 32 -40.22 -5.58 -3.78
N SER J 33 -39.02 -5.01 -3.90
CA SER J 33 -37.89 -5.43 -3.10
C SER J 33 -37.28 -4.30 -2.28
N ARG J 34 -37.67 -3.04 -2.52
CA ARG J 34 -37.21 -1.86 -1.78
C ARG J 34 -35.68 -1.72 -1.85
N LYS J 35 -35.21 -1.47 -3.08
CA LYS J 35 -33.78 -1.31 -3.34
C LYS J 35 -33.24 -0.08 -2.60
N GLU J 36 -34.01 1.01 -2.58
CA GLU J 36 -33.71 2.26 -1.85
C GLU J 36 -32.40 2.86 -2.37
N SER J 37 -32.47 3.33 -3.61
CA SER J 37 -31.38 4.05 -4.24
C SER J 37 -31.59 5.55 -4.05
N TYR J 38 -30.69 6.36 -4.62
CA TYR J 38 -30.77 7.81 -4.56
C TYR J 38 -31.02 8.42 -5.94
N SER J 39 -31.71 7.69 -6.82
CA SER J 39 -31.78 8.09 -8.23
C SER J 39 -32.66 9.31 -8.43
N ILE J 40 -33.81 9.36 -7.75
CA ILE J 40 -34.74 10.47 -7.96
C ILE J 40 -34.19 11.76 -7.32
N TYR J 41 -33.36 11.62 -6.27
CA TYR J 41 -32.82 12.80 -5.62
C TYR J 41 -31.72 13.44 -6.45
N VAL J 42 -30.82 12.63 -7.02
CA VAL J 42 -29.82 13.18 -7.92
C VAL J 42 -30.47 13.63 -9.22
N TYR J 43 -31.60 13.02 -9.60
CA TYR J 43 -32.40 13.52 -10.71
C TYR J 43 -32.94 14.91 -10.43
N LYS J 44 -33.41 15.13 -9.19
CA LYS J 44 -33.90 16.44 -8.78
C LYS J 44 -32.79 17.48 -8.81
N VAL J 45 -31.59 17.12 -8.34
CA VAL J 45 -30.53 18.13 -8.31
C VAL J 45 -29.97 18.40 -9.71
N LEU J 46 -30.00 17.40 -10.61
CA LEU J 46 -29.52 17.67 -11.95
C LEU J 46 -30.53 18.48 -12.74
N LYS J 47 -31.83 18.24 -12.53
CA LYS J 47 -32.83 19.11 -13.14
C LYS J 47 -32.83 20.49 -12.51
N GLN J 48 -32.35 20.61 -11.26
CA GLN J 48 -32.15 21.92 -10.67
C GLN J 48 -31.01 22.66 -11.37
N VAL J 49 -29.90 21.98 -11.62
CA VAL J 49 -28.73 22.68 -12.14
C VAL J 49 -28.68 22.66 -13.67
N HIS J 50 -29.22 21.63 -14.32
CA HIS J 50 -29.30 21.53 -15.77
C HIS J 50 -30.73 21.18 -16.14
N PRO J 51 -31.59 22.18 -16.36
CA PRO J 51 -33.03 21.90 -16.48
C PRO J 51 -33.44 21.15 -17.73
N ASP J 52 -32.65 21.20 -18.81
CA ASP J 52 -33.09 20.70 -20.11
C ASP J 52 -32.25 19.54 -20.62
N THR J 53 -31.73 18.69 -19.73
CA THR J 53 -30.93 17.54 -20.13
C THR J 53 -31.42 16.29 -19.41
N GLY J 54 -31.66 15.23 -20.18
CA GLY J 54 -31.94 13.92 -19.63
C GLY J 54 -30.66 13.18 -19.31
N ILE J 55 -30.82 11.95 -18.80
CA ILE J 55 -29.69 11.17 -18.32
C ILE J 55 -30.10 9.70 -18.28
N SER J 56 -29.13 8.81 -18.51
CA SER J 56 -29.37 7.38 -18.54
C SER J 56 -29.34 6.78 -17.14
N SER J 57 -29.83 5.54 -17.06
CA SER J 57 -29.84 4.82 -15.78
C SER J 57 -28.45 4.32 -15.41
N LYS J 58 -27.57 4.17 -16.39
CA LYS J 58 -26.17 3.80 -16.11
C LYS J 58 -25.48 4.90 -15.30
N ALA J 59 -25.74 6.16 -15.66
CA ALA J 59 -25.19 7.27 -14.88
C ALA J 59 -25.83 7.36 -13.50
N MET J 60 -27.10 6.94 -13.38
CA MET J 60 -27.70 6.78 -12.05
C MET J 60 -26.96 5.75 -11.22
N GLY J 61 -26.57 4.62 -11.84
CA GLY J 61 -25.79 3.63 -11.12
C GLY J 61 -24.42 4.15 -10.70
N ILE J 62 -23.74 4.87 -11.62
CA ILE J 62 -22.45 5.49 -11.31
C ILE J 62 -22.58 6.48 -10.17
N MET J 63 -23.61 7.33 -10.20
CA MET J 63 -23.75 8.36 -9.16
C MET J 63 -24.17 7.76 -7.83
N ASN J 64 -25.02 6.74 -7.84
CA ASN J 64 -25.41 6.08 -6.59
C ASN J 64 -24.22 5.38 -5.95
N SER J 65 -23.40 4.70 -6.77
CA SER J 65 -22.18 4.09 -6.27
C SER J 65 -21.20 5.15 -5.77
N PHE J 66 -21.17 6.32 -6.43
CA PHE J 66 -20.29 7.40 -6.00
C PHE J 66 -20.69 7.96 -4.65
N VAL J 67 -21.98 8.22 -4.47
CA VAL J 67 -22.46 8.79 -3.21
C VAL J 67 -22.26 7.79 -2.08
N ASN J 68 -22.54 6.50 -2.35
CA ASN J 68 -22.34 5.48 -1.33
C ASN J 68 -20.86 5.30 -0.96
N ASP J 69 -19.98 5.29 -1.96
CA ASP J 69 -18.56 5.09 -1.72
C ASP J 69 -17.96 6.27 -0.97
N ILE J 70 -18.26 7.50 -1.43
CA ILE J 70 -17.77 8.69 -0.76
C ILE J 70 -18.31 8.78 0.66
N PHE J 71 -19.60 8.46 0.83
CA PHE J 71 -20.24 8.50 2.15
C PHE J 71 -19.61 7.52 3.12
N GLU J 72 -19.33 6.30 2.69
CA GLU J 72 -18.73 5.34 3.61
C GLU J 72 -17.28 5.71 3.91
N ARG J 73 -16.57 6.29 2.94
CA ARG J 73 -15.22 6.78 3.18
C ARG J 73 -15.19 7.86 4.25
N ILE J 74 -16.00 8.90 4.07
CA ILE J 74 -15.95 10.05 4.97
C ILE J 74 -16.57 9.70 6.32
N ALA J 75 -17.54 8.78 6.34
CA ALA J 75 -18.13 8.36 7.61
C ALA J 75 -17.17 7.48 8.40
N GLY J 76 -16.42 6.61 7.71
CA GLY J 76 -15.38 5.85 8.38
C GLY J 76 -14.29 6.72 8.95
N GLU J 77 -13.89 7.76 8.20
CA GLU J 77 -12.90 8.69 8.71
C GLU J 77 -13.43 9.50 9.90
N ALA J 78 -14.72 9.87 9.86
CA ALA J 78 -15.31 10.63 10.97
C ALA J 78 -15.40 9.78 12.23
N SER J 79 -15.84 8.53 12.10
CA SER J 79 -15.92 7.63 13.25
C SER J 79 -14.52 7.31 13.77
N ARG J 80 -13.56 7.16 12.86
CA ARG J 80 -12.18 6.88 13.22
C ARG J 80 -11.57 8.04 13.99
N LEU J 81 -11.84 9.26 13.55
CA LEU J 81 -11.36 10.45 14.25
C LEU J 81 -12.04 10.61 15.60
N ALA J 82 -13.34 10.26 15.69
CA ALA J 82 -14.03 10.31 16.97
C ALA J 82 -13.46 9.31 17.96
N HIS J 83 -13.08 8.12 17.47
CA HIS J 83 -12.39 7.14 18.30
C HIS J 83 -10.99 7.62 18.71
N TYR J 84 -10.35 8.41 17.85
CA TYR J 84 -9.02 8.96 18.16
C TYR J 84 -9.04 9.90 19.36
N ASN J 85 -10.13 10.63 19.59
CA ASN J 85 -10.16 11.62 20.64
C ASN J 85 -10.94 11.16 21.87
N LYS J 86 -11.20 9.85 21.98
CA LYS J 86 -12.03 9.25 23.03
C LYS J 86 -13.41 9.90 23.09
N ARG J 87 -13.94 10.24 21.93
CA ARG J 87 -15.24 10.88 21.82
C ARG J 87 -16.27 9.88 21.29
N SER J 88 -17.42 9.86 21.94
CA SER J 88 -18.45 8.89 21.62
C SER J 88 -19.47 9.40 20.62
N THR J 89 -19.29 10.61 20.10
CA THR J 89 -20.24 11.21 19.18
C THR J 89 -19.53 11.68 17.92
N ILE J 90 -20.33 11.92 16.88
CA ILE J 90 -19.88 12.61 15.68
C ILE J 90 -20.74 13.85 15.54
N THR J 91 -20.11 15.02 15.58
CA THR J 91 -20.77 16.30 15.40
C THR J 91 -20.19 16.98 14.17
N SER J 92 -20.54 18.26 14.00
CA SER J 92 -20.07 19.03 12.85
C SER J 92 -18.55 19.22 12.86
N ARG J 93 -17.92 19.15 14.04
CA ARG J 93 -16.49 19.39 14.13
C ARG J 93 -15.69 18.21 13.61
N GLU J 94 -16.14 16.98 13.91
CA GLU J 94 -15.41 15.80 13.44
C GLU J 94 -15.53 15.63 11.94
N ILE J 95 -16.75 15.76 11.40
CA ILE J 95 -16.94 15.68 9.97
C ILE J 95 -16.34 16.89 9.27
N GLN J 96 -16.26 18.03 9.98
CA GLN J 96 -15.56 19.22 9.52
C GLN J 96 -14.09 18.94 9.26
N THR J 97 -13.39 18.39 10.25
CA THR J 97 -11.99 18.04 10.08
C THR J 97 -11.81 16.94 9.05
N ALA J 98 -12.75 15.99 9.00
CA ALA J 98 -12.60 14.86 8.09
C ALA J 98 -12.78 15.28 6.63
N VAL J 99 -13.65 16.24 6.36
CA VAL J 99 -13.80 16.71 4.97
C VAL J 99 -12.65 17.65 4.63
N ARG J 100 -12.06 18.31 5.63
CA ARG J 100 -10.78 18.97 5.38
C ARG J 100 -9.67 17.98 5.06
N LEU J 101 -9.74 16.77 5.61
CA LEU J 101 -8.74 15.75 5.32
C LEU J 101 -8.89 15.16 3.92
N LEU J 102 -10.05 14.56 3.62
CA LEU J 102 -10.15 13.74 2.42
C LEU J 102 -10.25 14.54 1.12
N LEU J 103 -11.01 15.63 1.11
CA LEU J 103 -11.13 16.44 -0.10
C LEU J 103 -9.88 17.30 -0.26
N PRO J 104 -9.17 17.20 -1.38
CA PRO J 104 -7.89 17.89 -1.50
C PRO J 104 -7.99 19.36 -1.89
N GLY J 105 -7.25 20.18 -1.15
CA GLY J 105 -6.98 21.55 -1.57
C GLY J 105 -8.18 22.47 -1.45
N GLU J 106 -8.59 23.02 -2.60
CA GLU J 106 -9.63 24.05 -2.62
C GLU J 106 -11.03 23.46 -2.64
N LEU J 107 -11.17 22.20 -3.07
CA LEU J 107 -12.43 21.47 -2.85
C LEU J 107 -12.79 21.45 -1.37
N ALA J 108 -11.79 21.30 -0.51
CA ALA J 108 -12.02 21.30 0.93
C ALA J 108 -12.57 22.64 1.41
N LYS J 109 -11.97 23.76 0.98
CA LYS J 109 -12.41 25.05 1.50
C LYS J 109 -13.77 25.45 0.95
N HIS J 110 -14.07 25.13 -0.32
CA HIS J 110 -15.39 25.41 -0.86
C HIS J 110 -16.45 24.54 -0.20
N ALA J 111 -16.13 23.26 0.03
CA ALA J 111 -17.06 22.35 0.67
C ALA J 111 -17.34 22.76 2.11
N VAL J 112 -16.32 23.21 2.84
CA VAL J 112 -16.56 23.57 4.23
C VAL J 112 -17.29 24.91 4.31
N SER J 113 -17.10 25.78 3.30
CA SER J 113 -17.88 27.01 3.27
C SER J 113 -19.36 26.73 3.04
N GLU J 114 -19.68 25.88 2.06
CA GLU J 114 -21.09 25.60 1.79
C GLU J 114 -21.72 24.76 2.89
N GLY J 115 -20.95 23.87 3.52
CA GLY J 115 -21.45 23.13 4.66
C GLY J 115 -21.68 24.01 5.87
N THR J 116 -20.80 25.00 6.08
CA THR J 116 -20.97 25.94 7.19
C THR J 116 -22.22 26.79 7.02
N LYS J 117 -22.46 27.30 5.80
CA LYS J 117 -23.67 28.11 5.62
C LYS J 117 -24.92 27.23 5.66
N ALA J 118 -24.81 25.96 5.24
CA ALA J 118 -25.94 25.05 5.32
C ALA J 118 -26.31 24.74 6.78
N VAL J 119 -25.32 24.45 7.61
CA VAL J 119 -25.60 24.14 9.01
C VAL J 119 -25.99 25.41 9.77
N THR J 120 -25.54 26.58 9.30
CA THR J 120 -25.97 27.83 9.90
C THR J 120 -27.44 28.12 9.59
N LYS J 121 -27.85 27.88 8.35
CA LYS J 121 -29.25 28.08 7.99
C LYS J 121 -30.16 27.07 8.67
N TYR J 122 -29.70 25.82 8.80
CA TYR J 122 -30.48 24.82 9.52
C TYR J 122 -30.55 25.13 11.02
N THR J 123 -29.49 25.71 11.57
CA THR J 123 -29.49 26.08 12.99
C THR J 123 -30.51 27.17 13.27
N SER J 124 -30.56 28.20 12.42
CA SER J 124 -31.55 29.25 12.56
C SER J 124 -32.95 28.79 12.16
N SER J 125 -33.06 27.69 11.43
CA SER J 125 -34.32 27.09 10.97
C SER J 125 -35.20 28.06 10.18
N GLU K 21 1.69 34.52 -0.34
CA GLU K 21 2.47 33.38 -0.80
C GLU K 21 2.28 33.16 -2.30
N VAL K 22 1.03 33.31 -2.77
CA VAL K 22 0.73 33.14 -4.18
C VAL K 22 1.26 34.36 -4.94
N GLN K 23 2.17 34.11 -5.87
CA GLN K 23 2.80 35.16 -6.65
C GLN K 23 2.70 34.83 -8.13
N LEU K 24 2.41 35.84 -8.94
CA LEU K 24 2.32 35.72 -10.39
C LEU K 24 3.33 36.67 -11.01
N GLN K 25 4.50 36.15 -11.35
CA GLN K 25 5.55 36.98 -11.93
C GLN K 25 5.28 37.22 -13.42
N GLN K 26 5.43 38.47 -13.84
CA GLN K 26 5.20 38.85 -15.22
C GLN K 26 6.33 39.75 -15.68
N SER K 27 6.43 39.91 -17.00
CA SER K 27 7.45 40.77 -17.58
C SER K 27 7.01 42.24 -17.54
N GLY K 28 7.91 43.11 -17.98
CA GLY K 28 7.65 44.53 -18.00
C GLY K 28 6.97 44.99 -19.26
N PRO K 29 6.73 46.30 -19.39
CA PRO K 29 6.13 46.83 -20.62
C PRO K 29 7.10 46.75 -21.80
N GLU K 30 6.53 46.61 -22.99
CA GLU K 30 7.31 46.44 -24.21
C GLU K 30 6.89 47.48 -25.25
N LEU K 31 7.88 48.01 -25.95
CA LEU K 31 7.67 48.92 -27.08
C LEU K 31 7.90 48.13 -28.36
N VAL K 32 6.82 47.64 -28.97
CA VAL K 32 6.90 46.75 -30.12
C VAL K 32 6.21 47.42 -31.31
N GLU K 33 6.88 47.41 -32.46
CA GLU K 33 6.26 47.85 -33.69
C GLU K 33 5.22 46.82 -34.14
N PRO K 34 4.15 47.26 -34.82
CA PRO K 34 3.05 46.33 -35.14
C PRO K 34 3.44 45.25 -36.13
N GLY K 35 2.73 44.11 -36.04
CA GLY K 35 2.99 42.97 -36.87
C GLY K 35 4.04 42.01 -36.36
N THR K 36 4.61 42.26 -35.18
CA THR K 36 5.69 41.45 -34.65
C THR K 36 5.14 40.45 -33.63
N SER K 37 5.79 39.29 -33.53
CA SER K 37 5.42 38.22 -32.61
C SER K 37 5.96 38.55 -31.22
N VAL K 38 5.06 38.60 -30.23
CA VAL K 38 5.40 38.91 -28.86
C VAL K 38 4.97 37.76 -27.96
N LYS K 39 5.88 37.30 -27.11
CA LYS K 39 5.60 36.25 -26.13
C LYS K 39 6.07 36.72 -24.76
N MET K 40 5.20 36.59 -23.75
CA MET K 40 5.52 36.99 -22.39
C MET K 40 5.16 35.86 -21.42
N PRO K 41 5.90 35.73 -20.32
CA PRO K 41 5.61 34.65 -19.37
C PRO K 41 4.65 35.06 -18.26
N CYS K 42 4.15 34.05 -17.56
CA CYS K 42 3.26 34.19 -16.41
C CYS K 42 3.72 33.25 -15.30
N LYS K 43 5.00 33.36 -14.94
CA LYS K 43 5.61 32.49 -13.93
C LYS K 43 4.92 32.62 -12.57
N ALA K 44 4.62 31.47 -11.97
CA ALA K 44 3.89 31.39 -10.72
C ALA K 44 4.63 30.52 -9.73
N SER K 45 4.40 30.78 -8.44
CA SER K 45 5.03 30.02 -7.37
C SER K 45 4.17 30.16 -6.12
N GLY K 46 4.61 29.49 -5.05
CA GLY K 46 3.91 29.52 -3.78
C GLY K 46 2.75 28.56 -3.67
N TYR K 47 2.49 27.77 -4.70
CA TYR K 47 1.38 26.82 -4.70
C TYR K 47 1.67 25.76 -5.75
N THR K 48 0.84 24.72 -5.77
CA THR K 48 0.99 23.65 -6.74
C THR K 48 0.57 24.17 -8.12
N PHE K 49 1.55 24.31 -9.02
CA PHE K 49 1.38 25.07 -10.26
C PHE K 49 0.35 24.43 -11.18
N THR K 50 0.30 23.10 -11.21
CA THR K 50 -0.63 22.42 -12.11
C THR K 50 -2.06 22.45 -11.60
N SER K 51 -2.26 22.67 -10.30
CA SER K 51 -3.58 22.48 -9.68
C SER K 51 -4.59 23.56 -10.05
N TYR K 52 -4.14 24.69 -10.59
CA TYR K 52 -5.02 25.81 -10.89
C TYR K 52 -4.91 26.16 -12.36
N THR K 53 -6.04 26.52 -12.97
CA THR K 53 -6.01 27.12 -14.30
C THR K 53 -5.40 28.51 -14.22
N ILE K 54 -4.86 28.96 -15.34
CA ILE K 54 -4.36 30.33 -15.46
C ILE K 54 -5.18 31.03 -16.55
N GLN K 55 -5.78 32.16 -16.18
CA GLN K 55 -6.63 32.94 -17.07
C GLN K 55 -5.83 34.09 -17.65
N TRP K 56 -6.35 34.71 -18.69
CA TRP K 56 -5.70 35.85 -19.33
C TRP K 56 -6.75 36.91 -19.66
N VAL K 57 -6.41 38.16 -19.41
CA VAL K 57 -7.33 39.28 -19.61
C VAL K 57 -6.52 40.52 -19.99
N LYS K 58 -7.06 41.30 -20.92
CA LYS K 58 -6.49 42.58 -21.29
C LYS K 58 -7.48 43.69 -20.97
N GLN K 59 -6.95 44.89 -20.70
CA GLN K 59 -7.78 46.04 -20.36
C GLN K 59 -7.39 47.20 -21.24
N THR K 60 -8.37 47.78 -21.91
CA THR K 60 -8.19 48.97 -22.74
C THR K 60 -8.95 50.13 -22.10
N PRO K 61 -8.50 51.37 -22.30
CA PRO K 61 -9.26 52.52 -21.79
C PRO K 61 -10.63 52.70 -22.43
N ARG K 62 -10.86 52.13 -23.62
CA ARG K 62 -12.11 52.33 -24.33
C ARG K 62 -13.09 51.17 -24.19
N GLN K 63 -12.62 49.95 -23.92
CA GLN K 63 -13.50 48.81 -23.72
C GLN K 63 -13.43 48.21 -22.33
N GLY K 64 -12.45 48.61 -21.51
CA GLY K 64 -12.35 48.04 -20.19
C GLY K 64 -11.69 46.67 -20.22
N LEU K 65 -11.90 45.92 -19.14
CA LEU K 65 -11.39 44.57 -19.02
C LEU K 65 -12.12 43.65 -20.01
N GLU K 66 -11.38 42.73 -20.62
CA GLU K 66 -11.94 41.86 -21.64
C GLU K 66 -11.19 40.54 -21.64
N TRP K 67 -11.92 39.45 -21.39
CA TRP K 67 -11.31 38.14 -21.24
C TRP K 67 -10.78 37.61 -22.58
N ILE K 68 -9.62 36.94 -22.53
CA ILE K 68 -8.96 36.42 -23.71
C ILE K 68 -9.08 34.89 -23.79
N GLY K 69 -8.52 34.20 -22.81
CA GLY K 69 -8.53 32.75 -22.84
C GLY K 69 -7.83 32.19 -21.62
N TYR K 70 -7.79 30.86 -21.55
CA TYR K 70 -7.15 30.18 -20.44
C TYR K 70 -6.61 28.83 -20.89
N ILE K 71 -5.64 28.34 -20.14
CA ILE K 71 -5.05 27.02 -20.35
C ILE K 71 -4.98 26.28 -19.02
N TYR K 72 -5.25 24.99 -19.06
CA TYR K 72 -5.19 24.13 -17.88
C TYR K 72 -4.05 23.13 -18.08
N PRO K 73 -2.99 23.20 -17.27
CA PRO K 73 -1.73 22.52 -17.63
C PRO K 73 -1.77 21.00 -17.54
N TYR K 74 -2.78 20.40 -16.93
CA TYR K 74 -2.86 18.94 -16.85
C TYR K 74 -3.01 18.31 -18.23
N ASN K 75 -3.88 18.87 -19.07
CA ASN K 75 -4.10 18.31 -20.39
C ASN K 75 -3.81 19.31 -21.50
N ALA K 76 -3.22 20.45 -21.16
CA ALA K 76 -3.03 21.61 -22.04
C ALA K 76 -4.33 22.05 -22.70
N GLY K 77 -5.44 22.00 -21.95
CA GLY K 77 -6.73 22.33 -22.52
C GLY K 77 -6.89 23.83 -22.69
N THR K 78 -7.07 24.26 -23.92
CA THR K 78 -7.15 25.68 -24.25
C THR K 78 -8.56 26.01 -24.74
N LYS K 79 -9.08 27.13 -24.25
CA LYS K 79 -10.33 27.68 -24.75
C LYS K 79 -10.11 29.17 -24.95
N TYR K 80 -10.39 29.65 -26.16
CA TYR K 80 -10.15 31.03 -26.53
C TYR K 80 -11.47 31.74 -26.76
N ASN K 81 -11.45 33.07 -26.61
CA ASN K 81 -12.57 33.89 -27.02
C ASN K 81 -12.72 33.85 -28.53
N GLU K 82 -13.96 33.97 -29.00
CA GLU K 82 -14.23 33.82 -30.43
C GLU K 82 -13.65 34.99 -31.23
N LYS K 83 -13.70 36.20 -30.68
CA LYS K 83 -13.13 37.36 -31.36
C LYS K 83 -11.62 37.44 -31.20
N PHE K 84 -11.02 36.64 -30.31
CA PHE K 84 -9.57 36.53 -30.19
C PHE K 84 -9.04 35.24 -30.79
N LYS K 85 -9.87 34.52 -31.54
CA LYS K 85 -9.42 33.27 -32.16
C LYS K 85 -8.44 33.55 -33.28
N GLY K 86 -7.30 32.85 -33.24
CA GLY K 86 -6.20 33.07 -34.17
C GLY K 86 -5.21 34.10 -33.71
N LYS K 87 -5.71 35.22 -33.17
CA LYS K 87 -4.83 36.25 -32.61
C LYS K 87 -4.12 35.74 -31.36
N ALA K 88 -4.84 35.05 -30.49
CA ALA K 88 -4.30 34.56 -29.23
C ALA K 88 -3.74 33.16 -29.39
N THR K 89 -2.68 32.87 -28.63
CA THR K 89 -2.03 31.57 -28.67
C THR K 89 -1.43 31.29 -27.30
N LEU K 90 -1.77 30.15 -26.72
CA LEU K 90 -1.32 29.77 -25.38
C LEU K 90 -0.37 28.58 -25.43
N THR K 91 0.69 28.64 -24.64
CA THR K 91 1.58 27.51 -24.41
C THR K 91 1.86 27.41 -22.92
N SER K 92 2.13 26.20 -22.45
CA SER K 92 2.37 25.93 -21.05
C SER K 92 3.68 25.19 -20.88
N ASP K 93 4.37 25.46 -19.77
CA ASP K 93 5.64 24.82 -19.45
C ASP K 93 5.56 24.33 -18.01
N LYS K 94 5.47 22.99 -17.86
CA LYS K 94 5.37 22.41 -16.52
C LYS K 94 6.72 22.40 -15.81
N SER K 95 7.81 22.43 -16.56
CA SER K 95 9.14 22.32 -15.95
C SER K 95 9.51 23.59 -15.20
N SER K 96 9.30 24.75 -15.80
CA SER K 96 9.63 26.03 -15.19
C SER K 96 8.43 26.71 -14.56
N SER K 97 7.27 26.06 -14.56
CA SER K 97 6.00 26.60 -14.03
C SER K 97 5.64 27.95 -14.67
N THR K 98 5.82 28.03 -15.99
CA THR K 98 5.57 29.25 -16.74
C THR K 98 4.52 28.98 -17.81
N VAL K 99 3.69 29.99 -18.07
CA VAL K 99 2.66 29.92 -19.11
C VAL K 99 2.82 31.13 -20.00
N TYR K 100 2.89 30.90 -21.31
CA TYR K 100 3.17 31.95 -22.27
C TYR K 100 1.95 32.25 -23.13
N MET K 101 1.66 33.54 -23.28
CA MET K 101 0.74 34.06 -24.28
C MET K 101 1.53 34.56 -25.48
N GLU K 102 1.08 34.20 -26.68
CA GLU K 102 1.73 34.60 -27.92
C GLU K 102 0.78 35.51 -28.70
N LEU K 103 1.26 36.69 -29.08
CA LEU K 103 0.50 37.62 -29.90
C LEU K 103 1.19 37.73 -31.25
N SER K 104 0.46 37.38 -32.31
CA SER K 104 0.96 37.44 -33.67
C SER K 104 0.13 38.43 -34.49
N SER K 105 0.82 39.13 -35.39
CA SER K 105 0.24 40.13 -36.31
C SER K 105 -0.47 41.24 -35.51
N LEU K 106 0.36 42.00 -34.79
CA LEU K 106 -0.11 43.03 -33.87
C LEU K 106 -0.90 44.14 -34.56
N THR K 107 -2.18 44.25 -34.22
CA THR K 107 -3.03 45.34 -34.67
C THR K 107 -2.59 46.63 -33.98
N SER K 108 -2.85 47.76 -34.64
CA SER K 108 -2.53 49.07 -34.05
C SER K 108 -3.35 49.33 -32.80
N GLU K 109 -4.56 48.79 -32.73
CA GLU K 109 -5.41 48.93 -31.56
C GLU K 109 -5.20 47.81 -30.54
N ASP K 110 -3.93 47.48 -30.31
CA ASP K 110 -3.55 46.47 -29.33
C ASP K 110 -2.71 47.03 -28.20
N SER K 111 -2.45 48.33 -28.17
CA SER K 111 -1.69 48.95 -27.09
C SER K 111 -2.55 48.96 -25.83
N ALA K 112 -2.33 47.99 -24.95
CA ALA K 112 -3.14 47.84 -23.75
C ALA K 112 -2.32 47.10 -22.70
N VAL K 113 -2.85 47.08 -21.48
CA VAL K 113 -2.23 46.36 -20.38
C VAL K 113 -2.79 44.94 -20.38
N TYR K 114 -1.94 43.96 -20.10
CA TYR K 114 -2.31 42.55 -20.13
C TYR K 114 -2.09 41.93 -18.77
N TYR K 115 -3.11 41.25 -18.26
CA TYR K 115 -3.08 40.62 -16.95
C TYR K 115 -3.31 39.12 -17.09
N CYS K 116 -2.51 38.34 -16.39
CA CYS K 116 -2.76 36.91 -16.24
C CYS K 116 -2.97 36.61 -14.76
N ALA K 117 -4.02 35.87 -14.45
CA ALA K 117 -4.46 35.71 -13.06
C ALA K 117 -4.96 34.29 -12.84
N ARG K 118 -4.89 33.85 -11.58
CA ARG K 118 -5.10 32.45 -11.22
C ARG K 118 -6.56 32.17 -10.93
N LYS K 119 -7.04 31.01 -11.38
CA LYS K 119 -8.41 30.59 -11.16
C LYS K 119 -8.46 29.07 -11.05
N SER K 120 -9.21 28.54 -10.09
CA SER K 120 -9.32 27.10 -9.99
C SER K 120 -10.30 26.54 -11.01
N SER K 121 -10.34 25.21 -11.09
CA SER K 121 -11.14 24.53 -12.09
C SER K 121 -12.63 24.54 -11.80
N ARG K 122 -13.04 24.88 -10.59
CA ARG K 122 -14.46 24.86 -10.26
C ARG K 122 -15.16 26.07 -10.86
N LEU K 123 -16.45 25.88 -11.18
CA LEU K 123 -17.26 27.03 -11.59
C LEU K 123 -17.65 27.87 -10.39
N ARG K 124 -17.61 27.29 -9.19
CA ARG K 124 -17.78 28.09 -7.98
C ARG K 124 -16.56 28.98 -7.74
N SER K 125 -15.38 28.51 -8.16
CA SER K 125 -14.17 29.30 -8.00
C SER K 125 -14.10 30.40 -9.05
N THR K 126 -13.19 31.35 -8.82
CA THR K 126 -13.03 32.49 -9.69
C THR K 126 -11.58 32.97 -9.61
N LEU K 127 -11.34 34.19 -10.07
CA LEU K 127 -9.99 34.74 -10.14
C LEU K 127 -9.63 35.29 -8.78
N ASP K 128 -8.71 34.63 -8.08
CA ASP K 128 -8.42 35.00 -6.70
C ASP K 128 -7.21 35.93 -6.59
N TYR K 129 -6.13 35.61 -7.31
CA TYR K 129 -4.91 36.40 -7.26
C TYR K 129 -4.49 36.78 -8.67
N TRP K 130 -3.90 37.98 -8.80
CA TRP K 130 -3.65 38.59 -10.10
C TRP K 130 -2.20 38.97 -10.24
N GLY K 131 -1.73 39.00 -11.49
CA GLY K 131 -0.41 39.51 -11.78
C GLY K 131 -0.38 41.03 -11.77
N GLN K 132 0.83 41.58 -11.88
CA GLN K 132 0.97 43.03 -11.78
C GLN K 132 0.53 43.75 -13.04
N GLY K 133 0.59 43.08 -14.20
CA GLY K 133 0.14 43.70 -15.44
C GLY K 133 1.26 44.08 -16.37
N THR K 134 1.18 43.62 -17.62
CA THR K 134 2.15 43.95 -18.65
C THR K 134 1.51 44.92 -19.63
N SER K 135 1.97 46.16 -19.64
CA SER K 135 1.44 47.19 -20.53
C SER K 135 2.15 47.09 -21.88
N VAL K 136 1.67 46.19 -22.72
CA VAL K 136 2.24 45.98 -24.05
C VAL K 136 1.76 47.11 -24.95
N THR K 137 2.71 47.85 -25.52
CA THR K 137 2.41 49.01 -26.35
C THR K 137 2.78 48.70 -27.80
N VAL K 138 1.88 49.06 -28.72
CA VAL K 138 2.06 48.82 -30.14
C VAL K 138 2.32 50.15 -30.82
N SER K 139 3.43 50.24 -31.56
CA SER K 139 3.78 51.45 -32.28
C SER K 139 2.88 51.66 -33.49
N ASP K 157 -23.30 35.00 -26.47
CA ASP K 157 -22.65 35.95 -25.57
C ASP K 157 -23.69 36.69 -24.75
N ILE K 158 -23.37 36.97 -23.49
CA ILE K 158 -24.29 37.65 -22.58
C ILE K 158 -23.74 39.04 -22.30
N LYS K 159 -24.56 40.05 -22.56
CA LYS K 159 -24.18 41.45 -22.31
C LYS K 159 -24.61 41.78 -20.89
N MET K 160 -23.63 41.82 -19.98
CA MET K 160 -23.86 42.12 -18.58
C MET K 160 -23.28 43.48 -18.26
N THR K 161 -23.99 44.26 -17.44
CA THR K 161 -23.78 45.70 -17.35
C THR K 161 -23.78 46.17 -15.90
N GLN K 162 -22.77 46.97 -15.56
CA GLN K 162 -22.71 47.69 -14.29
C GLN K 162 -23.62 48.91 -14.42
N SER K 163 -24.76 48.87 -13.73
CA SER K 163 -25.74 49.95 -13.84
C SER K 163 -25.27 51.30 -13.31
N PRO K 164 -24.71 51.47 -12.11
CA PRO K 164 -24.31 52.83 -11.73
C PRO K 164 -22.97 53.20 -12.34
N SER K 165 -22.88 54.43 -12.84
CA SER K 165 -21.69 54.88 -13.56
C SER K 165 -20.56 55.22 -12.60
N SER K 166 -20.77 56.21 -11.72
CA SER K 166 -19.74 56.62 -10.77
C SER K 166 -20.41 57.29 -9.59
N MET K 167 -20.02 56.89 -8.38
CA MET K 167 -20.60 57.39 -7.15
C MET K 167 -19.64 58.35 -6.46
N HIS K 168 -20.20 59.42 -5.90
CA HIS K 168 -19.49 60.38 -5.09
C HIS K 168 -20.00 60.26 -3.66
N ALA K 169 -19.09 60.08 -2.71
CA ALA K 169 -19.51 59.79 -1.35
C ALA K 169 -18.57 60.44 -0.34
N SER K 170 -19.08 60.61 0.87
CA SER K 170 -18.28 61.04 2.01
C SER K 170 -17.75 59.78 2.71
N LEU K 171 -17.26 59.93 3.94
CA LEU K 171 -16.64 58.83 4.65
C LEU K 171 -17.65 57.88 5.30
N GLY K 172 -18.94 58.18 5.26
CA GLY K 172 -19.90 57.33 5.96
C GLY K 172 -21.25 57.12 5.29
N GLU K 173 -21.32 57.22 3.97
CA GLU K 173 -22.61 57.15 3.29
C GLU K 173 -23.03 55.69 3.03
N ARG K 174 -24.07 55.54 2.22
CA ARG K 174 -24.69 54.26 1.92
C ARG K 174 -24.67 54.04 0.41
N VAL K 175 -23.94 53.03 -0.05
CA VAL K 175 -23.70 52.82 -1.48
C VAL K 175 -24.06 51.39 -1.83
N THR K 176 -24.54 51.18 -3.06
CA THR K 176 -24.90 49.87 -3.57
C THR K 176 -24.72 49.88 -5.08
N ILE K 177 -24.06 48.85 -5.61
CA ILE K 177 -23.71 48.76 -7.02
C ILE K 177 -24.52 47.63 -7.64
N THR K 178 -25.16 47.92 -8.78
CA THR K 178 -26.04 46.98 -9.45
C THR K 178 -25.33 46.35 -10.65
N CYS K 179 -25.46 45.04 -10.78
CA CYS K 179 -24.79 44.23 -11.81
C CYS K 179 -25.81 43.37 -12.55
N LYS K 180 -26.87 44.00 -13.05
CA LYS K 180 -27.88 43.30 -13.83
C LYS K 180 -27.30 42.78 -15.14
N ALA K 181 -27.60 41.53 -15.46
CA ALA K 181 -27.11 40.85 -16.65
C ALA K 181 -28.24 40.64 -17.64
N SER K 182 -27.90 40.07 -18.80
CA SER K 182 -28.88 39.83 -19.85
C SER K 182 -29.69 38.57 -19.58
N GLN K 183 -29.01 37.42 -19.54
CA GLN K 183 -29.66 36.15 -19.25
C GLN K 183 -29.40 35.75 -17.81
N ASP K 184 -29.82 34.54 -17.45
CA ASP K 184 -29.66 34.03 -16.10
C ASP K 184 -28.33 33.31 -15.91
N ILE K 185 -27.75 33.47 -14.73
CA ILE K 185 -26.57 32.74 -14.30
C ILE K 185 -26.84 32.18 -12.91
N ARG K 186 -26.29 31.01 -12.62
CA ARG K 186 -26.53 30.33 -11.34
C ARG K 186 -25.53 30.86 -10.30
N SER K 187 -25.71 32.13 -9.95
CA SER K 187 -24.92 32.89 -8.98
C SER K 187 -23.42 32.87 -9.30
N TYR K 188 -23.07 32.83 -10.59
CA TYR K 188 -21.68 32.76 -11.00
C TYR K 188 -21.12 34.16 -11.23
N LEU K 189 -21.27 35.03 -10.25
CA LEU K 189 -20.80 36.41 -10.33
C LEU K 189 -19.67 36.60 -9.33
N SER K 190 -18.67 37.41 -9.71
CA SER K 190 -17.57 37.74 -8.82
C SER K 190 -17.22 39.21 -8.97
N TRP K 191 -17.04 39.86 -7.82
CA TRP K 191 -16.84 41.30 -7.74
C TRP K 191 -15.35 41.61 -7.57
N TYR K 192 -14.88 42.63 -8.28
CA TYR K 192 -13.46 42.96 -8.29
C TYR K 192 -13.26 44.46 -8.10
N GLN K 193 -12.27 44.80 -7.28
CA GLN K 193 -11.86 46.19 -7.07
C GLN K 193 -10.48 46.38 -7.67
N GLN K 194 -10.33 47.38 -8.53
CA GLN K 194 -9.06 47.69 -9.18
C GLN K 194 -8.65 49.10 -8.82
N LYS K 195 -7.54 49.23 -8.10
CA LYS K 195 -6.91 50.52 -7.92
C LYS K 195 -6.29 50.97 -9.25
N PRO K 196 -6.19 52.28 -9.48
CA PRO K 196 -5.51 52.75 -10.70
C PRO K 196 -4.04 52.37 -10.72
N TRP K 197 -3.59 51.90 -11.90
CA TRP K 197 -2.23 51.41 -12.13
C TRP K 197 -1.86 50.27 -11.17
N LYS K 198 -2.84 49.44 -10.84
CA LYS K 198 -2.65 48.32 -9.93
C LYS K 198 -3.41 47.11 -10.43
N SER K 199 -3.15 45.98 -9.80
CA SER K 199 -3.88 44.76 -10.13
C SER K 199 -5.29 44.81 -9.54
N PRO K 200 -6.27 44.21 -10.20
CA PRO K 200 -7.60 44.06 -9.59
C PRO K 200 -7.54 43.13 -8.38
N LYS K 201 -8.42 43.38 -7.43
CA LYS K 201 -8.47 42.63 -6.18
C LYS K 201 -9.80 41.91 -6.07
N THR K 202 -9.75 40.61 -5.76
CA THR K 202 -10.96 39.81 -5.64
C THR K 202 -11.69 40.15 -4.35
N LEU K 203 -13.00 40.36 -4.45
CA LEU K 203 -13.83 40.71 -3.30
C LEU K 203 -14.82 39.62 -2.95
N ILE K 204 -15.68 39.23 -3.89
CA ILE K 204 -16.76 38.27 -3.63
C ILE K 204 -16.63 37.12 -4.62
N TYR K 205 -16.82 35.90 -4.13
CA TYR K 205 -16.94 34.73 -4.99
C TYR K 205 -18.30 34.10 -4.80
N TYR K 206 -18.84 33.57 -5.90
CA TYR K 206 -20.19 33.00 -6.01
C TYR K 206 -21.28 34.01 -5.63
N ALA K 207 -21.00 35.30 -5.82
CA ALA K 207 -21.90 36.46 -5.72
C ALA K 207 -22.40 36.74 -4.30
N THR K 208 -22.10 35.89 -3.32
CA THR K 208 -22.50 36.12 -1.94
C THR K 208 -21.41 35.85 -0.92
N SER K 209 -20.39 35.06 -1.24
CA SER K 209 -19.43 34.61 -0.26
C SER K 209 -18.18 35.48 -0.29
N LEU K 210 -17.73 35.90 0.89
CA LEU K 210 -16.61 36.81 1.00
C LEU K 210 -15.29 36.10 0.79
N ALA K 211 -14.41 36.72 0.00
CA ALA K 211 -13.10 36.15 -0.28
C ALA K 211 -12.19 36.25 0.93
N ASP K 212 -11.10 35.48 0.88
CA ASP K 212 -10.15 35.43 2.00
C ASP K 212 -9.37 36.74 2.00
N GLY K 213 -9.19 37.30 3.20
CA GLY K 213 -8.46 38.53 3.37
C GLY K 213 -9.29 39.79 3.26
N VAL K 214 -10.48 39.70 2.68
CA VAL K 214 -11.37 40.87 2.59
C VAL K 214 -12.12 41.01 3.91
N PRO K 215 -12.21 42.22 4.47
CA PRO K 215 -13.01 42.40 5.70
C PRO K 215 -14.50 42.27 5.41
N SER K 216 -15.26 42.10 6.50
CA SER K 216 -16.70 41.83 6.44
C SER K 216 -17.52 43.06 6.03
N ARG K 217 -16.89 44.21 5.86
CA ARG K 217 -17.58 45.40 5.38
C ARG K 217 -18.12 45.21 3.96
N PHE K 218 -17.47 44.38 3.16
CA PHE K 218 -17.95 44.07 1.82
C PHE K 218 -18.81 42.83 1.84
N SER K 219 -19.92 42.86 1.11
CA SER K 219 -20.81 41.71 1.02
C SER K 219 -21.59 41.79 -0.28
N GLY K 220 -21.76 40.66 -0.94
CA GLY K 220 -22.51 40.57 -2.17
C GLY K 220 -23.88 39.96 -1.96
N SER K 221 -24.81 40.26 -2.87
CA SER K 221 -26.17 39.75 -2.76
C SER K 221 -26.77 39.68 -4.16
N GLY K 222 -27.87 38.94 -4.24
CA GLY K 222 -28.57 38.76 -5.50
C GLY K 222 -28.26 37.42 -6.14
N SER K 223 -29.24 36.90 -6.88
CA SER K 223 -29.08 35.63 -7.57
C SER K 223 -29.88 35.66 -8.86
N GLY K 224 -29.46 34.86 -9.82
CA GLY K 224 -30.15 34.78 -11.10
C GLY K 224 -29.67 35.83 -12.09
N GLN K 225 -30.41 36.92 -12.19
CA GLN K 225 -30.06 38.01 -13.11
C GLN K 225 -29.76 39.32 -12.42
N ASP K 226 -30.45 39.66 -11.34
CA ASP K 226 -30.17 40.88 -10.60
C ASP K 226 -29.25 40.62 -9.40
N PHE K 227 -28.35 41.58 -9.17
CA PHE K 227 -27.33 41.42 -8.15
C PHE K 227 -27.04 42.77 -7.51
N SER K 228 -26.46 42.74 -6.32
CA SER K 228 -26.10 43.96 -5.61
C SER K 228 -24.84 43.71 -4.80
N LEU K 229 -23.98 44.73 -4.72
CA LEU K 229 -22.79 44.70 -3.88
C LEU K 229 -22.96 45.74 -2.78
N THR K 230 -22.72 45.33 -1.54
CA THR K 230 -23.04 46.14 -0.36
C THR K 230 -21.76 46.56 0.35
N ILE K 231 -21.57 47.86 0.51
CA ILE K 231 -20.46 48.43 1.26
C ILE K 231 -21.05 49.37 2.30
N ASN K 232 -20.82 49.09 3.58
CA ASN K 232 -21.42 49.90 4.63
C ASN K 232 -20.49 51.03 5.08
N ASN K 233 -19.28 50.71 5.50
CA ASN K 233 -18.32 51.70 5.97
C ASN K 233 -17.44 52.13 4.81
N LEU K 234 -17.01 53.38 4.84
CA LEU K 234 -16.20 53.97 3.77
C LEU K 234 -14.93 54.56 4.35
N GLU K 235 -13.81 54.36 3.65
CA GLU K 235 -12.54 54.98 3.99
C GLU K 235 -11.92 55.59 2.74
N SER K 236 -10.71 56.12 2.90
CA SER K 236 -10.05 56.81 1.79
C SER K 236 -9.56 55.85 0.73
N ASP K 237 -9.21 54.61 1.12
CA ASP K 237 -8.68 53.64 0.17
C ASP K 237 -9.75 53.07 -0.74
N ASP K 238 -11.03 53.34 -0.48
CA ASP K 238 -12.12 52.86 -1.33
C ASP K 238 -12.20 53.59 -2.67
N THR K 239 -11.46 54.68 -2.85
CA THR K 239 -11.49 55.42 -4.10
C THR K 239 -10.78 54.63 -5.20
N ALA K 240 -11.53 53.82 -5.94
CA ALA K 240 -10.98 52.97 -6.99
C ALA K 240 -12.11 52.64 -7.96
N THR K 241 -11.78 51.84 -8.97
CA THR K 241 -12.74 51.40 -9.97
C THR K 241 -13.16 49.97 -9.66
N TYR K 242 -14.45 49.71 -9.67
CA TYR K 242 -15.01 48.43 -9.24
C TYR K 242 -15.63 47.71 -10.43
N TYR K 243 -15.53 46.38 -10.43
CA TYR K 243 -16.04 45.56 -11.51
C TYR K 243 -16.73 44.33 -10.94
N CYS K 244 -17.68 43.80 -11.71
CA CYS K 244 -18.27 42.49 -11.47
C CYS K 244 -18.07 41.62 -12.69
N LEU K 245 -17.75 40.35 -12.44
CA LEU K 245 -17.41 39.40 -13.49
C LEU K 245 -18.27 38.15 -13.42
N GLN K 246 -18.86 37.79 -14.55
CA GLN K 246 -19.65 36.57 -14.69
C GLN K 246 -18.79 35.49 -15.31
N HIS K 247 -19.10 34.23 -14.97
CA HIS K 247 -18.41 33.10 -15.57
C HIS K 247 -19.36 31.92 -15.80
N GLY K 248 -20.66 32.16 -15.91
CA GLY K 248 -21.61 31.09 -16.16
C GLY K 248 -21.60 30.58 -17.58
N GLU K 249 -21.07 31.36 -18.51
CA GLU K 249 -20.94 30.95 -19.91
C GLU K 249 -19.47 30.91 -20.29
N SER K 250 -19.19 30.26 -21.42
CA SER K 250 -17.81 30.16 -21.90
C SER K 250 -17.16 31.50 -22.25
N PRO K 251 -17.80 32.47 -22.99
CA PRO K 251 -17.14 33.77 -23.13
C PRO K 251 -17.37 34.64 -21.89
N TYR K 252 -16.30 34.86 -21.14
CA TYR K 252 -16.38 35.67 -19.92
C TYR K 252 -16.48 37.15 -20.30
N THR K 253 -17.41 37.85 -19.67
CA THR K 253 -17.64 39.26 -19.97
C THR K 253 -17.53 40.07 -18.68
N PHE K 254 -16.78 41.18 -18.76
CA PHE K 254 -16.58 42.06 -17.62
C PHE K 254 -17.59 43.19 -17.64
N GLY K 255 -17.76 43.83 -16.48
CA GLY K 255 -18.69 44.92 -16.34
C GLY K 255 -18.17 46.21 -16.94
N SER K 256 -19.04 47.22 -16.94
CA SER K 256 -18.68 48.52 -17.51
C SER K 256 -17.70 49.28 -16.63
N GLY K 257 -17.66 49.00 -15.34
CA GLY K 257 -16.79 49.70 -14.42
C GLY K 257 -17.52 50.80 -13.68
N THR K 258 -17.22 50.92 -12.39
CA THR K 258 -17.83 51.95 -11.54
C THR K 258 -16.72 52.58 -10.71
N LYS K 259 -16.54 53.88 -10.86
CA LYS K 259 -15.50 54.61 -10.14
C LYS K 259 -16.11 55.20 -8.88
N LEU K 260 -15.69 54.68 -7.73
CA LEU K 260 -16.14 55.18 -6.43
C LEU K 260 -15.26 56.36 -6.01
N GLU K 261 -15.88 57.42 -5.52
CA GLU K 261 -15.18 58.61 -5.09
C GLU K 261 -15.48 58.89 -3.63
N ILE K 262 -14.42 59.09 -2.85
CA ILE K 262 -14.52 59.35 -1.41
C ILE K 262 -14.02 60.76 -1.15
N LYS K 263 -14.87 61.57 -0.50
CA LYS K 263 -14.66 62.98 -0.12
C LYS K 263 -14.02 63.85 -1.21
N GLU L 21 -4.35 -31.72 -8.17
CA GLU L 21 -4.09 -30.50 -8.93
C GLU L 21 -2.59 -30.19 -8.96
N VAL L 22 -1.96 -30.26 -7.79
CA VAL L 22 -0.54 -29.98 -7.68
C VAL L 22 0.26 -31.12 -8.31
N GLN L 23 1.29 -30.77 -9.08
CA GLN L 23 2.14 -31.75 -9.74
C GLN L 23 3.60 -31.45 -9.42
N LEU L 24 4.39 -32.51 -9.26
CA LEU L 24 5.83 -32.40 -9.03
C LEU L 24 6.51 -33.38 -9.98
N GLN L 25 6.85 -32.90 -11.17
CA GLN L 25 7.49 -33.75 -12.17
C GLN L 25 8.99 -33.87 -11.91
N GLN L 26 9.54 -35.02 -12.29
CA GLN L 26 10.97 -35.28 -12.14
C GLN L 26 11.49 -35.83 -13.46
N SER L 27 12.73 -36.31 -13.44
CA SER L 27 13.35 -36.94 -14.61
C SER L 27 13.36 -38.45 -14.43
N GLY L 28 13.84 -39.15 -15.46
CA GLY L 28 13.90 -40.59 -15.44
C GLY L 28 15.13 -41.10 -14.73
N PRO L 29 15.30 -42.42 -14.73
CA PRO L 29 16.48 -43.02 -14.09
C PRO L 29 17.74 -42.78 -14.91
N GLU L 30 18.86 -42.66 -14.20
CA GLU L 30 20.13 -42.28 -14.80
C GLU L 30 21.15 -43.40 -14.62
N LEU L 31 21.85 -43.73 -15.70
CA LEU L 31 22.94 -44.72 -15.70
C LEU L 31 24.25 -43.96 -15.85
N VAL L 32 24.91 -43.67 -14.73
CA VAL L 32 26.00 -42.70 -14.68
C VAL L 32 27.27 -43.38 -14.18
N GLU L 33 28.37 -43.18 -14.90
CA GLU L 33 29.67 -43.63 -14.46
C GLU L 33 30.18 -42.76 -13.31
N PRO L 34 31.04 -43.28 -12.45
CA PRO L 34 31.55 -42.48 -11.33
C PRO L 34 32.45 -41.35 -11.78
N GLY L 35 32.52 -40.30 -10.96
CA GLY L 35 33.43 -39.19 -11.15
C GLY L 35 32.87 -38.01 -11.91
N THR L 36 31.64 -38.09 -12.40
CA THR L 36 31.06 -37.02 -13.20
C THR L 36 30.07 -36.21 -12.36
N SER L 37 29.35 -35.31 -13.03
CA SER L 37 28.36 -34.45 -12.39
C SER L 37 27.05 -34.53 -13.19
N VAL L 38 25.93 -34.59 -12.48
CA VAL L 38 24.63 -34.85 -13.08
C VAL L 38 23.65 -33.76 -12.65
N LYS L 39 22.93 -33.21 -13.62
CA LYS L 39 21.90 -32.21 -13.40
C LYS L 39 20.53 -32.84 -13.61
N MET L 40 19.62 -32.65 -12.67
CA MET L 40 18.24 -33.12 -12.88
C MET L 40 17.25 -32.08 -12.40
N PRO L 41 16.10 -31.96 -13.08
CA PRO L 41 15.10 -30.95 -12.72
C PRO L 41 14.00 -31.47 -11.82
N CYS L 42 13.25 -30.52 -11.26
CA CYS L 42 12.08 -30.75 -10.41
C CYS L 42 10.94 -29.82 -10.80
N LYS L 43 10.57 -29.84 -12.09
CA LYS L 43 9.47 -29.02 -12.60
C LYS L 43 8.16 -29.31 -11.87
N ALA L 44 7.51 -28.25 -11.41
CA ALA L 44 6.30 -28.35 -10.61
C ALA L 44 5.25 -27.38 -11.14
N SER L 45 3.99 -27.67 -10.83
CA SER L 45 2.88 -26.86 -11.31
C SER L 45 1.69 -27.04 -10.37
N GLY L 46 0.71 -26.17 -10.53
CA GLY L 46 -0.51 -26.23 -9.74
C GLY L 46 -0.54 -25.34 -8.53
N TYR L 47 0.45 -24.48 -8.34
CA TYR L 47 0.53 -23.61 -7.17
C TYR L 47 1.42 -22.42 -7.51
N THR L 48 1.41 -21.44 -6.62
CA THR L 48 2.27 -20.27 -6.77
C THR L 48 3.71 -20.68 -6.45
N PHE L 49 4.58 -20.63 -7.47
CA PHE L 49 5.88 -21.30 -7.39
C PHE L 49 6.82 -20.60 -6.42
N THR L 50 6.78 -19.27 -6.37
CA THR L 50 7.73 -18.52 -5.55
C THR L 50 7.41 -18.56 -4.06
N SER L 51 6.24 -19.06 -3.68
CA SER L 51 5.80 -18.99 -2.29
C SER L 51 6.10 -20.25 -1.50
N TYR L 52 6.78 -21.24 -2.08
CA TYR L 52 6.99 -22.51 -1.40
C TYR L 52 8.44 -22.94 -1.51
N THR L 53 8.98 -23.45 -0.40
CA THR L 53 10.30 -24.04 -0.41
C THR L 53 10.27 -25.39 -1.13
N ILE L 54 11.37 -25.75 -1.77
CA ILE L 54 11.52 -27.04 -2.40
C ILE L 54 12.67 -27.77 -1.73
N GLN L 55 12.38 -28.94 -1.17
CA GLN L 55 13.36 -29.74 -0.44
C GLN L 55 13.82 -30.91 -1.29
N TRP L 56 15.04 -31.37 -1.04
CA TRP L 56 15.60 -32.51 -1.74
C TRP L 56 16.00 -33.57 -0.72
N VAL L 57 15.64 -34.82 -1.00
CA VAL L 57 15.93 -35.93 -0.13
C VAL L 57 16.31 -37.14 -0.98
N LYS L 58 17.29 -37.90 -0.50
CA LYS L 58 17.74 -39.11 -1.17
C LYS L 58 17.33 -40.33 -0.34
N GLN L 59 17.26 -41.48 -0.99
CA GLN L 59 16.79 -42.71 -0.37
C GLN L 59 17.83 -43.80 -0.58
N THR L 60 18.54 -44.15 0.48
CA THR L 60 19.46 -45.27 0.46
C THR L 60 18.81 -46.48 1.12
N PRO L 61 18.99 -47.69 0.57
CA PRO L 61 18.32 -48.85 1.16
C PRO L 61 18.86 -49.28 2.52
N ARG L 62 20.05 -48.81 2.91
CA ARG L 62 20.67 -49.25 4.15
C ARG L 62 20.74 -48.17 5.22
N GLN L 63 20.41 -46.91 4.90
CA GLN L 63 20.23 -45.88 5.92
C GLN L 63 18.86 -45.20 5.83
N GLY L 64 18.01 -45.61 4.89
CA GLY L 64 16.70 -44.99 4.79
C GLY L 64 16.76 -43.70 4.00
N LEU L 65 16.13 -42.66 4.54
CA LEU L 65 16.04 -41.36 3.90
C LEU L 65 17.05 -40.40 4.51
N GLU L 66 17.61 -39.53 3.66
CA GLU L 66 18.63 -38.58 4.07
C GLU L 66 18.32 -37.22 3.46
N TRP L 67 17.95 -36.25 4.31
CA TRP L 67 17.63 -34.92 3.84
C TRP L 67 18.89 -34.20 3.36
N ILE L 68 18.78 -33.49 2.24
CA ILE L 68 19.92 -32.83 1.63
C ILE L 68 19.90 -31.33 1.94
N GLY L 69 18.85 -30.64 1.52
CA GLY L 69 18.77 -29.21 1.71
C GLY L 69 17.47 -28.67 1.17
N TYR L 70 17.38 -27.35 1.10
CA TYR L 70 16.18 -26.72 0.56
C TYR L 70 16.53 -25.40 -0.09
N ILE L 71 15.62 -24.94 -0.94
CA ILE L 71 15.75 -23.70 -1.69
C ILE L 71 14.46 -22.90 -1.47
N TYR L 72 14.60 -21.58 -1.38
CA TYR L 72 13.44 -20.71 -1.29
C TYR L 72 13.45 -19.74 -2.46
N PRO L 73 12.67 -19.99 -3.51
CA PRO L 73 12.84 -19.24 -4.77
C PRO L 73 12.36 -17.80 -4.71
N TYR L 74 11.74 -17.36 -3.61
CA TYR L 74 11.32 -15.97 -3.50
C TYR L 74 12.53 -15.05 -3.40
N ASN L 75 13.62 -15.52 -2.81
CA ASN L 75 14.85 -14.73 -2.71
C ASN L 75 16.09 -15.56 -3.00
N ALA L 76 15.91 -16.78 -3.52
CA ALA L 76 16.98 -17.73 -3.85
C ALA L 76 17.87 -18.05 -2.64
N GLY L 77 17.25 -18.18 -1.46
CA GLY L 77 18.01 -18.51 -0.26
C GLY L 77 18.33 -19.99 -0.20
N THR L 78 19.58 -20.30 0.16
CA THR L 78 20.09 -21.65 0.18
C THR L 78 20.43 -22.08 1.60
N LYS L 79 20.30 -23.38 1.84
CA LYS L 79 20.77 -24.00 3.08
C LYS L 79 21.00 -25.47 2.80
N TYR L 80 22.19 -25.97 3.14
CA TYR L 80 22.59 -27.33 2.85
C TYR L 80 22.96 -28.07 4.13
N ASN L 81 22.86 -29.39 4.07
CA ASN L 81 23.38 -30.21 5.16
C ASN L 81 24.91 -30.20 5.12
N GLU L 82 25.52 -30.22 6.31
CA GLU L 82 26.98 -30.19 6.38
C GLU L 82 27.58 -31.51 5.93
N LYS L 83 26.82 -32.61 5.99
CA LYS L 83 27.27 -33.88 5.45
C LYS L 83 27.31 -33.88 3.93
N PHE L 84 26.49 -33.03 3.29
CA PHE L 84 26.43 -32.95 1.83
C PHE L 84 26.88 -31.60 1.31
N LYS L 85 27.56 -30.80 2.11
CA LYS L 85 28.04 -29.49 1.65
C LYS L 85 29.15 -29.67 0.63
N GLY L 86 29.07 -28.89 -0.44
CA GLY L 86 30.02 -29.02 -1.55
C GLY L 86 29.58 -29.98 -2.63
N LYS L 87 29.10 -31.17 -2.23
CA LYS L 87 28.57 -32.11 -3.21
C LYS L 87 27.22 -31.64 -3.75
N ALA L 88 26.44 -30.96 -2.91
CA ALA L 88 25.09 -30.53 -3.26
C ALA L 88 25.08 -29.08 -3.71
N THR L 89 24.31 -28.79 -4.76
CA THR L 89 24.16 -27.45 -5.28
C THR L 89 22.75 -27.30 -5.86
N LEU L 90 22.07 -26.23 -5.48
CA LEU L 90 20.70 -25.97 -5.91
C LEU L 90 20.66 -24.74 -6.82
N THR L 91 20.09 -24.90 -8.01
CA THR L 91 19.88 -23.79 -8.94
C THR L 91 18.41 -23.76 -9.31
N SER L 92 17.83 -22.56 -9.30
CA SER L 92 16.39 -22.38 -9.49
C SER L 92 16.13 -21.48 -10.69
N ASP L 93 15.14 -21.87 -11.50
CA ASP L 93 14.65 -21.07 -12.61
C ASP L 93 13.24 -20.62 -12.27
N LYS L 94 13.07 -19.30 -12.07
CA LYS L 94 11.76 -18.78 -11.70
C LYS L 94 10.82 -18.73 -12.88
N SER L 95 11.35 -18.62 -14.10
CA SER L 95 10.51 -18.43 -15.28
C SER L 95 9.73 -19.70 -15.62
N SER L 96 10.39 -20.85 -15.60
CA SER L 96 9.77 -22.11 -15.95
C SER L 96 9.23 -22.88 -14.76
N SER L 97 9.31 -22.29 -13.55
CA SER L 97 8.90 -22.91 -12.29
C SER L 97 9.63 -24.24 -12.05
N THR L 98 10.90 -24.28 -12.38
CA THR L 98 11.70 -25.49 -12.31
C THR L 98 12.96 -25.24 -11.50
N VAL L 99 13.22 -26.11 -10.53
CA VAL L 99 14.44 -26.04 -9.73
C VAL L 99 15.30 -27.24 -10.10
N TYR L 100 16.61 -27.09 -9.92
CA TYR L 100 17.57 -28.08 -10.37
C TYR L 100 18.53 -28.44 -9.24
N MET L 101 18.68 -29.74 -9.00
CA MET L 101 19.62 -30.28 -8.05
C MET L 101 20.90 -30.64 -8.79
N GLU L 102 22.05 -30.31 -8.20
CA GLU L 102 23.34 -30.58 -8.81
C GLU L 102 24.21 -31.39 -7.86
N LEU L 103 24.58 -32.59 -8.29
CA LEU L 103 25.53 -33.43 -7.56
C LEU L 103 26.87 -33.36 -8.27
N SER L 104 27.91 -33.01 -7.53
CA SER L 104 29.25 -32.83 -8.09
C SER L 104 30.20 -33.90 -7.56
N SER L 105 31.04 -34.41 -8.47
CA SER L 105 32.10 -35.39 -8.20
C SER L 105 31.51 -36.67 -7.58
N LEU L 106 30.71 -37.35 -8.41
CA LEU L 106 29.98 -38.54 -7.99
C LEU L 106 30.88 -39.70 -7.61
N THR L 107 30.83 -40.11 -6.35
CA THR L 107 31.56 -41.27 -5.86
C THR L 107 30.72 -42.53 -6.00
N SER L 108 31.28 -43.64 -5.52
CA SER L 108 30.59 -44.93 -5.63
C SER L 108 29.41 -45.02 -4.66
N GLU L 109 29.50 -44.36 -3.52
CA GLU L 109 28.45 -44.43 -2.50
C GLU L 109 27.45 -43.27 -2.70
N ASP L 110 26.95 -43.19 -3.93
CA ASP L 110 25.96 -42.20 -4.33
C ASP L 110 24.75 -42.81 -5.01
N SER L 111 24.74 -44.11 -5.27
CA SER L 111 23.65 -44.77 -5.97
C SER L 111 22.44 -44.83 -5.04
N ALA L 112 21.46 -43.97 -5.31
CA ALA L 112 20.29 -43.86 -4.45
C ALA L 112 19.15 -43.26 -5.26
N VAL L 113 17.95 -43.39 -4.72
CA VAL L 113 16.76 -42.76 -5.32
C VAL L 113 16.62 -41.37 -4.72
N TYR L 114 16.52 -40.37 -5.59
CA TYR L 114 16.49 -38.98 -5.18
C TYR L 114 15.09 -38.42 -5.37
N TYR L 115 14.53 -37.86 -4.30
CA TYR L 115 13.20 -37.27 -4.30
C TYR L 115 13.30 -35.77 -4.09
N CYS L 116 12.43 -35.02 -4.75
CA CYS L 116 12.26 -33.60 -4.47
C CYS L 116 10.81 -33.36 -4.08
N ALA L 117 10.62 -32.57 -3.03
CA ALA L 117 9.30 -32.41 -2.42
C ALA L 117 9.12 -30.97 -1.95
N ARG L 118 7.86 -30.57 -1.81
CA ARG L 118 7.49 -29.19 -1.51
C ARG L 118 7.16 -29.05 -0.03
N LYS L 119 7.56 -27.90 0.54
CA LYS L 119 7.21 -27.54 1.90
C LYS L 119 7.02 -26.03 1.94
N SER L 120 6.03 -25.56 2.70
CA SER L 120 5.87 -24.13 2.87
C SER L 120 6.97 -23.58 3.78
N SER L 121 7.13 -22.26 3.74
CA SER L 121 8.11 -21.61 4.61
C SER L 121 7.66 -21.55 6.07
N ARG L 122 6.40 -21.88 6.34
CA ARG L 122 5.93 -21.95 7.72
C ARG L 122 6.57 -23.12 8.45
N LEU L 123 6.91 -22.92 9.72
CA LEU L 123 7.52 -23.98 10.50
C LEU L 123 6.50 -25.04 10.89
N ARG L 124 5.23 -24.66 11.01
CA ARG L 124 4.18 -25.62 11.29
C ARG L 124 3.94 -26.54 10.10
N SER L 125 4.10 -26.01 8.88
CA SER L 125 3.93 -26.81 7.68
C SER L 125 5.07 -27.80 7.54
N THR L 126 4.85 -28.82 6.71
CA THR L 126 5.82 -29.88 6.49
C THR L 126 5.79 -30.26 5.01
N LEU L 127 6.40 -31.39 4.68
CA LEU L 127 6.54 -31.79 3.30
C LEU L 127 5.23 -32.39 2.80
N ASP L 128 4.41 -31.58 2.12
CA ASP L 128 3.05 -31.99 1.83
C ASP L 128 2.94 -32.83 0.57
N TYR L 129 3.66 -32.47 -0.49
CA TYR L 129 3.57 -33.19 -1.76
C TYR L 129 4.97 -33.55 -2.24
N TRP L 130 5.06 -34.66 -2.97
CA TRP L 130 6.33 -35.26 -3.35
C TRP L 130 6.36 -35.51 -4.84
N GLY L 131 7.58 -35.58 -5.37
CA GLY L 131 7.78 -36.04 -6.74
C GLY L 131 7.83 -37.56 -6.80
N GLN L 132 7.93 -38.07 -8.04
CA GLN L 132 7.94 -39.52 -8.21
C GLN L 132 9.26 -40.14 -7.79
N GLY L 133 10.34 -39.37 -7.76
CA GLY L 133 11.63 -39.90 -7.34
C GLY L 133 12.53 -40.29 -8.48
N THR L 134 13.71 -39.67 -8.54
CA THR L 134 14.69 -39.97 -9.58
C THR L 134 15.68 -40.99 -9.03
N SER L 135 15.69 -42.18 -9.60
CA SER L 135 16.57 -43.27 -9.15
C SER L 135 17.86 -43.21 -9.96
N VAL L 136 18.92 -42.69 -9.33
CA VAL L 136 20.22 -42.57 -9.98
C VAL L 136 21.13 -43.66 -9.41
N THR L 137 21.67 -44.49 -10.31
CA THR L 137 22.62 -45.52 -9.93
C THR L 137 24.02 -45.13 -10.41
N VAL L 138 25.03 -45.62 -9.70
CA VAL L 138 26.42 -45.30 -9.97
C VAL L 138 27.11 -46.54 -10.52
N SER L 139 27.71 -46.39 -11.69
CA SER L 139 28.40 -47.51 -12.35
C SER L 139 29.73 -47.80 -11.65
N ASP L 157 24.24 -32.66 17.15
CA ASP L 157 23.13 -33.02 16.29
C ASP L 157 22.09 -33.82 17.08
N ILE L 158 20.93 -34.04 16.46
CA ILE L 158 19.83 -34.74 17.09
C ILE L 158 19.63 -36.09 16.39
N LYS L 159 19.42 -37.13 17.18
CA LYS L 159 19.21 -38.48 16.67
C LYS L 159 17.76 -38.87 16.91
N MET L 160 17.12 -39.45 15.88
CA MET L 160 15.72 -39.83 15.97
C MET L 160 15.61 -41.35 15.99
N THR L 161 14.79 -41.87 16.90
CA THR L 161 14.69 -43.30 17.14
C THR L 161 13.25 -43.77 16.97
N GLN L 162 13.06 -44.78 16.13
CA GLN L 162 11.79 -45.49 15.99
C GLN L 162 11.94 -46.83 16.70
N SER L 163 11.23 -47.00 17.82
CA SER L 163 11.50 -48.14 18.69
C SER L 163 10.97 -49.47 18.14
N PRO L 164 9.69 -49.62 17.77
CA PRO L 164 9.32 -50.92 17.19
C PRO L 164 9.62 -50.94 15.69
N SER L 165 10.52 -51.84 15.28
CA SER L 165 10.97 -51.86 13.90
C SER L 165 9.93 -52.48 12.98
N SER L 166 9.22 -53.50 13.45
CA SER L 166 8.20 -54.16 12.63
C SER L 166 7.17 -54.81 13.54
N MET L 167 5.98 -55.04 13.00
CA MET L 167 4.91 -55.72 13.71
C MET L 167 3.95 -56.34 12.70
N HIS L 168 3.21 -57.34 13.18
CA HIS L 168 2.21 -58.05 12.38
C HIS L 168 0.85 -57.89 13.05
N ALA L 169 -0.16 -57.56 12.25
CA ALA L 169 -1.49 -57.32 12.80
C ALA L 169 -2.55 -57.70 11.78
N SER L 170 -3.74 -57.99 12.28
CA SER L 170 -4.91 -58.28 11.48
C SER L 170 -5.60 -56.98 11.08
N LEU L 171 -6.85 -57.08 10.62
CA LEU L 171 -7.54 -55.96 9.98
C LEU L 171 -8.30 -55.06 10.92
N GLY L 172 -8.22 -55.26 12.24
CA GLY L 172 -9.07 -54.48 13.11
C GLY L 172 -8.57 -54.02 14.46
N GLU L 173 -7.28 -54.20 14.76
CA GLU L 173 -6.79 -53.93 16.10
C GLU L 173 -6.00 -52.62 16.16
N ARG L 174 -5.46 -52.34 17.34
CA ARG L 174 -4.63 -51.17 17.60
C ARG L 174 -3.21 -51.42 17.10
N VAL L 175 -2.49 -50.33 16.87
CA VAL L 175 -1.05 -50.36 16.62
C VAL L 175 -0.46 -49.02 17.06
N THR L 176 0.69 -49.08 17.73
CA THR L 176 1.32 -47.90 18.31
C THR L 176 2.77 -47.84 17.87
N ILE L 177 3.17 -46.69 17.32
CA ILE L 177 4.53 -46.48 16.85
C ILE L 177 5.17 -45.36 17.68
N THR L 178 6.44 -45.56 18.02
CA THR L 178 7.19 -44.68 18.90
C THR L 178 8.21 -43.90 18.10
N CYS L 179 8.31 -42.59 18.37
CA CYS L 179 9.24 -41.70 17.71
C CYS L 179 9.98 -40.85 18.74
N LYS L 180 10.59 -41.51 19.72
CA LYS L 180 11.37 -40.83 20.74
C LYS L 180 12.60 -40.16 20.11
N ALA L 181 12.87 -38.93 20.53
CA ALA L 181 13.95 -38.12 19.97
C ALA L 181 15.08 -37.95 20.98
N SER L 182 16.16 -37.36 20.51
CA SER L 182 17.31 -37.10 21.37
C SER L 182 17.16 -35.79 22.13
N GLN L 183 16.92 -34.70 21.42
CA GLN L 183 16.78 -33.39 22.03
C GLN L 183 15.31 -32.98 22.05
N ASP L 184 15.04 -31.77 22.52
CA ASP L 184 13.67 -31.29 22.64
C ASP L 184 13.22 -30.64 21.34
N ILE L 185 12.02 -31.04 20.89
CA ILE L 185 11.41 -30.50 19.68
C ILE L 185 10.04 -29.96 20.06
N ARG L 186 9.75 -28.72 19.65
CA ARG L 186 8.49 -28.05 20.00
C ARG L 186 7.37 -28.49 19.05
N SER L 187 7.05 -29.79 19.12
CA SER L 187 5.99 -30.45 18.36
C SER L 187 6.16 -30.31 16.85
N TYR L 188 7.40 -30.14 16.37
CA TYR L 188 7.67 -29.95 14.95
C TYR L 188 8.02 -31.28 14.30
N LEU L 189 7.04 -32.18 14.28
CA LEU L 189 7.22 -33.53 13.79
C LEU L 189 6.06 -33.91 12.89
N SER L 190 6.35 -34.78 11.91
CA SER L 190 5.34 -35.25 10.99
C SER L 190 5.68 -36.69 10.57
N TRP L 191 4.64 -37.42 10.18
CA TRP L 191 4.75 -38.83 9.80
C TRP L 191 4.51 -38.98 8.31
N TYR L 192 5.20 -39.96 7.71
CA TYR L 192 5.09 -40.22 6.28
C TYR L 192 4.97 -41.71 6.04
N GLN L 193 4.20 -42.07 5.01
CA GLN L 193 4.06 -43.44 4.56
C GLN L 193 4.43 -43.52 3.10
N GLN L 194 5.32 -44.45 2.75
CA GLN L 194 5.70 -44.66 1.35
C GLN L 194 5.45 -46.11 0.99
N LYS L 195 4.89 -46.33 -0.20
CA LYS L 195 4.79 -47.66 -0.75
C LYS L 195 6.12 -48.01 -1.43
N PRO L 196 6.42 -49.30 -1.61
CA PRO L 196 7.62 -49.67 -2.38
C PRO L 196 7.54 -49.20 -3.82
N TRP L 197 8.65 -48.63 -4.29
CA TRP L 197 8.79 -48.01 -5.60
C TRP L 197 7.74 -46.92 -5.85
N LYS L 198 7.39 -46.18 -4.80
CA LYS L 198 6.37 -45.14 -4.89
C LYS L 198 6.78 -43.94 -4.05
N SER L 199 6.10 -42.82 -4.28
CA SER L 199 6.38 -41.60 -3.56
C SER L 199 5.82 -41.67 -2.13
N PRO L 200 6.47 -41.01 -1.18
CA PRO L 200 5.90 -40.92 0.18
C PRO L 200 4.66 -40.05 0.21
N LYS L 201 3.81 -40.32 1.20
CA LYS L 201 2.57 -39.58 1.40
C LYS L 201 2.53 -39.04 2.82
N THR L 202 2.25 -37.75 2.96
CA THR L 202 2.16 -37.12 4.28
C THR L 202 0.91 -37.60 5.02
N LEU L 203 1.07 -37.86 6.31
CA LEU L 203 -0.03 -38.37 7.13
C LEU L 203 -0.48 -37.37 8.19
N ILE L 204 0.43 -36.86 9.00
CA ILE L 204 0.12 -35.94 10.08
C ILE L 204 0.97 -34.69 9.85
N TYR L 205 0.56 -33.56 10.42
CA TYR L 205 1.42 -32.38 10.47
C TYR L 205 1.28 -31.72 11.83
N TYR L 206 2.40 -31.17 12.31
CA TYR L 206 2.60 -30.64 13.67
C TYR L 206 2.33 -31.70 14.74
N ALA L 207 2.48 -32.99 14.37
CA ALA L 207 2.36 -34.20 15.19
C ALA L 207 0.96 -34.46 15.74
N THR L 208 0.00 -33.56 15.52
CA THR L 208 -1.36 -33.75 16.04
C THR L 208 -2.47 -33.49 15.03
N SER L 209 -2.26 -32.65 14.02
CA SER L 209 -3.33 -32.23 13.12
C SER L 209 -3.22 -32.96 11.79
N LEU L 210 -4.36 -33.44 11.30
CA LEU L 210 -4.39 -34.26 10.11
C LEU L 210 -4.10 -33.43 8.86
N ALA L 211 -3.61 -34.12 7.82
CA ALA L 211 -3.33 -33.48 6.55
C ALA L 211 -4.59 -33.48 5.68
N ASP L 212 -4.44 -33.17 4.41
CA ASP L 212 -5.58 -33.17 3.49
C ASP L 212 -5.76 -34.54 2.85
N GLY L 213 -7.00 -34.98 2.79
CA GLY L 213 -7.35 -36.25 2.18
C GLY L 213 -7.12 -37.48 3.05
N VAL L 214 -6.44 -37.34 4.18
CA VAL L 214 -6.16 -38.48 5.04
C VAL L 214 -7.41 -38.83 5.84
N PRO L 215 -7.74 -40.10 6.02
CA PRO L 215 -8.87 -40.45 6.89
C PRO L 215 -8.56 -40.20 8.36
N SER L 216 -9.61 -40.24 9.17
CA SER L 216 -9.51 -39.99 10.60
C SER L 216 -9.03 -41.20 11.39
N ARG L 217 -8.61 -42.27 10.72
CA ARG L 217 -8.06 -43.43 11.42
C ARG L 217 -6.72 -43.08 12.07
N PHE L 218 -5.94 -42.22 11.42
CA PHE L 218 -4.66 -41.81 11.97
C PHE L 218 -4.85 -40.75 13.04
N SER L 219 -4.06 -40.84 14.11
CA SER L 219 -4.14 -39.90 15.21
C SER L 219 -2.79 -39.82 15.90
N GLY L 220 -2.20 -38.63 15.93
CA GLY L 220 -0.89 -38.41 16.52
C GLY L 220 -1.01 -37.81 17.90
N SER L 221 0.01 -38.02 18.72
CA SER L 221 0.03 -37.52 20.09
C SER L 221 1.46 -37.40 20.56
N GLY L 222 1.64 -36.67 21.65
CA GLY L 222 2.95 -36.50 22.25
C GLY L 222 3.58 -35.18 21.89
N SER L 223 4.42 -34.67 22.79
CA SER L 223 5.10 -33.41 22.58
C SER L 223 6.41 -33.42 23.37
N GLY L 224 7.32 -32.53 22.97
CA GLY L 224 8.61 -32.44 23.63
C GLY L 224 9.63 -33.39 23.02
N GLN L 225 9.83 -34.55 23.66
CA GLN L 225 10.74 -35.56 23.16
C GLN L 225 10.05 -36.89 22.84
N ASP L 226 8.90 -37.17 23.42
CA ASP L 226 8.17 -38.40 23.17
C ASP L 226 7.04 -38.09 22.20
N PHE L 227 6.99 -38.83 21.09
CA PHE L 227 5.97 -38.65 20.08
C PHE L 227 5.44 -40.01 19.64
N SER L 228 4.15 -40.06 19.34
CA SER L 228 3.50 -41.30 18.96
C SER L 228 2.40 -41.05 17.95
N LEU L 229 2.16 -42.04 17.11
CA LEU L 229 1.06 -42.03 16.14
C LEU L 229 0.21 -43.27 16.35
N THR L 230 -1.10 -43.07 16.44
CA THR L 230 -2.04 -44.15 16.72
C THR L 230 -2.97 -44.32 15.53
N ILE L 231 -3.14 -45.56 15.08
CA ILE L 231 -3.95 -45.89 13.92
C ILE L 231 -5.17 -46.67 14.39
N ASN L 232 -6.35 -46.21 13.98
CA ASN L 232 -7.59 -46.80 14.47
C ASN L 232 -7.84 -48.14 13.79
N ASN L 233 -8.03 -48.15 12.48
CA ASN L 233 -8.37 -49.35 11.74
C ASN L 233 -7.30 -49.64 10.69
N LEU L 234 -7.09 -50.92 10.43
CA LEU L 234 -6.05 -51.37 9.51
C LEU L 234 -6.69 -52.01 8.28
N GLU L 235 -6.17 -51.63 7.11
CA GLU L 235 -6.66 -52.15 5.83
C GLU L 235 -5.49 -52.75 5.07
N SER L 236 -5.81 -53.40 3.94
CA SER L 236 -4.80 -54.10 3.16
C SER L 236 -3.81 -53.15 2.48
N ASP L 237 -4.23 -51.92 2.19
CA ASP L 237 -3.33 -50.94 1.58
C ASP L 237 -2.43 -50.26 2.60
N ASP L 238 -2.69 -50.45 3.89
CA ASP L 238 -1.94 -49.75 4.93
C ASP L 238 -0.55 -50.33 5.15
N THR L 239 -0.26 -51.53 4.65
CA THR L 239 1.06 -52.12 4.83
C THR L 239 2.08 -51.38 3.96
N ALA L 240 3.05 -50.75 4.61
CA ALA L 240 4.03 -49.88 3.98
C ALA L 240 5.17 -49.66 4.97
N THR L 241 6.06 -48.73 4.63
CA THR L 241 7.14 -48.32 5.51
C THR L 241 6.85 -46.92 6.03
N TYR L 242 7.01 -46.71 7.34
CA TYR L 242 6.62 -45.47 8.00
C TYR L 242 7.84 -44.78 8.60
N TYR L 243 7.89 -43.46 8.44
CA TYR L 243 8.97 -42.64 8.98
C TYR L 243 8.38 -41.43 9.68
N CYS L 244 9.11 -40.91 10.66
CA CYS L 244 8.77 -39.66 11.33
C CYS L 244 9.95 -38.71 11.21
N LEU L 245 9.67 -37.49 10.76
CA LEU L 245 10.69 -36.48 10.50
C LEU L 245 10.47 -35.26 11.40
N GLN L 246 11.55 -34.82 12.04
CA GLN L 246 11.52 -33.61 12.84
C GLN L 246 11.95 -32.42 12.00
N HIS L 247 11.43 -31.25 12.33
CA HIS L 247 11.88 -30.01 11.71
C HIS L 247 11.98 -28.86 12.72
N GLY L 248 12.17 -29.19 14.00
CA GLY L 248 12.43 -28.17 15.00
C GLY L 248 13.86 -27.68 15.02
N GLU L 249 14.76 -28.39 14.35
CA GLU L 249 16.16 -28.01 14.25
C GLU L 249 16.58 -27.95 12.79
N SER L 250 17.72 -27.28 12.55
CA SER L 250 18.24 -27.14 11.19
C SER L 250 18.60 -28.47 10.52
N PRO L 251 19.30 -29.47 11.15
CA PRO L 251 19.42 -30.76 10.47
C PRO L 251 18.13 -31.55 10.57
N TYR L 252 17.45 -31.69 9.43
CA TYR L 252 16.22 -32.48 9.37
C TYR L 252 16.58 -33.96 9.37
N THR L 253 16.19 -34.66 10.43
CA THR L 253 16.58 -36.05 10.62
C THR L 253 15.33 -36.93 10.63
N PHE L 254 15.38 -37.99 9.84
CA PHE L 254 14.36 -39.04 9.83
C PHE L 254 14.67 -40.09 10.89
N GLY L 255 13.68 -40.95 11.12
CA GLY L 255 13.88 -42.12 11.96
C GLY L 255 14.48 -43.27 11.17
N SER L 256 14.60 -44.41 11.86
CA SER L 256 15.15 -45.61 11.21
C SER L 256 14.14 -46.26 10.27
N GLY L 257 12.86 -45.98 10.43
CA GLY L 257 11.82 -46.57 9.62
C GLY L 257 11.13 -47.72 10.34
N THR L 258 9.94 -48.04 9.85
CA THR L 258 9.15 -49.15 10.42
C THR L 258 8.30 -49.74 9.31
N LYS L 259 8.49 -51.03 9.04
CA LYS L 259 7.68 -51.74 8.07
C LYS L 259 6.46 -52.32 8.77
N LEU L 260 5.28 -52.06 8.21
CA LEU L 260 4.02 -52.55 8.75
C LEU L 260 3.54 -53.70 7.86
N GLU L 261 3.04 -54.77 8.50
CA GLU L 261 2.48 -55.90 7.78
C GLU L 261 1.03 -56.10 8.22
N ILE L 262 0.16 -56.36 7.24
CA ILE L 262 -1.27 -56.51 7.47
C ILE L 262 -1.66 -57.94 7.13
N LYS L 263 -2.36 -58.60 8.06
CA LYS L 263 -2.86 -59.97 7.93
C LYS L 263 -1.75 -60.99 7.65
N LYS M 184 20.81 -17.08 37.50
CA LYS M 184 21.65 -17.24 36.31
C LYS M 184 22.93 -18.00 36.65
N ILE M 185 23.87 -17.28 37.27
CA ILE M 185 25.16 -17.71 37.83
C ILE M 185 25.93 -18.59 36.82
N ARG M 186 25.85 -18.22 35.53
CA ARG M 186 26.36 -19.05 34.45
C ARG M 186 27.88 -19.11 34.36
N LEU M 187 28.62 -18.27 35.08
CA LEU M 187 30.06 -18.12 34.90
C LEU M 187 30.84 -19.40 35.17
N TYR M 188 30.91 -19.80 36.43
CA TYR M 188 31.70 -20.98 36.81
C TYR M 188 31.03 -22.26 36.32
N GLN M 189 29.71 -22.23 36.15
CA GLN M 189 29.00 -23.41 35.63
C GLN M 189 29.41 -23.70 34.19
N PHE M 190 29.41 -22.68 33.33
CA PHE M 190 29.80 -22.96 31.94
C PHE M 190 31.31 -23.11 31.81
N LEU M 191 32.09 -22.48 32.71
CA LEU M 191 33.52 -22.73 32.75
C LEU M 191 33.83 -24.18 33.10
N LEU M 192 33.06 -24.79 33.99
CA LEU M 192 33.19 -26.22 34.22
C LEU M 192 32.64 -27.02 33.05
N ASP M 193 31.63 -26.48 32.36
CA ASP M 193 30.96 -27.22 31.30
C ASP M 193 31.84 -27.43 30.08
N LEU M 194 32.57 -26.39 29.64
CA LEU M 194 33.40 -26.63 28.45
C LEU M 194 34.63 -27.45 28.80
N LEU M 195 35.08 -27.38 30.07
CA LEU M 195 36.14 -28.26 30.55
C LEU M 195 35.69 -29.72 30.54
N ARG M 196 34.44 -29.97 30.94
CA ARG M 196 33.91 -31.33 30.86
C ARG M 196 33.68 -31.77 29.42
N SER M 197 33.30 -30.84 28.54
CA SER M 197 33.08 -31.15 27.14
C SER M 197 34.38 -31.36 26.36
N GLY M 198 35.50 -30.82 26.83
CA GLY M 198 36.77 -31.01 26.16
C GLY M 198 36.89 -30.34 24.81
N ASP M 199 36.47 -29.08 24.73
CA ASP M 199 36.43 -28.34 23.47
C ASP M 199 37.53 -27.28 23.47
N MET M 200 38.33 -27.26 22.40
CA MET M 200 39.35 -26.24 22.09
C MET M 200 40.31 -25.98 23.26
N LYS M 201 41.02 -27.06 23.61
CA LYS M 201 41.86 -27.12 24.81
C LYS M 201 43.17 -26.37 24.69
N ASP M 202 43.42 -25.67 23.58
CA ASP M 202 44.64 -24.85 23.48
C ASP M 202 44.60 -23.67 24.44
N SER M 203 43.41 -23.14 24.72
CA SER M 203 43.25 -22.01 25.63
C SER M 203 43.29 -22.48 27.09
N ILE M 204 42.38 -23.37 27.46
CA ILE M 204 42.24 -23.83 28.83
C ILE M 204 42.15 -25.36 28.82
N TRP M 205 42.88 -26.00 29.73
CA TRP M 205 42.93 -27.46 29.79
C TRP M 205 43.01 -27.89 31.24
N TRP M 206 42.75 -29.17 31.48
CA TRP M 206 42.77 -29.75 32.81
C TRP M 206 44.19 -30.12 33.21
N VAL M 207 44.53 -29.81 34.45
CA VAL M 207 45.77 -30.29 35.05
C VAL M 207 45.54 -31.18 36.26
N ASP M 208 44.42 -31.02 36.98
CA ASP M 208 44.06 -31.90 38.09
C ASP M 208 42.54 -31.83 38.22
N LYS M 209 41.84 -32.84 37.71
CA LYS M 209 40.38 -32.82 37.72
C LYS M 209 39.81 -33.11 39.10
N ASP M 210 40.59 -33.77 39.97
CA ASP M 210 40.10 -34.13 41.29
C ASP M 210 39.96 -32.90 42.18
N LYS M 211 40.99 -32.04 42.21
CA LYS M 211 40.94 -30.83 43.01
C LYS M 211 40.37 -29.64 42.25
N GLY M 212 40.14 -29.78 40.95
CA GLY M 212 39.44 -28.77 40.18
C GLY M 212 40.26 -27.61 39.67
N THR M 213 41.60 -27.71 39.73
CA THR M 213 42.42 -26.62 39.23
C THR M 213 42.68 -26.77 37.73
N PHE M 214 43.02 -25.66 37.09
CA PHE M 214 43.27 -25.62 35.66
C PHE M 214 44.17 -24.44 35.34
N GLN M 215 44.92 -24.55 34.25
CA GLN M 215 45.91 -23.55 33.89
C GLN M 215 45.50 -22.87 32.59
N PHE M 216 45.44 -21.54 32.61
CA PHE M 216 45.02 -20.76 31.46
C PHE M 216 46.23 -20.36 30.62
N SER M 217 46.05 -20.34 29.31
CA SER M 217 47.09 -19.86 28.40
C SER M 217 47.07 -18.35 28.30
N SER M 218 48.25 -17.76 28.07
CA SER M 218 48.36 -16.31 27.97
C SER M 218 48.21 -15.80 26.55
N LYS M 219 47.93 -16.67 25.58
CA LYS M 219 47.83 -16.28 24.18
C LYS M 219 46.40 -16.28 23.67
N HIS M 220 45.63 -17.34 23.97
CA HIS M 220 44.26 -17.45 23.51
C HIS M 220 43.26 -16.81 24.46
N LYS M 221 43.74 -16.04 25.45
CA LYS M 221 42.83 -15.39 26.39
C LYS M 221 42.02 -14.29 25.71
N GLU M 222 42.54 -13.68 24.65
CA GLU M 222 41.76 -12.70 23.89
C GLU M 222 40.66 -13.39 23.09
N ALA M 223 40.94 -14.59 22.57
CA ALA M 223 39.91 -15.38 21.91
C ALA M 223 38.84 -15.81 22.91
N LEU M 224 39.25 -16.17 24.13
CA LEU M 224 38.27 -16.46 25.19
C LEU M 224 37.48 -15.22 25.57
N ALA M 225 38.12 -14.04 25.53
CA ALA M 225 37.43 -12.78 25.83
C ALA M 225 36.34 -12.51 24.81
N HIS M 226 36.66 -12.63 23.51
CA HIS M 226 35.67 -12.40 22.47
C HIS M 226 34.58 -13.46 22.50
N ARG M 227 34.95 -14.73 22.74
CA ARG M 227 33.99 -15.82 22.76
C ARG M 227 33.04 -15.71 23.95
N TRP M 228 33.53 -15.26 25.11
CA TRP M 228 32.66 -15.12 26.26
C TRP M 228 31.86 -13.83 26.19
N GLY M 229 32.39 -12.79 25.54
CA GLY M 229 31.61 -11.59 25.32
C GLY M 229 30.44 -11.80 24.38
N ILE M 230 30.66 -12.56 23.30
CA ILE M 230 29.56 -12.79 22.36
C ILE M 230 28.54 -13.77 22.95
N GLN M 231 28.96 -14.62 23.90
CA GLN M 231 28.01 -15.52 24.56
C GLN M 231 27.16 -14.76 25.58
N LYS M 232 27.78 -13.86 26.35
CA LYS M 232 27.04 -13.09 27.33
C LYS M 232 26.37 -11.86 26.73
N CYS M 233 26.60 -11.60 25.43
CA CYS M 233 25.89 -10.58 24.65
C CYS M 233 26.11 -9.18 25.25
N ASN M 234 27.37 -8.76 25.18
CA ASN M 234 27.84 -7.53 25.80
C ASN M 234 27.67 -6.34 24.86
N ARG M 235 28.23 -5.19 25.22
CA ARG M 235 28.19 -4.00 24.39
C ARG M 235 29.53 -3.64 23.79
N LYS M 236 30.64 -3.92 24.48
CA LYS M 236 31.97 -3.66 23.98
C LYS M 236 32.85 -4.89 24.22
N LYS M 237 34.09 -4.81 23.76
CA LYS M 237 34.99 -5.95 23.83
C LYS M 237 35.44 -6.21 25.25
N MET M 238 35.35 -7.48 25.67
CA MET M 238 35.81 -7.93 26.97
C MET M 238 37.33 -7.94 27.06
N THR M 239 37.84 -7.60 28.24
CA THR M 239 39.26 -7.66 28.52
C THR M 239 39.53 -8.64 29.65
N TYR M 240 40.69 -9.31 29.58
CA TYR M 240 41.07 -10.31 30.57
C TYR M 240 41.21 -9.70 31.95
N GLN M 241 41.58 -8.41 32.03
CA GLN M 241 41.54 -7.69 33.29
C GLN M 241 40.12 -7.56 33.82
N LYS M 242 39.14 -7.40 32.93
CA LYS M 242 37.75 -7.30 33.38
C LYS M 242 37.19 -8.64 33.83
N MET M 243 37.54 -9.74 33.15
CA MET M 243 37.13 -11.05 33.70
C MET M 243 37.88 -11.39 34.98
N ALA M 244 39.12 -10.92 35.12
CA ALA M 244 39.82 -11.07 36.39
C ALA M 244 39.14 -10.28 37.49
N ARG M 245 38.62 -9.09 37.17
CA ARG M 245 37.82 -8.32 38.12
C ARG M 245 36.53 -9.06 38.49
N ALA M 246 35.89 -9.69 37.50
CA ALA M 246 34.61 -10.34 37.74
C ALA M 246 34.74 -11.62 38.57
N LEU M 247 35.78 -12.42 38.31
CA LEU M 247 35.85 -13.75 38.93
C LEU M 247 36.39 -13.74 40.36
N ARG M 248 36.91 -12.61 40.86
CA ARG M 248 37.37 -12.59 42.24
C ARG M 248 36.22 -12.46 43.24
N ASN M 249 35.01 -12.17 42.77
CA ASN M 249 33.87 -12.10 43.66
C ASN M 249 33.44 -13.47 44.18
N TYR M 250 33.84 -14.55 43.51
CA TYR M 250 33.51 -15.89 43.97
C TYR M 250 34.35 -16.29 45.18
N GLY M 251 35.52 -15.68 45.36
CA GLY M 251 36.32 -15.97 46.54
C GLY M 251 35.69 -15.45 47.82
N LYS M 252 34.96 -14.34 47.72
CA LYS M 252 34.24 -13.80 48.89
C LYS M 252 33.09 -14.71 49.29
N THR M 253 32.39 -15.28 48.31
CA THR M 253 31.29 -16.19 48.62
C THR M 253 31.80 -17.52 49.16
N GLY M 254 32.94 -18.00 48.65
CA GLY M 254 33.60 -19.15 49.21
C GLY M 254 33.48 -20.45 48.45
N GLU M 255 32.90 -20.44 47.24
CA GLU M 255 32.81 -21.68 46.47
C GLU M 255 34.03 -21.82 45.55
N VAL M 256 34.25 -20.84 44.68
CA VAL M 256 35.28 -20.93 43.65
C VAL M 256 36.40 -19.98 44.04
N LYS M 257 37.61 -20.52 44.24
CA LYS M 257 38.70 -19.81 44.89
C LYS M 257 39.89 -19.69 43.94
N LYS M 258 40.94 -19.02 44.43
CA LYS M 258 42.13 -18.70 43.67
C LYS M 258 43.37 -18.96 44.53
N VAL M 259 44.39 -19.60 43.94
CA VAL M 259 45.63 -19.88 44.64
C VAL M 259 46.78 -19.18 43.93
N LYS M 260 47.91 -19.09 44.63
CA LYS M 260 49.08 -18.33 44.16
C LYS M 260 49.92 -19.19 43.22
N LYS M 261 49.56 -19.15 41.95
CA LYS M 261 50.30 -19.78 40.87
C LYS M 261 49.89 -19.08 39.58
N LYS M 262 50.85 -18.90 38.67
CA LYS M 262 50.63 -18.10 37.47
C LYS M 262 49.56 -18.70 36.57
N LEU M 263 48.48 -17.94 36.38
CA LEU M 263 47.36 -18.26 35.49
C LEU M 263 46.68 -19.57 35.86
N THR M 264 46.28 -19.68 37.13
CA THR M 264 45.50 -20.83 37.59
C THR M 264 44.27 -20.34 38.35
N TYR M 265 43.31 -21.24 38.50
CA TYR M 265 42.01 -20.94 39.09
C TYR M 265 41.33 -22.28 39.33
N GLN M 266 40.60 -22.39 40.45
CA GLN M 266 40.18 -23.72 40.88
C GLN M 266 38.78 -23.69 41.48
N PHE M 267 38.15 -24.87 41.48
CA PHE M 267 36.83 -25.07 42.08
C PHE M 267 36.96 -25.67 43.48
N SER M 268 35.81 -25.97 44.08
CA SER M 268 35.74 -26.72 45.31
C SER M 268 35.09 -28.09 45.07
N GLY M 269 34.99 -28.87 46.14
CA GLY M 269 34.43 -30.21 46.01
C GLY M 269 32.92 -30.22 45.86
N GLU M 270 32.25 -29.19 46.35
CA GLU M 270 30.79 -29.14 46.25
C GLU M 270 30.34 -28.84 44.82
N VAL M 271 30.98 -27.87 44.17
CA VAL M 271 30.55 -27.45 42.84
C VAL M 271 30.99 -28.39 41.74
N LEU M 272 31.88 -29.33 42.02
CA LEU M 272 32.29 -30.32 41.03
C LEU M 272 31.33 -31.51 41.00
#